data_2EQ8
#
_entry.id   2EQ8
#
_cell.length_a   85.758
_cell.length_b   104.082
_cell.length_c   112.856
_cell.angle_alpha   90.00
_cell.angle_beta   107.30
_cell.angle_gamma   90.00
#
_symmetry.space_group_name_H-M   'P 1 21 1'
#
loop_
_entity.id
_entity.type
_entity.pdbx_description
1 polymer 'Pyruvate dehydrogenase complex, dihydrolipoamide dehydrogenase E3 component'
2 polymer 'Pyruvate dehydrogenase complex, dihydrolipoamide acetyltransferase E2 component'
3 non-polymer 'FLAVIN-ADENINE DINUCLEOTIDE'
4 water water
#
loop_
_entity_poly.entity_id
_entity_poly.type
_entity_poly.pdbx_seq_one_letter_code
_entity_poly.pdbx_strand_id
1 'polypeptide(L)'
;MTPMKTYDLIVIGTGPGGYHAAIRAAQLGLKVLAVEAGEVGGVCLNVGCIPTKALLHAAETLHHLKVAEGFGLKAKPELD
LKKLGGWRDQVVKKLTGGVGTLLKGNGVELLRGFARLVGPKEVEVGGERYGAKSLILATGSEPLELKGFPFGEDVWDSTR
ALKVEEGLPKRLLVIGGGAVGLELGQVYRRLGAEVTLIEYMPEILPQGDPETAALLRRALEKEGIRVRTKTKAVGYEKKK
DGLHVRLEPAEGGEGEEVVVDKVLVAVGRKPRTEGLGLEKAGVKVDERGFIRVNARMETSVPGVYAIGDAARPPLLAHKA
MREGLIAAENAAGKDSAFDYQVPSVVYTSPEWAGVGLTEEEAKRAGYKVKVGKFPLAASGRALTLGGAEGMVKVVGDEET
DLLLGVFIVGPQAGELIAEAALALEMGATLTDLALTVHPHPTLSESLMEAAEAFHKQAIHILNR
;
A,B,D,E
2 'polypeptide(L)' PAAPSIRRLARELGVDLTRLRGTGLAGRITEEDVRRAAGL C,F
#
loop_
_chem_comp.id
_chem_comp.type
_chem_comp.name
_chem_comp.formula
FAD non-polymer 'FLAVIN-ADENINE DINUCLEOTIDE' 'C27 H33 N9 O15 P2'
#
# COMPACT_ATOMS: atom_id res chain seq x y z
N MET A 4 -43.55 -41.83 37.97
CA MET A 4 -42.07 -41.66 37.80
C MET A 4 -41.71 -40.20 37.60
N LYS A 5 -40.43 -39.90 37.80
CA LYS A 5 -39.85 -38.56 37.66
C LYS A 5 -38.82 -38.32 38.75
N THR A 6 -37.55 -38.26 38.35
CA THR A 6 -36.46 -38.05 39.30
C THR A 6 -35.70 -36.76 38.95
N TYR A 7 -34.99 -36.20 39.93
CA TYR A 7 -34.25 -34.98 39.69
C TYR A 7 -32.81 -35.03 40.21
N ASP A 8 -31.93 -34.31 39.52
CA ASP A 8 -30.54 -34.23 39.91
C ASP A 8 -30.43 -33.08 40.91
N LEU A 9 -31.34 -32.11 40.77
CA LEU A 9 -31.33 -30.93 41.62
C LEU A 9 -32.71 -30.33 41.88
N ILE A 10 -32.93 -29.91 43.11
CA ILE A 10 -34.17 -29.26 43.49
C ILE A 10 -33.76 -27.89 44.02
N VAL A 11 -34.35 -26.84 43.44
CA VAL A 11 -34.05 -25.48 43.86
C VAL A 11 -35.30 -24.93 44.53
N ILE A 12 -35.15 -24.49 45.77
CA ILE A 12 -36.28 -23.94 46.50
C ILE A 12 -36.23 -22.43 46.40
N GLY A 13 -37.14 -21.88 45.61
CA GLY A 13 -37.23 -20.45 45.40
C GLY A 13 -36.84 -20.07 43.99
N THR A 14 -37.61 -19.19 43.37
CA THR A 14 -37.31 -18.75 42.02
C THR A 14 -37.01 -17.25 41.96
N GLY A 15 -36.37 -16.74 43.00
CA GLY A 15 -35.98 -15.34 43.01
C GLY A 15 -34.74 -15.23 42.14
N PRO A 16 -34.03 -14.09 42.14
CA PRO A 16 -32.84 -13.96 41.31
C PRO A 16 -31.85 -15.10 41.50
N GLY A 17 -31.62 -15.47 42.76
CA GLY A 17 -30.70 -16.54 43.05
C GLY A 17 -31.19 -17.88 42.51
N GLY A 18 -32.41 -18.25 42.93
CA GLY A 18 -33.00 -19.49 42.51
C GLY A 18 -33.16 -19.72 41.02
N TYR A 19 -33.70 -18.75 40.29
CA TYR A 19 -33.87 -18.97 38.86
C TYR A 19 -32.54 -18.97 38.12
N HIS A 20 -31.52 -18.32 38.67
CA HIS A 20 -30.21 -18.33 38.05
C HIS A 20 -29.58 -19.70 38.31
N ALA A 21 -29.82 -20.24 39.50
CA ALA A 21 -29.26 -21.54 39.84
C ALA A 21 -29.92 -22.63 39.00
N ALA A 22 -31.25 -22.53 38.86
CA ALA A 22 -31.99 -23.52 38.08
C ALA A 22 -31.55 -23.52 36.62
N ILE A 23 -31.48 -22.33 36.03
CA ILE A 23 -31.10 -22.19 34.64
C ILE A 23 -29.67 -22.63 34.34
N ARG A 24 -28.72 -22.22 35.17
CA ARG A 24 -27.32 -22.60 34.95
C ARG A 24 -27.17 -24.13 35.11
N ALA A 25 -27.87 -24.70 36.08
CA ALA A 25 -27.82 -26.13 36.31
C ALA A 25 -28.35 -26.86 35.08
N ALA A 26 -29.43 -26.35 34.51
CA ALA A 26 -30.02 -26.95 33.32
C ALA A 26 -29.06 -26.85 32.14
N GLN A 27 -28.33 -25.74 32.06
CA GLN A 27 -27.37 -25.55 30.98
C GLN A 27 -26.24 -26.56 31.09
N LEU A 28 -25.92 -26.96 32.32
CA LEU A 28 -24.84 -27.92 32.54
C LEU A 28 -25.31 -29.39 32.48
N GLY A 29 -26.56 -29.58 32.04
CA GLY A 29 -27.09 -30.92 31.90
C GLY A 29 -27.80 -31.58 33.06
N LEU A 30 -28.20 -30.82 34.08
CA LEU A 30 -28.89 -31.40 35.22
C LEU A 30 -30.40 -31.33 35.05
N LYS A 31 -31.12 -32.30 35.59
CA LYS A 31 -32.58 -32.31 35.53
C LYS A 31 -32.98 -31.51 36.77
N VAL A 32 -33.63 -30.38 36.57
CA VAL A 32 -34.00 -29.50 37.67
C VAL A 32 -35.48 -29.37 37.99
N LEU A 33 -35.76 -29.25 39.28
CA LEU A 33 -37.12 -29.04 39.78
C LEU A 33 -36.98 -27.75 40.58
N ALA A 34 -37.75 -26.74 40.22
CA ALA A 34 -37.72 -25.47 40.95
C ALA A 34 -39.06 -25.34 41.66
N VAL A 35 -39.02 -25.03 42.95
CA VAL A 35 -40.24 -24.90 43.73
C VAL A 35 -40.44 -23.43 44.12
N GLU A 36 -41.64 -22.93 43.93
CA GLU A 36 -41.96 -21.53 44.25
C GLU A 36 -43.28 -21.46 45.02
N ALA A 37 -43.23 -20.92 46.23
CA ALA A 37 -44.42 -20.79 47.07
C ALA A 37 -45.31 -19.60 46.70
N GLY A 38 -44.74 -18.60 46.04
CA GLY A 38 -45.52 -17.44 45.65
C GLY A 38 -45.34 -17.07 44.19
N GLU A 39 -45.00 -15.81 43.94
CA GLU A 39 -44.80 -15.35 42.56
C GLU A 39 -43.42 -15.66 42.03
N VAL A 40 -43.36 -16.16 40.80
CA VAL A 40 -42.08 -16.47 40.16
C VAL A 40 -41.30 -15.15 40.03
N GLY A 41 -39.99 -15.21 40.24
CA GLY A 41 -39.18 -14.01 40.14
C GLY A 41 -38.72 -13.49 41.48
N GLY A 42 -39.39 -13.93 42.54
CA GLY A 42 -39.02 -13.49 43.87
C GLY A 42 -39.27 -12.03 44.19
N VAL A 43 -38.63 -11.57 45.25
CA VAL A 43 -38.77 -10.20 45.72
C VAL A 43 -38.32 -9.13 44.73
N CYS A 44 -37.12 -9.28 44.19
CA CYS A 44 -36.59 -8.29 43.24
C CYS A 44 -37.54 -7.91 42.10
N LEU A 45 -38.11 -8.92 41.43
CA LEU A 45 -39.01 -8.65 40.32
C LEU A 45 -40.44 -8.30 40.72
N ASN A 46 -40.91 -8.86 41.83
CA ASN A 46 -42.28 -8.63 42.29
C ASN A 46 -42.55 -7.47 43.23
N VAL A 47 -41.76 -7.35 44.28
CA VAL A 47 -41.98 -6.27 45.25
C VAL A 47 -40.68 -5.61 45.71
N GLY A 48 -39.64 -5.72 44.89
CA GLY A 48 -38.38 -5.12 45.26
C GLY A 48 -37.79 -4.21 44.20
N CYS A 49 -36.65 -4.63 43.66
CA CYS A 49 -35.93 -3.88 42.64
C CYS A 49 -36.79 -3.24 41.54
N ILE A 50 -37.43 -4.10 40.77
CA ILE A 50 -38.22 -3.71 39.63
C ILE A 50 -39.34 -2.70 39.87
N PRO A 51 -40.31 -3.02 40.74
CA PRO A 51 -41.37 -2.02 40.95
C PRO A 51 -40.84 -0.72 41.55
N THR A 52 -39.80 -0.82 42.38
CA THR A 52 -39.24 0.37 43.00
C THR A 52 -38.52 1.22 41.95
N LYS A 53 -37.76 0.59 41.06
CA LYS A 53 -37.05 1.33 40.04
C LYS A 53 -38.02 1.97 39.03
N ALA A 54 -39.16 1.31 38.81
CA ALA A 54 -40.16 1.84 37.88
C ALA A 54 -40.76 3.11 38.48
N LEU A 55 -41.07 3.07 39.77
CA LEU A 55 -41.64 4.23 40.42
C LEU A 55 -40.61 5.36 40.43
N LEU A 56 -39.35 5.03 40.74
CA LEU A 56 -38.29 6.03 40.76
C LEU A 56 -38.13 6.71 39.40
N HIS A 57 -38.27 5.94 38.33
CA HIS A 57 -38.14 6.53 36.99
C HIS A 57 -39.26 7.51 36.71
N ALA A 58 -40.49 7.14 37.05
CA ALA A 58 -41.64 8.00 36.83
C ALA A 58 -41.48 9.30 37.59
N ALA A 59 -41.06 9.19 38.85
CA ALA A 59 -40.85 10.36 39.70
C ALA A 59 -39.74 11.26 39.17
N GLU A 60 -38.67 10.67 38.68
CA GLU A 60 -37.55 11.44 38.15
C GLU A 60 -37.96 12.14 36.85
N THR A 61 -38.81 11.48 36.07
CA THR A 61 -39.27 12.06 34.82
C THR A 61 -40.09 13.31 35.12
N LEU A 62 -40.97 13.21 36.11
CA LEU A 62 -41.80 14.33 36.54
C LEU A 62 -40.92 15.41 37.14
N HIS A 63 -40.05 15.02 38.05
CA HIS A 63 -39.15 15.96 38.73
C HIS A 63 -38.26 16.76 37.79
N HIS A 64 -37.65 16.10 36.81
CA HIS A 64 -36.76 16.79 35.89
C HIS A 64 -37.43 17.86 35.02
N LEU A 65 -38.75 17.82 34.92
CA LEU A 65 -39.47 18.82 34.11
C LEU A 65 -39.31 20.22 34.69
N LYS A 66 -38.97 20.30 35.97
CA LYS A 66 -38.77 21.58 36.63
C LYS A 66 -37.50 22.22 36.05
N VAL A 67 -36.45 21.41 35.90
CA VAL A 67 -35.20 21.89 35.32
C VAL A 67 -35.42 22.16 33.84
N ALA A 68 -36.24 21.34 33.21
CA ALA A 68 -36.55 21.47 31.79
C ALA A 68 -37.22 22.80 31.45
N GLU A 69 -37.98 23.35 32.39
CA GLU A 69 -38.63 24.63 32.15
C GLU A 69 -37.52 25.63 31.85
N GLY A 70 -36.36 25.39 32.46
CA GLY A 70 -35.20 26.24 32.28
C GLY A 70 -34.68 26.28 30.85
N PHE A 71 -34.95 25.23 30.08
CA PHE A 71 -34.51 25.25 28.70
C PHE A 71 -35.66 25.30 27.69
N GLY A 72 -36.75 25.93 28.13
CA GLY A 72 -37.90 26.13 27.27
C GLY A 72 -39.02 25.12 27.21
N LEU A 73 -38.94 24.05 27.98
CA LEU A 73 -39.99 23.04 27.94
C LEU A 73 -41.06 23.42 28.96
N LYS A 74 -42.14 24.01 28.48
CA LYS A 74 -43.22 24.43 29.36
C LYS A 74 -44.39 23.46 29.30
N ALA A 75 -44.88 23.10 30.48
CA ALA A 75 -45.99 22.18 30.60
C ALA A 75 -46.51 22.18 32.03
N LYS A 76 -47.72 21.67 32.21
CA LYS A 76 -48.33 21.56 33.52
C LYS A 76 -48.48 20.07 33.73
N PRO A 77 -47.37 19.39 34.05
CA PRO A 77 -47.40 17.93 34.27
C PRO A 77 -48.27 17.52 35.45
N GLU A 78 -49.04 16.46 35.24
CA GLU A 78 -49.93 15.90 36.25
C GLU A 78 -49.70 14.39 36.19
N LEU A 79 -49.33 13.79 37.32
CA LEU A 79 -49.08 12.36 37.34
C LEU A 79 -50.27 11.58 37.93
N ASP A 80 -50.90 10.75 37.10
CA ASP A 80 -52.03 9.95 37.55
C ASP A 80 -51.48 8.69 38.24
N LEU A 81 -51.70 8.60 39.56
CA LEU A 81 -51.20 7.47 40.33
C LEU A 81 -51.78 6.11 39.95
N LYS A 82 -53.05 6.09 39.54
CA LYS A 82 -53.69 4.84 39.15
C LYS A 82 -53.03 4.29 37.89
N LYS A 83 -52.78 5.19 36.93
CA LYS A 83 -52.14 4.80 35.68
C LYS A 83 -50.69 4.37 35.95
N LEU A 84 -50.03 5.08 36.86
CA LEU A 84 -48.65 4.74 37.21
C LEU A 84 -48.60 3.33 37.80
N GLY A 85 -49.53 3.05 38.72
CA GLY A 85 -49.57 1.74 39.34
C GLY A 85 -49.76 0.66 38.30
N GLY A 86 -50.60 0.93 37.31
CA GLY A 86 -50.87 -0.03 36.27
C GLY A 86 -49.62 -0.35 35.46
N TRP A 87 -48.84 0.67 35.13
CA TRP A 87 -47.62 0.46 34.37
C TRP A 87 -46.66 -0.36 35.21
N ARG A 88 -46.52 0.01 36.48
CA ARG A 88 -45.66 -0.73 37.40
C ARG A 88 -46.05 -2.21 37.35
N ASP A 89 -47.35 -2.49 37.48
CA ASP A 89 -47.83 -3.87 37.44
C ASP A 89 -47.48 -4.54 36.12
N GLN A 90 -47.58 -3.79 35.03
CA GLN A 90 -47.28 -4.30 33.70
C GLN A 90 -45.81 -4.70 33.59
N VAL A 91 -44.91 -3.85 34.08
CA VAL A 91 -43.48 -4.14 34.02
C VAL A 91 -43.16 -5.42 34.80
N VAL A 92 -43.73 -5.54 36.00
CA VAL A 92 -43.52 -6.70 36.84
C VAL A 92 -44.02 -7.98 36.19
N LYS A 93 -45.25 -7.94 35.69
CA LYS A 93 -45.85 -9.12 35.03
C LYS A 93 -45.04 -9.56 33.82
N LYS A 94 -44.55 -8.59 33.06
CA LYS A 94 -43.77 -8.88 31.85
C LYS A 94 -42.50 -9.64 32.22
N LEU A 95 -41.82 -9.18 33.27
CA LEU A 95 -40.58 -9.81 33.70
C LEU A 95 -40.78 -11.16 34.41
N THR A 96 -41.76 -11.25 35.29
CA THR A 96 -41.99 -12.51 35.98
C THR A 96 -42.45 -13.56 34.98
N GLY A 97 -43.19 -13.13 33.96
CA GLY A 97 -43.63 -14.05 32.94
C GLY A 97 -42.43 -14.51 32.13
N GLY A 98 -41.45 -13.60 32.02
CA GLY A 98 -40.24 -13.90 31.29
C GLY A 98 -39.39 -14.95 31.98
N VAL A 99 -39.39 -14.93 33.31
CA VAL A 99 -38.62 -15.90 34.07
C VAL A 99 -39.25 -17.27 33.90
N GLY A 100 -40.57 -17.33 33.94
CA GLY A 100 -41.25 -18.60 33.77
C GLY A 100 -40.96 -19.17 32.38
N THR A 101 -40.90 -18.30 31.40
CA THR A 101 -40.63 -18.71 30.03
C THR A 101 -39.21 -19.24 29.88
N LEU A 102 -38.27 -18.59 30.58
CA LEU A 102 -36.89 -19.03 30.54
C LEU A 102 -36.72 -20.38 31.23
N LEU A 103 -37.38 -20.55 32.37
CA LEU A 103 -37.29 -21.80 33.10
C LEU A 103 -37.79 -22.94 32.20
N LYS A 104 -38.96 -22.76 31.61
CA LYS A 104 -39.52 -23.78 30.75
C LYS A 104 -38.62 -24.02 29.54
N GLY A 105 -38.12 -22.93 28.96
CA GLY A 105 -37.25 -23.03 27.80
C GLY A 105 -35.97 -23.80 28.07
N ASN A 106 -35.61 -23.89 29.35
CA ASN A 106 -34.40 -24.61 29.76
C ASN A 106 -34.70 -26.01 30.25
N GLY A 107 -35.96 -26.42 30.15
CA GLY A 107 -36.35 -27.74 30.59
C GLY A 107 -36.52 -27.88 32.10
N VAL A 108 -36.65 -26.76 32.80
CA VAL A 108 -36.83 -26.79 34.25
C VAL A 108 -38.29 -27.01 34.62
N GLU A 109 -38.54 -27.93 35.55
CA GLU A 109 -39.88 -28.21 36.01
C GLU A 109 -40.21 -27.25 37.14
N LEU A 110 -41.33 -26.54 37.03
CA LEU A 110 -41.75 -25.59 38.07
C LEU A 110 -42.88 -26.17 38.90
N LEU A 111 -42.68 -26.22 40.20
CA LEU A 111 -43.69 -26.72 41.13
C LEU A 111 -44.12 -25.60 42.06
N ARG A 112 -45.43 -25.38 42.18
CA ARG A 112 -45.92 -24.33 43.06
C ARG A 112 -46.33 -24.89 44.41
N GLY A 113 -45.80 -24.28 45.47
CA GLY A 113 -46.09 -24.70 46.82
C GLY A 113 -44.95 -24.31 47.75
N PHE A 114 -45.13 -24.54 49.04
CA PHE A 114 -44.10 -24.21 50.03
C PHE A 114 -43.29 -25.47 50.37
N ALA A 115 -42.02 -25.47 50.01
CA ALA A 115 -41.15 -26.62 50.24
C ALA A 115 -40.53 -26.64 51.63
N ARG A 116 -40.44 -27.83 52.20
CA ARG A 116 -39.82 -28.02 53.51
C ARG A 116 -38.98 -29.29 53.47
N LEU A 117 -37.75 -29.20 53.95
CA LEU A 117 -36.90 -30.37 53.98
C LEU A 117 -37.40 -31.31 55.09
N VAL A 118 -37.27 -32.61 54.86
CA VAL A 118 -37.68 -33.60 55.87
C VAL A 118 -36.49 -34.53 56.08
N GLY A 119 -35.40 -34.23 55.37
CA GLY A 119 -34.19 -35.01 55.47
C GLY A 119 -33.07 -34.33 54.71
N PRO A 120 -31.83 -34.83 54.81
CA PRO A 120 -30.66 -34.25 54.13
C PRO A 120 -30.86 -33.99 52.63
N LYS A 121 -31.58 -34.88 51.95
CA LYS A 121 -31.79 -34.73 50.51
C LYS A 121 -33.24 -34.96 50.09
N GLU A 122 -34.18 -34.71 50.99
CA GLU A 122 -35.57 -34.92 50.66
C GLU A 122 -36.41 -33.71 51.07
N VAL A 123 -37.31 -33.31 50.18
CA VAL A 123 -38.17 -32.17 50.44
C VAL A 123 -39.62 -32.60 50.34
N GLU A 124 -40.49 -31.92 51.08
CA GLU A 124 -41.90 -32.24 51.05
C GLU A 124 -42.65 -30.99 50.61
N VAL A 125 -43.50 -31.13 49.61
CA VAL A 125 -44.29 -30.02 49.11
C VAL A 125 -45.74 -30.46 48.95
N GLY A 126 -46.62 -29.85 49.74
CA GLY A 126 -48.03 -30.20 49.65
C GLY A 126 -48.34 -31.65 49.98
N GLY A 127 -47.55 -32.24 50.87
CA GLY A 127 -47.77 -33.63 51.26
C GLY A 127 -47.05 -34.64 50.39
N GLU A 128 -46.40 -34.18 49.32
CA GLU A 128 -45.66 -35.05 48.42
C GLU A 128 -44.16 -34.95 48.67
N ARG A 129 -43.44 -36.05 48.45
CA ARG A 129 -42.00 -36.08 48.68
C ARG A 129 -41.20 -36.05 47.38
N TYR A 130 -40.10 -35.32 47.40
CA TYR A 130 -39.21 -35.21 46.25
C TYR A 130 -37.78 -35.29 46.76
N GLY A 131 -36.93 -36.00 46.03
CA GLY A 131 -35.55 -36.13 46.45
C GLY A 131 -34.59 -35.77 45.34
N ALA A 132 -33.35 -35.44 45.71
CA ALA A 132 -32.34 -35.08 44.71
C ALA A 132 -30.94 -35.14 45.32
N LYS A 133 -29.95 -35.43 44.48
CA LYS A 133 -28.56 -35.51 44.92
C LYS A 133 -28.10 -34.14 45.39
N SER A 134 -28.66 -33.09 44.80
CA SER A 134 -28.30 -31.72 45.17
C SER A 134 -29.53 -30.88 45.47
N LEU A 135 -29.42 -30.02 46.48
CA LEU A 135 -30.50 -29.12 46.86
C LEU A 135 -29.89 -27.73 46.97
N ILE A 136 -30.55 -26.72 46.40
CA ILE A 136 -30.08 -25.35 46.50
C ILE A 136 -31.17 -24.54 47.18
N LEU A 137 -30.83 -23.99 48.35
CA LEU A 137 -31.77 -23.22 49.14
C LEU A 137 -31.64 -21.74 48.81
N ALA A 138 -32.68 -21.19 48.20
CA ALA A 138 -32.70 -19.78 47.80
C ALA A 138 -34.03 -19.16 48.18
N THR A 139 -34.36 -19.23 49.47
CA THR A 139 -35.63 -18.74 49.99
C THR A 139 -35.76 -17.24 50.26
N GLY A 140 -34.69 -16.48 50.03
CA GLY A 140 -34.74 -15.05 50.24
C GLY A 140 -34.93 -14.54 51.65
N SER A 141 -35.56 -13.38 51.77
CA SER A 141 -35.81 -12.76 53.06
C SER A 141 -37.14 -12.01 53.06
N GLU A 142 -37.47 -11.38 54.19
CA GLU A 142 -38.72 -10.64 54.31
C GLU A 142 -38.45 -9.36 55.11
N PRO A 143 -39.38 -8.40 55.07
CA PRO A 143 -39.16 -7.16 55.83
C PRO A 143 -38.94 -7.46 57.31
N LEU A 144 -37.93 -6.82 57.90
CA LEU A 144 -37.64 -7.00 59.31
C LEU A 144 -38.57 -6.13 60.16
N GLU A 145 -39.24 -6.74 61.13
CA GLU A 145 -40.14 -6.01 62.01
C GLU A 145 -39.35 -5.21 63.03
N LEU A 146 -39.84 -4.02 63.36
CA LEU A 146 -39.16 -3.15 64.32
C LEU A 146 -39.94 -3.07 65.63
N LYS A 147 -39.24 -3.21 66.74
CA LYS A 147 -39.84 -3.16 68.07
C LYS A 147 -40.63 -1.87 68.28
N GLY A 148 -41.92 -2.00 68.56
CA GLY A 148 -42.75 -0.84 68.79
C GLY A 148 -43.45 -0.34 67.55
N PHE A 149 -43.26 -1.03 66.43
CA PHE A 149 -43.87 -0.65 65.18
C PHE A 149 -44.33 -1.85 64.36
N PRO A 150 -45.20 -2.70 64.93
CA PRO A 150 -45.68 -3.87 64.21
C PRO A 150 -46.42 -3.46 62.95
N PHE A 151 -46.17 -4.18 61.86
CA PHE A 151 -46.80 -3.87 60.59
C PHE A 151 -48.32 -3.94 60.64
N GLY A 152 -48.96 -2.90 60.10
CA GLY A 152 -50.41 -2.85 60.10
C GLY A 152 -50.92 -1.84 59.08
N GLU A 153 -52.17 -1.42 59.24
CA GLU A 153 -52.76 -0.45 58.32
C GLU A 153 -52.02 0.89 58.27
N ASP A 154 -51.42 1.27 59.39
CA ASP A 154 -50.70 2.54 59.44
C ASP A 154 -49.19 2.38 59.44
N VAL A 155 -48.72 1.15 59.62
CA VAL A 155 -47.29 0.86 59.61
C VAL A 155 -47.01 -0.05 58.43
N TRP A 156 -46.44 0.50 57.38
CA TRP A 156 -46.16 -0.26 56.16
C TRP A 156 -44.77 -0.85 56.07
N ASP A 157 -44.65 -1.88 55.24
CA ASP A 157 -43.35 -2.47 54.96
C ASP A 157 -43.16 -1.97 53.52
N SER A 158 -42.05 -2.31 52.88
CA SER A 158 -41.81 -1.85 51.52
C SER A 158 -42.87 -2.29 50.50
N THR A 159 -43.41 -3.49 50.68
CA THR A 159 -44.41 -4.02 49.76
C THR A 159 -45.65 -3.12 49.70
N ARG A 160 -46.16 -2.75 50.87
CA ARG A 160 -47.33 -1.89 50.94
C ARG A 160 -47.00 -0.50 50.37
N ALA A 161 -45.81 -0.01 50.67
CA ALA A 161 -45.40 1.31 50.19
C ALA A 161 -45.38 1.42 48.67
N LEU A 162 -45.22 0.29 47.98
CA LEU A 162 -45.18 0.28 46.53
C LEU A 162 -46.51 0.70 45.90
N LYS A 163 -47.61 0.42 46.58
CA LYS A 163 -48.94 0.76 46.07
C LYS A 163 -49.26 2.24 46.29
N VAL A 164 -48.56 3.09 45.54
CA VAL A 164 -48.75 4.53 45.64
C VAL A 164 -50.15 4.95 45.22
N GLU A 165 -50.82 4.13 44.42
CA GLU A 165 -52.16 4.47 43.95
C GLU A 165 -53.25 4.20 44.99
N GLU A 166 -52.87 3.67 46.15
CA GLU A 166 -53.84 3.37 47.19
C GLU A 166 -53.95 4.50 48.22
N GLY A 167 -53.72 5.73 47.76
CA GLY A 167 -53.81 6.88 48.65
C GLY A 167 -52.49 7.32 49.23
N LEU A 168 -51.95 8.43 48.74
CA LEU A 168 -50.69 8.95 49.25
C LEU A 168 -50.93 9.67 50.56
N PRO A 169 -50.15 9.34 51.60
CA PRO A 169 -50.31 10.01 52.89
C PRO A 169 -49.77 11.43 52.82
N LYS A 170 -50.41 12.35 53.52
CA LYS A 170 -49.95 13.74 53.53
C LYS A 170 -48.56 13.79 54.16
N ARG A 171 -48.42 13.06 55.26
CA ARG A 171 -47.16 13.03 56.00
C ARG A 171 -46.68 11.60 56.19
N LEU A 172 -45.43 11.36 55.79
CA LEU A 172 -44.84 10.04 55.90
C LEU A 172 -43.54 10.05 56.70
N LEU A 173 -43.40 9.08 57.60
CA LEU A 173 -42.19 8.93 58.40
C LEU A 173 -41.52 7.64 57.94
N VAL A 174 -40.29 7.74 57.47
CA VAL A 174 -39.56 6.55 57.03
C VAL A 174 -38.49 6.22 58.07
N ILE A 175 -38.48 4.99 58.57
CA ILE A 175 -37.49 4.58 59.55
C ILE A 175 -36.47 3.70 58.84
N GLY A 176 -35.24 4.18 58.78
CA GLY A 176 -34.20 3.42 58.11
C GLY A 176 -33.61 4.21 56.96
N GLY A 177 -32.30 4.47 57.04
CA GLY A 177 -31.62 5.22 56.00
C GLY A 177 -30.82 4.34 55.06
N GLY A 178 -31.36 3.15 54.78
CA GLY A 178 -30.70 2.24 53.86
C GLY A 178 -31.22 2.51 52.46
N ALA A 179 -30.86 1.66 51.50
CA ALA A 179 -31.30 1.87 50.13
C ALA A 179 -32.83 1.88 50.01
N VAL A 180 -33.50 0.99 50.73
CA VAL A 180 -34.97 0.90 50.68
C VAL A 180 -35.68 2.16 51.17
N GLY A 181 -35.31 2.62 52.35
CA GLY A 181 -35.92 3.81 52.93
C GLY A 181 -35.67 5.08 52.12
N LEU A 182 -34.44 5.24 51.65
CA LEU A 182 -34.09 6.41 50.87
C LEU A 182 -34.86 6.46 49.56
N GLU A 183 -34.89 5.34 48.84
CA GLU A 183 -35.60 5.26 47.56
C GLU A 183 -37.10 5.48 47.69
N LEU A 184 -37.75 4.73 48.57
CA LEU A 184 -39.18 4.89 48.73
C LEU A 184 -39.48 6.27 49.30
N GLY A 185 -38.56 6.78 50.13
CA GLY A 185 -38.75 8.10 50.71
C GLY A 185 -38.79 9.18 49.64
N GLN A 186 -37.86 9.11 48.70
CA GLN A 186 -37.81 10.09 47.62
C GLN A 186 -39.02 9.95 46.69
N VAL A 187 -39.45 8.72 46.45
CA VAL A 187 -40.61 8.50 45.59
C VAL A 187 -41.81 9.24 46.18
N TYR A 188 -42.09 8.99 47.46
CA TYR A 188 -43.21 9.64 48.12
C TYR A 188 -43.10 11.16 48.15
N ARG A 189 -41.90 11.66 48.38
CA ARG A 189 -41.69 13.11 48.41
C ARG A 189 -41.99 13.73 47.04
N ARG A 190 -41.48 13.10 45.99
CA ARG A 190 -41.69 13.60 44.63
C ARG A 190 -43.15 13.47 44.19
N LEU A 191 -43.91 12.67 44.92
CA LEU A 191 -45.33 12.48 44.60
C LEU A 191 -46.18 13.44 45.43
N GLY A 192 -45.53 14.29 46.22
CA GLY A 192 -46.27 15.27 47.01
C GLY A 192 -46.36 15.11 48.51
N ALA A 193 -45.89 14.00 49.05
CA ALA A 193 -45.96 13.79 50.49
C ALA A 193 -44.84 14.49 51.24
N GLU A 194 -45.12 14.90 52.47
CA GLU A 194 -44.08 15.50 53.30
C GLU A 194 -43.38 14.26 53.84
N VAL A 195 -42.06 14.24 53.82
CA VAL A 195 -41.34 13.07 54.28
C VAL A 195 -40.23 13.35 55.28
N THR A 196 -40.25 12.62 56.38
CA THR A 196 -39.23 12.71 57.41
C THR A 196 -38.61 11.31 57.47
N LEU A 197 -37.29 11.25 57.35
CA LEU A 197 -36.60 9.97 57.39
C LEU A 197 -35.61 9.95 58.53
N ILE A 198 -35.69 8.92 59.36
CA ILE A 198 -34.78 8.82 60.49
C ILE A 198 -33.82 7.65 60.32
N GLU A 199 -32.58 7.86 60.76
CA GLU A 199 -31.54 6.83 60.69
C GLU A 199 -30.85 6.81 62.06
N TYR A 200 -30.72 5.61 62.62
CA TYR A 200 -30.09 5.44 63.92
C TYR A 200 -28.62 5.82 63.89
N MET A 201 -27.94 5.43 62.81
CA MET A 201 -26.52 5.72 62.68
C MET A 201 -26.23 7.21 62.42
N PRO A 202 -24.96 7.61 62.55
CA PRO A 202 -24.54 9.01 62.33
C PRO A 202 -24.76 9.51 60.91
N GLU A 203 -24.78 8.60 59.95
CA GLU A 203 -24.97 8.96 58.55
C GLU A 203 -25.80 7.90 57.83
N ILE A 204 -26.47 8.30 56.74
CA ILE A 204 -27.27 7.34 55.99
C ILE A 204 -26.29 6.40 55.27
N LEU A 205 -26.79 5.25 54.82
CA LEU A 205 -25.94 4.28 54.14
C LEU A 205 -24.69 4.03 54.99
N PRO A 206 -24.88 3.67 56.26
CA PRO A 206 -23.77 3.42 57.20
C PRO A 206 -22.72 2.42 56.75
N GLN A 207 -23.05 1.60 55.74
CA GLN A 207 -22.11 0.60 55.24
C GLN A 207 -21.28 1.16 54.08
N GLY A 208 -21.59 2.39 53.67
CA GLY A 208 -20.85 2.98 52.57
C GLY A 208 -20.05 4.20 52.96
N ASP A 209 -19.34 4.75 51.98
CA ASP A 209 -18.52 5.93 52.17
C ASP A 209 -19.35 7.08 52.73
N PRO A 210 -18.95 7.62 53.89
CA PRO A 210 -19.68 8.72 54.51
C PRO A 210 -19.70 10.02 53.70
N GLU A 211 -18.61 10.32 53.00
CA GLU A 211 -18.54 11.54 52.21
C GLU A 211 -19.57 11.61 51.08
N THR A 212 -19.61 10.58 50.25
CA THR A 212 -20.56 10.55 49.14
C THR A 212 -21.99 10.35 49.64
N ALA A 213 -22.14 9.60 50.72
CA ALA A 213 -23.46 9.36 51.30
C ALA A 213 -24.03 10.67 51.82
N ALA A 214 -23.17 11.48 52.43
CA ALA A 214 -23.60 12.77 52.97
C ALA A 214 -24.11 13.69 51.86
N LEU A 215 -23.45 13.65 50.71
CA LEU A 215 -23.87 14.47 49.57
C LEU A 215 -25.26 14.07 49.12
N LEU A 216 -25.57 12.79 49.22
CA LEU A 216 -26.88 12.29 48.83
C LEU A 216 -27.91 12.82 49.82
N ARG A 217 -27.57 12.75 51.11
CA ARG A 217 -28.48 13.23 52.14
C ARG A 217 -28.80 14.69 51.91
N ARG A 218 -27.76 15.49 51.67
CA ARG A 218 -27.95 16.91 51.44
C ARG A 218 -28.85 17.18 50.23
N ALA A 219 -28.73 16.35 49.20
CA ALA A 219 -29.55 16.50 48.01
C ALA A 219 -31.01 16.23 48.34
N LEU A 220 -31.25 15.20 49.15
CA LEU A 220 -32.62 14.86 49.54
C LEU A 220 -33.21 15.94 50.43
N GLU A 221 -32.38 16.50 51.31
CA GLU A 221 -32.84 17.56 52.21
C GLU A 221 -33.23 18.78 51.38
N LYS A 222 -32.51 18.99 50.29
CA LYS A 222 -32.79 20.12 49.41
C LYS A 222 -34.17 19.95 48.78
N GLU A 223 -34.59 18.71 48.57
CA GLU A 223 -35.92 18.44 48.00
C GLU A 223 -37.01 18.55 49.06
N GLY A 224 -36.60 18.80 50.31
CA GLY A 224 -37.58 18.94 51.37
C GLY A 224 -37.76 17.75 52.29
N ILE A 225 -36.96 16.71 52.08
CA ILE A 225 -37.04 15.51 52.92
C ILE A 225 -36.24 15.82 54.18
N ARG A 226 -36.89 15.78 55.33
CA ARG A 226 -36.20 16.06 56.58
C ARG A 226 -35.53 14.78 57.06
N VAL A 227 -34.20 14.74 56.92
CA VAL A 227 -33.44 13.58 57.33
C VAL A 227 -32.82 13.79 58.70
N ARG A 228 -33.09 12.87 59.61
CA ARG A 228 -32.56 12.95 60.96
C ARG A 228 -31.69 11.75 61.31
N THR A 229 -30.37 11.95 61.23
CA THR A 229 -29.41 10.90 61.55
C THR A 229 -29.23 10.87 63.07
N LYS A 230 -28.51 9.86 63.57
CA LYS A 230 -28.29 9.73 65.00
C LYS A 230 -29.63 9.83 65.74
N THR A 231 -30.67 9.27 65.13
CA THR A 231 -32.01 9.30 65.70
C THR A 231 -32.71 7.96 65.56
N LYS A 232 -33.44 7.56 66.60
CA LYS A 232 -34.16 6.30 66.54
C LYS A 232 -35.63 6.49 66.92
N ALA A 233 -36.47 5.60 66.39
CA ALA A 233 -37.90 5.65 66.67
C ALA A 233 -38.13 4.71 67.84
N VAL A 234 -38.83 5.20 68.87
CA VAL A 234 -39.09 4.42 70.07
C VAL A 234 -40.46 3.77 70.06
N GLY A 235 -41.44 4.44 69.49
CA GLY A 235 -42.80 3.91 69.44
C GLY A 235 -43.78 4.98 69.02
N TYR A 236 -45.07 4.69 69.14
CA TYR A 236 -46.09 5.65 68.75
C TYR A 236 -47.46 5.26 69.29
N GLU A 237 -48.44 6.14 69.08
CA GLU A 237 -49.81 5.88 69.49
C GLU A 237 -50.74 6.57 68.50
N LYS A 238 -51.66 5.79 67.94
CA LYS A 238 -52.61 6.32 66.98
C LYS A 238 -53.58 7.28 67.65
N LYS A 239 -53.74 8.45 67.05
CA LYS A 239 -54.63 9.47 67.59
C LYS A 239 -55.61 9.85 66.49
N LYS A 240 -56.48 10.81 66.76
CA LYS A 240 -57.47 11.25 65.80
C LYS A 240 -56.84 11.98 64.61
N ASP A 241 -55.84 12.81 64.89
CA ASP A 241 -55.18 13.60 63.87
C ASP A 241 -53.97 12.92 63.22
N GLY A 242 -53.72 11.66 63.58
CA GLY A 242 -52.60 10.96 63.01
C GLY A 242 -51.78 10.17 64.01
N LEU A 243 -50.64 9.67 63.57
CA LEU A 243 -49.77 8.88 64.41
C LEU A 243 -48.72 9.75 65.10
N HIS A 244 -48.73 9.73 66.43
CA HIS A 244 -47.77 10.51 67.20
C HIS A 244 -46.59 9.61 67.51
N VAL A 245 -45.54 9.72 66.71
CA VAL A 245 -44.34 8.91 66.86
C VAL A 245 -43.30 9.58 67.76
N ARG A 246 -42.74 8.80 68.69
CA ARG A 246 -41.75 9.32 69.60
C ARG A 246 -40.33 9.07 69.09
N LEU A 247 -39.59 10.15 68.85
CA LEU A 247 -38.22 10.04 68.39
C LEU A 247 -37.31 10.24 69.59
N GLU A 248 -36.09 9.76 69.49
CA GLU A 248 -35.14 9.88 70.58
C GLU A 248 -33.73 9.72 70.03
N PRO A 249 -32.74 10.39 70.65
CA PRO A 249 -31.37 10.27 70.16
C PRO A 249 -30.96 8.80 70.14
N ALA A 250 -30.01 8.45 69.29
CA ALA A 250 -29.55 7.07 69.20
C ALA A 250 -29.11 6.55 70.57
N GLU A 251 -28.36 7.39 71.29
CA GLU A 251 -27.87 7.02 72.62
C GLU A 251 -28.98 7.16 73.66
N GLY A 252 -30.05 7.85 73.29
CA GLY A 252 -31.16 8.04 74.20
C GLY A 252 -31.15 9.42 74.84
N GLY A 253 -32.24 9.75 75.52
CA GLY A 253 -32.32 11.05 76.18
C GLY A 253 -33.53 11.87 75.78
N GLU A 254 -33.27 13.11 75.39
CA GLU A 254 -34.32 14.04 74.98
C GLU A 254 -35.37 13.41 74.06
N GLY A 255 -36.56 13.18 74.59
CA GLY A 255 -37.63 12.60 73.81
C GLY A 255 -38.34 13.64 72.96
N GLU A 256 -38.68 13.27 71.74
CA GLU A 256 -39.37 14.19 70.83
C GLU A 256 -40.49 13.47 70.08
N GLU A 257 -41.53 14.21 69.70
CA GLU A 257 -42.63 13.60 68.98
C GLU A 257 -42.86 14.27 67.63
N VAL A 258 -43.16 13.45 66.64
CA VAL A 258 -43.43 13.93 65.30
C VAL A 258 -44.79 13.34 64.90
N VAL A 259 -45.61 14.12 64.22
CA VAL A 259 -46.93 13.65 63.83
C VAL A 259 -46.99 13.35 62.33
N VAL A 260 -47.33 12.11 61.99
CA VAL A 260 -47.43 11.70 60.60
C VAL A 260 -48.65 10.82 60.40
N ASP A 261 -49.00 10.58 59.14
CA ASP A 261 -50.16 9.77 58.82
C ASP A 261 -49.81 8.29 58.65
N LYS A 262 -48.61 8.02 58.14
CA LYS A 262 -48.17 6.64 57.94
C LYS A 262 -46.69 6.49 58.25
N VAL A 263 -46.30 5.29 58.66
CA VAL A 263 -44.92 4.98 58.97
C VAL A 263 -44.44 3.86 58.07
N LEU A 264 -43.27 4.06 57.45
CA LEU A 264 -42.69 3.04 56.58
C LEU A 264 -41.50 2.50 57.37
N VAL A 265 -41.51 1.20 57.65
CA VAL A 265 -40.41 0.58 58.38
C VAL A 265 -39.50 -0.15 57.40
N ALA A 266 -38.30 0.39 57.22
CA ALA A 266 -37.31 -0.19 56.32
C ALA A 266 -35.99 -0.28 57.06
N VAL A 267 -35.96 -1.06 58.13
CA VAL A 267 -34.75 -1.21 58.94
C VAL A 267 -33.95 -2.47 58.63
N GLY A 268 -34.34 -3.20 57.60
CA GLY A 268 -33.62 -4.41 57.26
C GLY A 268 -34.48 -5.55 56.78
N ARG A 269 -33.89 -6.73 56.73
CA ARG A 269 -34.58 -7.94 56.27
C ARG A 269 -34.28 -9.10 57.21
N LYS A 270 -35.10 -10.15 57.12
CA LYS A 270 -34.92 -11.34 57.94
C LYS A 270 -34.91 -12.55 57.00
N PRO A 271 -33.84 -13.36 57.03
CA PRO A 271 -33.80 -14.53 56.16
C PRO A 271 -34.93 -15.53 56.44
N ARG A 272 -35.55 -16.02 55.37
CA ARG A 272 -36.64 -16.98 55.48
C ARG A 272 -36.10 -18.39 55.63
N THR A 273 -35.59 -18.69 56.82
CA THR A 273 -34.99 -20.00 57.08
C THR A 273 -35.68 -20.78 58.19
N GLU A 274 -36.76 -20.22 58.75
CA GLU A 274 -37.49 -20.91 59.81
C GLU A 274 -38.62 -21.68 59.15
N GLY A 275 -38.96 -22.84 59.72
CA GLY A 275 -40.03 -23.65 59.17
C GLY A 275 -39.67 -24.17 57.79
N LEU A 276 -38.38 -24.30 57.51
CA LEU A 276 -37.92 -24.78 56.21
C LEU A 276 -37.43 -26.23 56.30
N GLY A 277 -37.40 -26.78 57.51
CA GLY A 277 -36.96 -28.14 57.71
C GLY A 277 -35.44 -28.27 57.80
N LEU A 278 -34.77 -27.16 58.02
CA LEU A 278 -33.32 -27.18 58.13
C LEU A 278 -32.86 -28.03 59.31
N GLU A 279 -33.65 -28.05 60.37
CA GLU A 279 -33.29 -28.82 61.55
C GLU A 279 -33.50 -30.32 61.36
N LYS A 280 -34.17 -30.71 60.27
CA LYS A 280 -34.39 -32.11 59.96
C LYS A 280 -33.32 -32.60 59.00
N ALA A 281 -32.68 -31.65 58.31
CA ALA A 281 -31.63 -31.96 57.34
C ALA A 281 -30.21 -31.83 57.88
N GLY A 282 -30.06 -31.17 59.03
CA GLY A 282 -28.73 -31.01 59.60
C GLY A 282 -28.00 -29.79 59.07
N VAL A 283 -28.74 -28.87 58.45
CA VAL A 283 -28.17 -27.64 57.91
C VAL A 283 -27.97 -26.62 59.02
N LYS A 284 -26.74 -26.15 59.18
CA LYS A 284 -26.41 -25.18 60.22
C LYS A 284 -26.82 -23.76 59.85
N VAL A 285 -27.42 -23.07 60.81
CA VAL A 285 -27.86 -21.68 60.62
C VAL A 285 -27.20 -20.83 61.69
N ASP A 286 -26.75 -19.61 61.35
CA ASP A 286 -26.11 -18.78 62.35
C ASP A 286 -27.14 -18.08 63.25
N GLU A 287 -26.67 -17.32 64.22
CA GLU A 287 -27.58 -16.65 65.16
C GLU A 287 -28.59 -15.71 64.50
N ARG A 288 -28.19 -15.07 63.42
CA ARG A 288 -29.06 -14.13 62.71
C ARG A 288 -30.08 -14.82 61.80
N GLY A 289 -29.93 -16.12 61.61
CA GLY A 289 -30.86 -16.84 60.78
C GLY A 289 -30.36 -17.16 59.39
N PHE A 290 -29.11 -16.83 59.10
CA PHE A 290 -28.53 -17.10 57.79
C PHE A 290 -27.95 -18.50 57.72
N ILE A 291 -28.18 -19.18 56.60
CA ILE A 291 -27.65 -20.51 56.41
C ILE A 291 -26.13 -20.41 56.23
N ARG A 292 -25.38 -21.12 57.05
CA ARG A 292 -23.92 -21.07 56.97
C ARG A 292 -23.42 -21.72 55.68
N VAL A 293 -22.64 -20.98 54.92
CA VAL A 293 -22.09 -21.50 53.67
C VAL A 293 -20.64 -21.08 53.51
N ASN A 294 -19.89 -21.83 52.71
CA ASN A 294 -18.50 -21.49 52.46
C ASN A 294 -18.44 -20.81 51.08
N ALA A 295 -17.22 -20.59 50.58
CA ALA A 295 -17.04 -19.92 49.29
C ALA A 295 -17.72 -20.65 48.12
N ARG A 296 -17.92 -21.95 48.29
CA ARG A 296 -18.55 -22.75 47.25
C ARG A 296 -20.07 -22.71 47.41
N MET A 297 -20.52 -21.95 48.41
CA MET A 297 -21.95 -21.82 48.71
C MET A 297 -22.50 -23.10 49.34
N GLU A 298 -21.60 -23.99 49.76
CA GLU A 298 -22.02 -25.24 50.37
C GLU A 298 -22.35 -25.08 51.85
N THR A 299 -23.40 -25.75 52.28
CA THR A 299 -23.84 -25.71 53.68
C THR A 299 -23.08 -26.82 54.41
N SER A 300 -23.46 -27.06 55.66
CA SER A 300 -22.83 -28.08 56.48
C SER A 300 -23.18 -29.50 56.01
N VAL A 301 -24.10 -29.58 55.05
CA VAL A 301 -24.53 -30.87 54.51
C VAL A 301 -24.07 -31.01 53.06
N PRO A 302 -23.18 -31.98 52.78
CA PRO A 302 -22.70 -32.17 51.41
C PRO A 302 -23.86 -32.29 50.43
N GLY A 303 -23.74 -31.62 49.29
CA GLY A 303 -24.80 -31.67 48.29
C GLY A 303 -25.88 -30.63 48.49
N VAL A 304 -25.88 -29.97 49.65
CA VAL A 304 -26.88 -28.94 49.92
C VAL A 304 -26.22 -27.56 49.93
N TYR A 305 -26.70 -26.67 49.07
CA TYR A 305 -26.15 -25.33 48.99
C TYR A 305 -27.19 -24.28 49.36
N ALA A 306 -26.73 -23.09 49.72
CA ALA A 306 -27.63 -21.99 50.06
C ALA A 306 -27.05 -20.76 49.37
N ILE A 307 -27.94 -19.92 48.84
CA ILE A 307 -27.52 -18.71 48.13
C ILE A 307 -28.41 -17.51 48.44
N GLY A 308 -27.96 -16.33 48.01
CA GLY A 308 -28.72 -15.11 48.18
C GLY A 308 -28.99 -14.64 49.59
N ASP A 309 -30.12 -13.94 49.75
CA ASP A 309 -30.55 -13.39 51.03
C ASP A 309 -30.58 -14.41 52.16
N ALA A 310 -30.93 -15.66 51.85
CA ALA A 310 -31.00 -16.70 52.87
C ALA A 310 -29.62 -17.15 53.37
N ALA A 311 -28.60 -16.93 52.54
CA ALA A 311 -27.24 -17.34 52.88
C ALA A 311 -26.42 -16.31 53.64
N ARG A 312 -26.52 -15.04 53.26
CA ARG A 312 -25.72 -14.01 53.91
C ARG A 312 -25.88 -12.64 53.28
N PRO A 313 -25.60 -11.57 54.04
CA PRO A 313 -25.71 -10.22 53.51
C PRO A 313 -24.42 -10.02 52.72
N PRO A 314 -24.34 -8.98 51.87
CA PRO A 314 -25.39 -8.00 51.61
C PRO A 314 -26.57 -8.65 50.89
N LEU A 315 -27.77 -8.18 51.20
CA LEU A 315 -28.98 -8.73 50.61
C LEU A 315 -29.25 -8.07 49.27
N LEU A 316 -28.41 -8.38 48.29
CA LEU A 316 -28.51 -7.79 46.96
C LEU A 316 -28.78 -8.82 45.87
N ALA A 317 -29.50 -8.37 44.85
CA ALA A 317 -29.90 -9.19 43.72
C ALA A 317 -28.77 -9.75 42.85
N HIS A 318 -27.86 -8.88 42.39
CA HIS A 318 -26.77 -9.35 41.56
C HIS A 318 -25.87 -10.34 42.30
N LYS A 319 -25.81 -10.20 43.62
CA LYS A 319 -25.02 -11.12 44.44
C LYS A 319 -25.70 -12.49 44.45
N ALA A 320 -27.00 -12.49 44.69
CA ALA A 320 -27.79 -13.72 44.72
C ALA A 320 -27.70 -14.43 43.38
N MET A 321 -27.75 -13.66 42.30
CA MET A 321 -27.68 -14.23 40.95
C MET A 321 -26.36 -14.97 40.75
N ARG A 322 -25.25 -14.32 41.12
CA ARG A 322 -23.93 -14.93 40.98
C ARG A 322 -23.81 -16.15 41.89
N GLU A 323 -24.29 -16.03 43.12
CA GLU A 323 -24.20 -17.15 44.05
C GLU A 323 -24.99 -18.35 43.49
N GLY A 324 -26.10 -18.06 42.80
CA GLY A 324 -26.88 -19.13 42.22
C GLY A 324 -26.08 -19.84 41.14
N LEU A 325 -25.32 -19.08 40.35
CA LEU A 325 -24.51 -19.65 39.29
C LEU A 325 -23.42 -20.54 39.89
N ILE A 326 -22.80 -20.08 40.96
CA ILE A 326 -21.74 -20.84 41.62
C ILE A 326 -22.29 -22.16 42.19
N ALA A 327 -23.43 -22.09 42.86
CA ALA A 327 -24.05 -23.27 43.45
C ALA A 327 -24.45 -24.29 42.38
N ALA A 328 -25.03 -23.80 41.29
CA ALA A 328 -25.44 -24.67 40.20
C ALA A 328 -24.23 -25.36 39.58
N GLU A 329 -23.16 -24.58 39.39
CA GLU A 329 -21.94 -25.12 38.80
C GLU A 329 -21.33 -26.19 39.71
N ASN A 330 -21.34 -25.94 41.01
CA ASN A 330 -20.79 -26.91 41.95
C ASN A 330 -21.68 -28.15 42.05
N ALA A 331 -22.98 -27.96 41.94
CA ALA A 331 -23.90 -29.09 41.99
C ALA A 331 -23.68 -29.94 40.74
N ALA A 332 -23.21 -29.30 39.68
CA ALA A 332 -22.96 -29.98 38.41
C ALA A 332 -21.59 -30.64 38.36
N GLY A 333 -20.87 -30.61 39.47
CA GLY A 333 -19.56 -31.24 39.53
C GLY A 333 -18.35 -30.34 39.30
N LYS A 334 -18.58 -29.07 39.01
CA LYS A 334 -17.49 -28.14 38.78
C LYS A 334 -16.93 -27.68 40.13
N ASP A 335 -15.99 -26.75 40.11
CA ASP A 335 -15.42 -26.22 41.33
C ASP A 335 -15.36 -24.71 41.25
N SER A 336 -16.47 -24.06 41.56
CA SER A 336 -16.54 -22.61 41.52
C SER A 336 -16.61 -22.04 42.93
N ALA A 337 -16.13 -20.81 43.10
CA ALA A 337 -16.15 -20.17 44.40
C ALA A 337 -16.52 -18.71 44.24
N PHE A 338 -17.15 -18.14 45.26
CA PHE A 338 -17.54 -16.73 45.19
C PHE A 338 -16.42 -15.92 45.85
N ASP A 339 -15.70 -15.16 45.05
CA ASP A 339 -14.60 -14.33 45.53
C ASP A 339 -14.63 -13.01 44.78
N TYR A 340 -15.85 -12.54 44.46
CA TYR A 340 -16.02 -11.33 43.69
C TYR A 340 -16.34 -10.06 44.48
N GLN A 341 -16.10 -8.92 43.84
CA GLN A 341 -16.40 -7.62 44.43
C GLN A 341 -17.89 -7.39 44.18
N VAL A 342 -18.60 -7.01 45.23
CA VAL A 342 -20.03 -6.79 45.11
C VAL A 342 -20.35 -5.31 45.25
N PRO A 343 -20.82 -4.68 44.17
CA PRO A 343 -21.14 -3.25 44.26
C PRO A 343 -22.55 -3.09 44.83
N SER A 344 -22.86 -1.91 45.33
CA SER A 344 -24.18 -1.63 45.89
C SER A 344 -24.65 -0.30 45.32
N VAL A 345 -25.91 -0.25 44.92
CA VAL A 345 -26.47 0.95 44.30
C VAL A 345 -27.76 1.41 44.96
N VAL A 346 -27.90 2.73 45.05
CA VAL A 346 -29.10 3.37 45.58
C VAL A 346 -29.61 4.15 44.36
N TYR A 347 -30.83 3.81 43.91
CA TYR A 347 -31.39 4.45 42.73
C TYR A 347 -32.13 5.77 42.91
N THR A 348 -31.79 6.49 43.97
CA THR A 348 -32.37 7.79 44.23
C THR A 348 -31.78 8.71 43.16
N SER A 349 -32.19 9.96 43.16
CA SER A 349 -31.67 10.93 42.21
C SER A 349 -31.18 12.10 43.07
N PRO A 350 -29.85 12.32 43.12
CA PRO A 350 -28.78 11.59 42.42
C PRO A 350 -28.64 10.15 42.93
N GLU A 351 -28.03 9.30 42.11
CA GLU A 351 -27.84 7.91 42.54
C GLU A 351 -26.60 7.81 43.40
N TRP A 352 -26.49 6.72 44.16
CA TRP A 352 -25.32 6.48 44.97
C TRP A 352 -24.84 5.07 44.63
N ALA A 353 -23.53 4.88 44.55
CA ALA A 353 -22.98 3.57 44.24
C ALA A 353 -21.58 3.43 44.83
N GLY A 354 -21.25 2.21 45.25
CA GLY A 354 -19.95 1.98 45.83
C GLY A 354 -19.51 0.54 45.65
N VAL A 355 -18.20 0.33 45.64
CA VAL A 355 -17.66 -1.01 45.51
C VAL A 355 -16.25 -0.98 46.05
N GLY A 356 -15.86 -2.05 46.71
CA GLY A 356 -14.51 -2.09 47.25
C GLY A 356 -14.47 -1.56 48.67
N LEU A 357 -13.29 -1.09 49.08
CA LEU A 357 -13.09 -0.61 50.45
C LEU A 357 -13.25 0.88 50.67
N THR A 358 -13.90 1.23 51.78
CA THR A 358 -14.06 2.61 52.16
C THR A 358 -12.70 2.98 52.74
N GLU A 359 -12.47 4.28 52.99
CA GLU A 359 -11.18 4.70 53.54
C GLU A 359 -10.89 3.99 54.86
N GLU A 360 -11.92 3.89 55.70
CA GLU A 360 -11.79 3.25 57.01
C GLU A 360 -11.41 1.78 56.90
N GLU A 361 -12.09 1.06 56.02
CA GLU A 361 -11.82 -0.36 55.81
C GLU A 361 -10.44 -0.59 55.23
N ALA A 362 -10.05 0.26 54.29
CA ALA A 362 -8.74 0.14 53.66
C ALA A 362 -7.67 0.34 54.73
N LYS A 363 -7.88 1.32 55.61
CA LYS A 363 -6.93 1.60 56.67
C LYS A 363 -6.81 0.39 57.60
N ARG A 364 -7.97 -0.15 57.99
CA ARG A 364 -8.04 -1.31 58.86
C ARG A 364 -7.30 -2.50 58.27
N ALA A 365 -7.30 -2.59 56.94
CA ALA A 365 -6.64 -3.70 56.25
C ALA A 365 -5.14 -3.48 56.08
N GLY A 366 -4.64 -2.34 56.57
CA GLY A 366 -3.22 -2.07 56.49
C GLY A 366 -2.69 -1.30 55.28
N TYR A 367 -3.58 -0.72 54.48
CA TYR A 367 -3.10 0.03 53.32
C TYR A 367 -2.74 1.47 53.69
N LYS A 368 -1.86 2.08 52.90
CA LYS A 368 -1.46 3.47 53.10
C LYS A 368 -2.51 4.22 52.29
N VAL A 369 -3.65 4.47 52.92
CA VAL A 369 -4.77 5.13 52.26
C VAL A 369 -4.53 6.52 51.70
N LYS A 370 -4.94 6.70 50.45
CA LYS A 370 -4.83 7.95 49.74
C LYS A 370 -6.08 8.01 48.86
N VAL A 371 -6.65 9.20 48.69
CA VAL A 371 -7.86 9.33 47.88
C VAL A 371 -7.78 10.39 46.79
N GLY A 372 -8.65 10.27 45.80
CA GLY A 372 -8.72 11.21 44.71
C GLY A 372 -10.19 11.57 44.58
N LYS A 373 -10.50 12.84 44.35
CA LYS A 373 -11.90 13.26 44.24
C LYS A 373 -12.18 14.16 43.06
N PHE A 374 -13.31 13.94 42.39
CA PHE A 374 -13.69 14.78 41.27
C PHE A 374 -15.16 15.17 41.40
N PRO A 375 -15.44 16.47 41.53
CA PRO A 375 -16.81 16.99 41.65
C PRO A 375 -17.51 17.12 40.31
N LEU A 376 -18.77 16.69 40.25
CA LEU A 376 -19.53 16.77 39.01
C LEU A 376 -19.75 18.18 38.50
N ALA A 377 -19.61 19.16 39.39
CA ALA A 377 -19.79 20.55 38.99
C ALA A 377 -18.79 20.91 37.89
N ALA A 378 -17.70 20.15 37.81
CA ALA A 378 -16.67 20.39 36.79
C ALA A 378 -16.89 19.56 35.53
N SER A 379 -17.97 18.80 35.51
CA SER A 379 -18.28 17.94 34.37
C SER A 379 -19.12 18.63 33.30
N GLY A 380 -18.60 18.64 32.06
CA GLY A 380 -19.33 19.24 30.98
C GLY A 380 -20.58 18.44 30.67
N ARG A 381 -20.49 17.11 30.75
CA ARG A 381 -21.65 16.27 30.48
C ARG A 381 -22.76 16.54 31.49
N ALA A 382 -22.38 16.63 32.76
CA ALA A 382 -23.35 16.88 33.83
C ALA A 382 -24.14 18.16 33.55
N LEU A 383 -23.46 19.18 33.04
CA LEU A 383 -24.11 20.44 32.75
C LEU A 383 -25.10 20.31 31.59
N THR A 384 -24.72 19.54 30.57
CA THR A 384 -25.59 19.34 29.42
C THR A 384 -26.82 18.52 29.79
N LEU A 385 -26.79 17.91 30.98
CA LEU A 385 -27.91 17.12 31.44
C LEU A 385 -28.80 17.96 32.37
N GLY A 386 -28.51 19.25 32.42
CA GLY A 386 -29.29 20.17 33.23
C GLY A 386 -28.88 20.34 34.68
N GLY A 387 -27.78 19.72 35.09
CA GLY A 387 -27.36 19.86 36.46
C GLY A 387 -26.19 18.97 36.83
N ALA A 388 -25.17 19.58 37.41
CA ALA A 388 -23.97 18.86 37.82
C ALA A 388 -23.89 18.79 39.34
N GLU A 389 -24.51 17.77 39.92
CA GLU A 389 -24.49 17.62 41.37
C GLU A 389 -24.03 16.23 41.77
N GLY A 390 -22.83 16.14 42.34
CA GLY A 390 -22.30 14.86 42.77
C GLY A 390 -20.79 14.82 42.80
N MET A 391 -20.22 13.63 42.96
CA MET A 391 -18.78 13.48 42.99
C MET A 391 -18.36 12.03 42.91
N VAL A 392 -17.11 11.81 42.52
CA VAL A 392 -16.55 10.47 42.47
C VAL A 392 -15.33 10.49 43.38
N LYS A 393 -15.21 9.48 44.22
CA LYS A 393 -14.07 9.38 45.11
C LYS A 393 -13.42 8.01 44.89
N VAL A 394 -12.11 8.02 44.66
CA VAL A 394 -11.41 6.75 44.48
C VAL A 394 -10.48 6.57 45.68
N VAL A 395 -10.45 5.34 46.20
CA VAL A 395 -9.61 5.00 47.34
C VAL A 395 -8.52 4.04 46.86
N GLY A 396 -7.26 4.37 47.16
CA GLY A 396 -6.19 3.50 46.72
C GLY A 396 -5.02 3.47 47.69
N ASP A 397 -4.04 2.64 47.40
CA ASP A 397 -2.86 2.56 48.26
C ASP A 397 -1.77 3.43 47.69
N GLU A 398 -1.27 4.35 48.52
CA GLU A 398 -0.23 5.28 48.11
C GLU A 398 1.08 4.61 47.68
N GLU A 399 1.43 3.50 48.32
CA GLU A 399 2.68 2.81 47.99
C GLU A 399 2.63 1.96 46.73
N THR A 400 1.56 1.19 46.56
CA THR A 400 1.43 0.32 45.39
C THR A 400 0.63 0.92 44.24
N ASP A 401 -0.15 1.97 44.53
CA ASP A 401 -0.99 2.64 43.53
C ASP A 401 -2.21 1.77 43.17
N LEU A 402 -2.38 0.68 43.91
CA LEU A 402 -3.51 -0.23 43.66
C LEU A 402 -4.85 0.39 44.04
N LEU A 403 -5.85 0.22 43.17
CA LEU A 403 -7.19 0.75 43.44
C LEU A 403 -7.84 -0.12 44.50
N LEU A 404 -8.48 0.51 45.49
CA LEU A 404 -9.11 -0.23 46.57
C LEU A 404 -10.62 -0.11 46.63
N GLY A 405 -11.14 1.07 46.29
CA GLY A 405 -12.58 1.27 46.32
C GLY A 405 -12.98 2.48 45.53
N VAL A 406 -14.24 2.53 45.12
CA VAL A 406 -14.76 3.65 44.36
C VAL A 406 -16.16 3.95 44.84
N PHE A 407 -16.43 5.22 45.09
CA PHE A 407 -17.74 5.62 45.54
C PHE A 407 -18.20 6.79 44.69
N ILE A 408 -19.44 6.70 44.25
CA ILE A 408 -20.01 7.69 43.36
C ILE A 408 -21.38 8.19 43.79
N VAL A 409 -21.58 9.49 43.66
CA VAL A 409 -22.88 10.07 43.95
C VAL A 409 -23.15 10.99 42.76
N GLY A 410 -24.30 10.76 42.12
CA GLY A 410 -24.66 11.56 40.96
C GLY A 410 -25.50 10.76 39.98
N PRO A 411 -25.90 11.37 38.85
CA PRO A 411 -26.71 10.63 37.88
C PRO A 411 -25.94 9.47 37.26
N GLN A 412 -26.63 8.36 37.03
CA GLN A 412 -26.04 7.16 36.44
C GLN A 412 -24.94 6.50 37.27
N ALA A 413 -24.85 6.86 38.56
CA ALA A 413 -23.83 6.28 39.41
C ALA A 413 -23.85 4.74 39.37
N GLY A 414 -25.05 4.18 39.29
CA GLY A 414 -25.20 2.74 39.26
C GLY A 414 -24.65 2.07 38.02
N GLU A 415 -24.60 2.82 36.92
CA GLU A 415 -24.08 2.31 35.68
C GLU A 415 -22.56 2.46 35.65
N LEU A 416 -22.08 3.55 36.22
CA LEU A 416 -20.64 3.82 36.25
C LEU A 416 -19.89 2.90 37.20
N ILE A 417 -20.55 2.43 38.25
CA ILE A 417 -19.89 1.57 39.22
C ILE A 417 -19.43 0.24 38.60
N ALA A 418 -20.07 -0.20 37.52
CA ALA A 418 -19.67 -1.46 36.87
C ALA A 418 -18.21 -1.36 36.42
N GLU A 419 -17.82 -0.19 35.91
CA GLU A 419 -16.44 0.02 35.47
C GLU A 419 -15.49 -0.17 36.65
N ALA A 420 -15.89 0.34 37.79
CA ALA A 420 -15.10 0.24 39.01
C ALA A 420 -14.96 -1.21 39.47
N ALA A 421 -16.06 -1.96 39.36
CA ALA A 421 -16.05 -3.38 39.76
C ALA A 421 -15.05 -4.14 38.91
N LEU A 422 -15.08 -3.89 37.60
CA LEU A 422 -14.16 -4.55 36.68
C LEU A 422 -12.74 -4.16 37.02
N ALA A 423 -12.52 -2.87 37.26
CA ALA A 423 -11.20 -2.37 37.60
C ALA A 423 -10.65 -3.17 38.78
N LEU A 424 -11.45 -3.32 39.84
CA LEU A 424 -11.02 -4.08 41.00
C LEU A 424 -10.76 -5.55 40.66
N GLU A 425 -11.68 -6.16 39.91
CA GLU A 425 -11.52 -7.57 39.53
C GLU A 425 -10.23 -7.79 38.75
N MET A 426 -9.84 -6.81 37.94
CA MET A 426 -8.63 -6.91 37.13
C MET A 426 -7.38 -6.42 37.87
N GLY A 427 -7.54 -6.06 39.14
CA GLY A 427 -6.41 -5.58 39.91
C GLY A 427 -5.79 -4.32 39.34
N ALA A 428 -6.64 -3.40 38.91
CA ALA A 428 -6.16 -2.15 38.33
C ALA A 428 -5.56 -1.20 39.36
N THR A 429 -4.62 -0.39 38.91
CA THR A 429 -3.98 0.63 39.74
C THR A 429 -4.69 1.92 39.38
N LEU A 430 -4.42 3.00 40.11
CA LEU A 430 -5.05 4.28 39.80
C LEU A 430 -4.56 4.75 38.45
N THR A 431 -3.32 4.37 38.10
CA THR A 431 -2.74 4.75 36.83
C THR A 431 -3.50 4.07 35.68
N ASP A 432 -3.89 2.82 35.89
CA ASP A 432 -4.64 2.08 34.88
C ASP A 432 -5.99 2.78 34.61
N LEU A 433 -6.65 3.18 35.69
CA LEU A 433 -7.94 3.85 35.58
C LEU A 433 -7.82 5.19 34.85
N ALA A 434 -6.81 5.97 35.21
CA ALA A 434 -6.59 7.27 34.59
C ALA A 434 -6.15 7.18 33.13
N LEU A 435 -5.45 6.12 32.77
CA LEU A 435 -4.97 5.96 31.40
C LEU A 435 -6.00 5.42 30.41
N THR A 436 -7.12 4.91 30.91
CA THR A 436 -8.17 4.43 30.02
C THR A 436 -8.78 5.70 29.43
N VAL A 437 -8.93 5.75 28.11
CA VAL A 437 -9.50 6.93 27.47
C VAL A 437 -11.02 6.87 27.54
N HIS A 438 -11.60 7.65 28.45
CA HIS A 438 -13.05 7.72 28.62
C HIS A 438 -13.62 8.69 27.59
N PRO A 439 -14.80 8.37 27.02
CA PRO A 439 -15.38 9.27 26.03
C PRO A 439 -15.74 10.63 26.62
N HIS A 440 -15.58 11.67 25.81
CA HIS A 440 -15.93 13.02 26.24
C HIS A 440 -16.99 13.53 25.27
N PRO A 441 -18.08 14.11 25.78
CA PRO A 441 -18.36 14.30 27.20
C PRO A 441 -19.26 13.20 27.78
N THR A 442 -18.85 12.62 28.90
CA THR A 442 -19.64 11.59 29.58
C THR A 442 -19.42 11.71 31.07
N LEU A 443 -20.34 11.13 31.84
CA LEU A 443 -20.23 11.15 33.29
C LEU A 443 -19.11 10.20 33.72
N SER A 444 -18.88 9.15 32.93
CA SER A 444 -17.83 8.18 33.24
C SER A 444 -16.47 8.84 33.39
N GLU A 445 -16.28 9.97 32.71
CA GLU A 445 -15.02 10.71 32.79
C GLU A 445 -14.64 11.07 34.22
N SER A 446 -15.64 11.16 35.08
CA SER A 446 -15.40 11.51 36.48
C SER A 446 -14.51 10.48 37.19
N LEU A 447 -14.53 9.23 36.72
CA LEU A 447 -13.69 8.20 37.32
C LEU A 447 -12.25 8.42 36.90
N MET A 448 -12.07 8.68 35.62
CA MET A 448 -10.74 8.93 35.05
C MET A 448 -10.11 10.12 35.73
N GLU A 449 -10.88 11.19 35.87
CA GLU A 449 -10.40 12.41 36.50
C GLU A 449 -10.17 12.27 38.00
N ALA A 450 -10.97 11.44 38.65
CA ALA A 450 -10.80 11.23 40.09
C ALA A 450 -9.45 10.54 40.28
N ALA A 451 -9.10 9.68 39.32
CA ALA A 451 -7.82 8.97 39.38
C ALA A 451 -6.67 9.96 39.17
N GLU A 452 -6.84 10.88 38.22
CA GLU A 452 -5.82 11.88 37.95
C GLU A 452 -5.64 12.74 39.21
N ALA A 453 -6.75 13.03 39.88
CA ALA A 453 -6.72 13.83 41.10
C ALA A 453 -5.96 13.08 42.19
N PHE A 454 -6.09 11.76 42.19
CA PHE A 454 -5.38 10.94 43.16
C PHE A 454 -3.89 11.21 42.98
N HIS A 455 -3.49 11.44 41.73
CA HIS A 455 -2.09 11.72 41.41
C HIS A 455 -1.81 13.22 41.36
N LYS A 456 -2.73 14.01 41.94
CA LYS A 456 -2.59 15.45 41.97
C LYS A 456 -2.42 16.15 40.62
N GLN A 457 -2.99 15.57 39.56
CA GLN A 457 -2.87 16.19 38.25
C GLN A 457 -4.16 16.20 37.43
N ALA A 458 -5.30 16.34 38.11
CA ALA A 458 -6.57 16.39 37.40
C ALA A 458 -6.54 17.67 36.56
N ILE A 459 -7.20 17.64 35.41
CA ILE A 459 -7.21 18.79 34.53
C ILE A 459 -8.33 19.79 34.78
N HIS A 460 -9.57 19.31 34.88
CA HIS A 460 -10.72 20.19 35.07
C HIS A 460 -10.96 20.78 36.45
N ILE A 461 -10.00 20.61 37.35
CA ILE A 461 -10.10 21.15 38.69
C ILE A 461 -8.69 21.45 39.15
N LEU A 462 -8.52 22.43 40.01
CA LEU A 462 -7.20 22.76 40.51
C LEU A 462 -6.75 21.67 41.46
N ASN A 463 -5.45 21.39 41.48
CA ASN A 463 -4.88 20.35 42.33
C ASN A 463 -4.14 20.94 43.52
N MET B 4 11.05 40.02 21.34
CA MET B 4 11.03 38.53 21.43
C MET B 4 10.73 38.04 22.85
N LYS B 5 9.48 37.68 23.09
CA LYS B 5 9.07 37.14 24.38
C LYS B 5 9.23 35.63 24.29
N THR B 6 9.82 35.02 25.30
CA THR B 6 10.03 33.57 25.27
C THR B 6 9.34 32.80 26.38
N TYR B 7 9.10 31.51 26.11
CA TYR B 7 8.45 30.63 27.05
C TYR B 7 9.03 29.23 26.89
N ASP B 8 8.74 28.33 27.83
CA ASP B 8 9.21 26.97 27.72
C ASP B 8 8.40 26.30 26.64
N LEU B 9 7.13 26.70 26.54
CA LEU B 9 6.24 26.11 25.57
C LEU B 9 5.14 27.06 25.12
N ILE B 10 4.79 26.96 23.84
CA ILE B 10 3.72 27.77 23.28
C ILE B 10 2.70 26.81 22.70
N VAL B 11 1.45 26.94 23.13
CA VAL B 11 0.39 26.08 22.62
C VAL B 11 -0.51 26.94 21.75
N ILE B 12 -0.76 26.46 20.53
CA ILE B 12 -1.61 27.18 19.63
C ILE B 12 -2.96 26.47 19.60
N GLY B 13 -3.96 27.12 20.17
CA GLY B 13 -5.31 26.56 20.23
C GLY B 13 -5.67 26.19 21.66
N THR B 14 -6.89 26.53 22.08
CA THR B 14 -7.33 26.20 23.42
C THR B 14 -8.54 25.28 23.43
N GLY B 15 -8.61 24.40 22.44
CA GLY B 15 -9.70 23.43 22.39
C GLY B 15 -9.34 22.30 23.34
N PRO B 16 -10.11 21.21 23.36
CA PRO B 16 -9.82 20.07 24.24
C PRO B 16 -8.34 19.68 24.28
N GLY B 17 -7.71 19.61 23.11
CA GLY B 17 -6.32 19.23 23.05
C GLY B 17 -5.39 20.31 23.60
N GLY B 18 -5.53 21.51 23.07
CA GLY B 18 -4.70 22.62 23.51
C GLY B 18 -4.75 22.95 24.99
N TYR B 19 -5.95 23.06 25.56
CA TYR B 19 -6.01 23.41 26.97
C TYR B 19 -5.55 22.29 27.90
N HIS B 20 -5.60 21.04 27.42
CA HIS B 20 -5.12 19.94 28.21
C HIS B 20 -3.59 20.00 28.20
N ALA B 21 -3.04 20.28 27.02
CA ALA B 21 -1.60 20.40 26.87
C ALA B 21 -1.07 21.54 27.73
N ALA B 22 -1.72 22.70 27.63
CA ALA B 22 -1.30 23.87 28.38
C ALA B 22 -1.30 23.60 29.88
N ILE B 23 -2.39 23.03 30.38
CA ILE B 23 -2.52 22.74 31.81
C ILE B 23 -1.52 21.69 32.29
N ARG B 24 -1.43 20.57 31.59
CA ARG B 24 -0.50 19.51 32.00
C ARG B 24 0.94 20.02 32.02
N ALA B 25 1.34 20.76 30.98
CA ALA B 25 2.69 21.30 30.91
C ALA B 25 2.93 22.21 32.12
N ALA B 26 1.93 23.03 32.44
CA ALA B 26 2.04 23.95 33.57
C ALA B 26 2.19 23.17 34.87
N GLN B 27 1.41 22.09 35.02
CA GLN B 27 1.50 21.27 36.22
C GLN B 27 2.92 20.71 36.33
N LEU B 28 3.55 20.49 35.18
CA LEU B 28 4.90 19.93 35.17
C LEU B 28 6.03 20.96 35.28
N GLY B 29 5.69 22.18 35.68
CA GLY B 29 6.69 23.21 35.86
C GLY B 29 7.07 24.11 34.69
N LEU B 30 6.44 23.92 33.53
CA LEU B 30 6.78 24.73 32.37
C LEU B 30 6.07 26.08 32.34
N LYS B 31 6.75 27.08 31.75
CA LYS B 31 6.19 28.41 31.59
C LYS B 31 5.49 28.31 30.24
N VAL B 32 4.16 28.45 30.27
CA VAL B 32 3.38 28.29 29.06
C VAL B 32 2.59 29.49 28.58
N LEU B 33 2.51 29.60 27.26
CA LEU B 33 1.75 30.64 26.59
C LEU B 33 0.76 29.89 25.70
N ALA B 34 -0.52 30.20 25.86
CA ALA B 34 -1.56 29.56 25.05
C ALA B 34 -2.16 30.65 24.16
N VAL B 35 -2.24 30.37 22.86
CA VAL B 35 -2.80 31.34 21.92
C VAL B 35 -4.15 30.85 21.40
N GLU B 36 -5.12 31.75 21.34
CA GLU B 36 -6.47 31.42 20.87
C GLU B 36 -7.01 32.53 19.96
N ALA B 37 -7.35 32.15 18.73
CA ALA B 37 -7.86 33.09 17.74
C ALA B 37 -9.37 33.36 17.85
N GLY B 38 -10.10 32.46 18.50
CA GLY B 38 -11.53 32.64 18.64
C GLY B 38 -11.95 32.49 20.09
N GLU B 39 -12.94 31.64 20.34
CA GLU B 39 -13.42 31.42 21.70
C GLU B 39 -12.64 30.33 22.42
N VAL B 40 -12.30 30.60 23.67
CA VAL B 40 -11.57 29.63 24.48
C VAL B 40 -12.42 28.36 24.59
N GLY B 41 -11.78 27.20 24.53
CA GLY B 41 -12.53 25.96 24.64
C GLY B 41 -12.71 25.21 23.33
N GLY B 42 -12.39 25.85 22.21
CA GLY B 42 -12.49 25.21 20.91
C GLY B 42 -13.88 24.81 20.42
N VAL B 43 -13.89 23.94 19.41
CA VAL B 43 -15.13 23.45 18.80
C VAL B 43 -16.01 22.69 19.78
N CYS B 44 -15.46 21.68 20.42
CA CYS B 44 -16.21 20.85 21.37
C CYS B 44 -17.07 21.64 22.35
N LEU B 45 -16.46 22.64 22.99
CA LEU B 45 -17.22 23.43 23.96
C LEU B 45 -18.10 24.51 23.36
N ASN B 46 -17.69 25.06 22.21
CA ASN B 46 -18.44 26.16 21.58
C ASN B 46 -19.45 25.82 20.49
N VAL B 47 -19.06 24.97 19.54
CA VAL B 47 -19.96 24.64 18.44
C VAL B 47 -19.96 23.16 18.12
N GLY B 48 -19.54 22.36 19.08
CA GLY B 48 -19.49 20.93 18.84
C GLY B 48 -20.19 20.09 19.90
N CYS B 49 -19.40 19.29 20.60
CA CYS B 49 -19.90 18.39 21.64
C CYS B 49 -20.96 18.97 22.56
N ILE B 50 -20.57 20.03 23.27
CA ILE B 50 -21.43 20.66 24.26
C ILE B 50 -22.79 21.18 23.81
N PRO B 51 -22.82 22.11 22.84
CA PRO B 51 -24.15 22.58 22.43
C PRO B 51 -25.01 21.47 21.83
N THR B 52 -24.39 20.53 21.12
CA THR B 52 -25.15 19.44 20.52
C THR B 52 -25.71 18.50 21.60
N LYS B 53 -24.90 18.19 22.61
CA LYS B 53 -25.38 17.32 23.67
C LYS B 53 -26.49 18.01 24.45
N ALA B 54 -26.39 19.33 24.57
CA ALA B 54 -27.41 20.10 25.28
C ALA B 54 -28.73 19.97 24.52
N LEU B 55 -28.69 20.24 23.22
CA LEU B 55 -29.89 20.16 22.39
C LEU B 55 -30.48 18.75 22.44
N LEU B 56 -29.63 17.73 22.35
CA LEU B 56 -30.10 16.35 22.39
C LEU B 56 -30.79 16.01 23.71
N HIS B 57 -30.29 16.56 24.81
CA HIS B 57 -30.90 16.28 26.10
C HIS B 57 -32.28 16.91 26.18
N ALA B 58 -32.43 18.12 25.63
CA ALA B 58 -33.73 18.79 25.65
C ALA B 58 -34.71 18.01 24.77
N ALA B 59 -34.22 17.53 23.62
CA ALA B 59 -35.06 16.79 22.68
C ALA B 59 -35.52 15.47 23.29
N GLU B 60 -34.61 14.77 23.95
CA GLU B 60 -34.93 13.50 24.59
C GLU B 60 -35.93 13.71 25.71
N THR B 61 -35.78 14.81 26.44
CA THR B 61 -36.68 15.10 27.54
C THR B 61 -38.10 15.29 26.98
N LEU B 62 -38.23 16.04 25.89
CA LEU B 62 -39.52 16.26 25.26
C LEU B 62 -40.07 14.94 24.71
N HIS B 63 -39.23 14.26 23.94
CA HIS B 63 -39.60 12.98 23.33
C HIS B 63 -40.10 11.95 24.34
N HIS B 64 -39.38 11.79 25.44
CA HIS B 64 -39.73 10.80 26.45
C HIS B 64 -41.12 10.99 27.07
N LEU B 65 -41.67 12.19 26.97
CA LEU B 65 -42.99 12.46 27.53
C LEU B 65 -44.09 11.63 26.86
N LYS B 66 -43.85 11.20 25.62
CA LYS B 66 -44.83 10.38 24.92
C LYS B 66 -44.92 9.02 25.60
N VAL B 67 -43.77 8.45 25.95
CA VAL B 67 -43.74 7.17 26.64
C VAL B 67 -44.27 7.38 28.06
N ALA B 68 -43.97 8.54 28.63
CA ALA B 68 -44.39 8.89 29.99
C ALA B 68 -45.90 8.92 30.16
N GLU B 69 -46.64 9.23 29.09
CA GLU B 69 -48.09 9.25 29.19
C GLU B 69 -48.53 7.84 29.55
N GLY B 70 -47.73 6.86 29.11
CA GLY B 70 -48.00 5.46 29.39
C GLY B 70 -47.99 5.15 30.87
N PHE B 71 -47.22 5.87 31.67
CA PHE B 71 -47.24 5.61 33.10
C PHE B 71 -47.89 6.72 33.91
N GLY B 72 -48.89 7.35 33.32
CA GLY B 72 -49.65 8.38 34.01
C GLY B 72 -49.22 9.83 33.96
N LEU B 73 -48.14 10.13 33.25
CA LEU B 73 -47.68 11.51 33.17
C LEU B 73 -48.42 12.24 32.06
N LYS B 74 -49.39 13.06 32.45
CA LYS B 74 -50.18 13.81 31.48
C LYS B 74 -49.60 15.21 31.35
N ALA B 75 -49.41 15.66 30.12
CA ALA B 75 -48.85 16.98 29.88
C ALA B 75 -49.04 17.42 28.43
N LYS B 76 -49.09 18.73 28.24
CA LYS B 76 -49.22 19.31 26.91
C LYS B 76 -47.97 20.16 26.75
N PRO B 77 -46.85 19.52 26.40
CA PRO B 77 -45.56 20.19 26.21
C PRO B 77 -45.49 21.23 25.09
N GLU B 78 -44.82 22.33 25.39
CA GLU B 78 -44.64 23.43 24.45
C GLU B 78 -43.19 23.87 24.63
N LEU B 79 -42.37 23.65 23.60
CA LEU B 79 -40.95 23.99 23.68
C LEU B 79 -40.62 25.33 23.05
N ASP B 80 -40.14 26.26 23.89
CA ASP B 80 -39.75 27.59 23.44
C ASP B 80 -38.32 27.49 22.90
N LEU B 81 -38.17 27.56 21.58
CA LEU B 81 -36.85 27.44 20.96
C LEU B 81 -35.86 28.55 21.31
N LYS B 82 -36.36 29.76 21.56
CA LYS B 82 -35.47 30.85 21.92
C LYS B 82 -34.92 30.58 23.32
N LYS B 83 -35.77 30.08 24.20
CA LYS B 83 -35.36 29.77 25.57
C LYS B 83 -34.36 28.61 25.55
N LEU B 84 -34.61 27.65 24.66
CA LEU B 84 -33.71 26.50 24.53
C LEU B 84 -32.34 26.95 24.08
N GLY B 85 -32.30 27.82 23.06
CA GLY B 85 -31.04 28.33 22.57
C GLY B 85 -30.32 29.11 23.66
N GLY B 86 -31.10 29.80 24.49
CA GLY B 86 -30.52 30.57 25.57
C GLY B 86 -29.81 29.68 26.58
N TRP B 87 -30.44 28.57 26.92
CA TRP B 87 -29.85 27.62 27.87
C TRP B 87 -28.58 27.05 27.25
N ARG B 88 -28.66 26.71 25.96
CA ARG B 88 -27.50 26.18 25.25
C ARG B 88 -26.33 27.14 25.38
N ASP B 89 -26.59 28.42 25.11
CA ASP B 89 -25.55 29.44 25.19
C ASP B 89 -25.02 29.55 26.62
N GLN B 90 -25.92 29.37 27.58
CA GLN B 90 -25.58 29.45 29.00
C GLN B 90 -24.61 28.34 29.41
N VAL B 91 -24.89 27.13 28.94
CA VAL B 91 -24.05 25.97 29.23
C VAL B 91 -22.66 26.18 28.64
N VAL B 92 -22.62 26.59 27.38
CA VAL B 92 -21.37 26.83 26.68
C VAL B 92 -20.52 27.90 27.37
N LYS B 93 -21.15 29.01 27.77
CA LYS B 93 -20.43 30.09 28.44
C LYS B 93 -19.83 29.64 29.76
N LYS B 94 -20.58 28.82 30.49
CA LYS B 94 -20.11 28.32 31.79
C LYS B 94 -18.86 27.48 31.60
N LEU B 95 -18.87 26.60 30.62
CA LEU B 95 -17.74 25.72 30.37
C LEU B 95 -16.51 26.40 29.78
N THR B 96 -16.70 27.34 28.85
CA THR B 96 -15.56 28.02 28.27
C THR B 96 -14.94 28.99 29.29
N GLY B 97 -15.79 29.65 30.08
CA GLY B 97 -15.27 30.53 31.10
C GLY B 97 -14.51 29.68 32.09
N GLY B 98 -15.01 28.47 32.30
CA GLY B 98 -14.38 27.52 33.20
C GLY B 98 -12.97 27.16 32.72
N VAL B 99 -12.80 26.98 31.41
CA VAL B 99 -11.49 26.64 30.87
C VAL B 99 -10.55 27.83 31.06
N GLY B 100 -11.09 29.03 30.91
CA GLY B 100 -10.27 30.22 31.08
C GLY B 100 -9.74 30.33 32.51
N THR B 101 -10.57 29.95 33.48
CA THR B 101 -10.18 30.02 34.89
C THR B 101 -9.16 28.95 35.23
N LEU B 102 -9.26 27.82 34.53
CA LEU B 102 -8.33 26.71 34.76
C LEU B 102 -6.95 27.09 34.22
N LEU B 103 -6.93 27.72 33.04
CA LEU B 103 -5.68 28.14 32.45
C LEU B 103 -4.97 29.17 33.34
N LYS B 104 -5.71 30.19 33.78
CA LYS B 104 -5.12 31.20 34.64
C LYS B 104 -4.78 30.64 36.01
N GLY B 105 -5.61 29.73 36.51
CA GLY B 105 -5.37 29.13 37.82
C GLY B 105 -4.11 28.27 37.82
N ASN B 106 -3.72 27.80 36.64
CA ASN B 106 -2.53 26.98 36.51
C ASN B 106 -1.31 27.80 36.13
N GLY B 107 -1.50 29.11 36.02
CA GLY B 107 -0.39 29.99 35.67
C GLY B 107 -0.07 30.08 34.19
N VAL B 108 -1.02 29.66 33.34
CA VAL B 108 -0.83 29.72 31.91
C VAL B 108 -1.17 31.11 31.40
N GLU B 109 -0.35 31.63 30.49
CA GLU B 109 -0.58 32.94 29.91
C GLU B 109 -1.43 32.80 28.65
N LEU B 110 -2.55 33.51 28.61
CA LEU B 110 -3.44 33.45 27.46
C LEU B 110 -3.34 34.69 26.59
N LEU B 111 -3.07 34.47 25.30
CA LEU B 111 -2.95 35.53 24.32
C LEU B 111 -4.01 35.31 23.24
N ARG B 112 -4.82 36.33 22.99
CA ARG B 112 -5.87 36.19 21.98
C ARG B 112 -5.35 36.73 20.66
N GLY B 113 -5.53 35.95 19.60
CA GLY B 113 -5.07 36.34 18.28
C GLY B 113 -4.80 35.11 17.44
N PHE B 114 -4.50 35.31 16.17
CA PHE B 114 -4.21 34.19 15.27
C PHE B 114 -2.69 33.99 15.17
N ALA B 115 -2.23 32.86 15.69
CA ALA B 115 -0.81 32.54 15.68
C ALA B 115 -0.39 31.88 14.39
N ARG B 116 0.79 32.26 13.90
CA ARG B 116 1.34 31.71 12.69
C ARG B 116 2.85 31.54 12.88
N LEU B 117 3.36 30.37 12.57
CA LEU B 117 4.79 30.12 12.72
C LEU B 117 5.55 30.91 11.67
N VAL B 118 6.75 31.36 12.01
CA VAL B 118 7.61 32.07 11.08
C VAL B 118 8.92 31.31 11.04
N GLY B 119 9.01 30.28 11.89
CA GLY B 119 10.19 29.45 11.96
C GLY B 119 9.93 28.23 12.82
N PRO B 120 10.89 27.29 12.89
CA PRO B 120 10.78 26.07 13.68
C PRO B 120 10.37 26.26 15.14
N LYS B 121 10.81 27.36 15.74
CA LYS B 121 10.51 27.64 17.14
C LYS B 121 10.06 29.07 17.40
N GLU B 122 9.51 29.72 16.38
CA GLU B 122 9.06 31.09 16.56
C GLU B 122 7.68 31.28 15.95
N VAL B 123 6.83 32.01 16.66
CA VAL B 123 5.46 32.27 16.22
C VAL B 123 5.22 33.76 16.16
N GLU B 124 4.37 34.18 15.23
CA GLU B 124 4.05 35.59 15.10
C GLU B 124 2.55 35.75 15.34
N VAL B 125 2.21 36.65 16.25
CA VAL B 125 0.81 36.91 16.60
C VAL B 125 0.58 38.43 16.69
N GLY B 126 -0.32 38.94 15.87
CA GLY B 126 -0.60 40.36 15.89
C GLY B 126 0.62 41.23 15.61
N GLY B 127 1.55 40.70 14.82
CA GLY B 127 2.75 41.45 14.49
C GLY B 127 3.89 41.33 15.48
N GLU B 128 3.65 40.64 16.59
CA GLU B 128 4.69 40.45 17.61
C GLU B 128 5.25 39.04 17.52
N ARG B 129 6.51 38.88 17.91
CA ARG B 129 7.15 37.57 17.86
C ARG B 129 7.22 36.91 19.23
N TYR B 130 7.01 35.61 19.26
CA TYR B 130 7.08 34.82 20.50
C TYR B 130 7.89 33.56 20.24
N GLY B 131 8.78 33.21 21.15
CA GLY B 131 9.59 32.02 20.97
C GLY B 131 9.53 31.07 22.15
N ALA B 132 9.88 29.81 21.91
CA ALA B 132 9.86 28.80 22.95
C ALA B 132 10.69 27.59 22.55
N LYS B 133 11.01 26.75 23.53
CA LYS B 133 11.80 25.55 23.27
C LYS B 133 10.92 24.48 22.61
N SER B 134 9.64 24.50 22.98
CA SER B 134 8.68 23.54 22.44
C SER B 134 7.40 24.23 21.98
N LEU B 135 6.81 23.71 20.90
CA LEU B 135 5.56 24.24 20.37
C LEU B 135 4.58 23.08 20.24
N ILE B 136 3.31 23.33 20.55
CA ILE B 136 2.29 22.29 20.40
C ILE B 136 1.19 22.89 19.55
N LEU B 137 0.99 22.29 18.38
CA LEU B 137 -0.01 22.73 17.42
C LEU B 137 -1.33 22.00 17.66
N ALA B 138 -2.31 22.72 18.19
CA ALA B 138 -3.62 22.15 18.48
C ALA B 138 -4.72 23.01 17.85
N THR B 139 -4.58 23.26 16.56
CA THR B 139 -5.51 24.12 15.81
C THR B 139 -6.88 23.55 15.42
N GLY B 140 -7.09 22.26 15.68
CA GLY B 140 -8.37 21.64 15.38
C GLY B 140 -8.78 21.57 13.92
N SER B 141 -10.09 21.53 13.68
CA SER B 141 -10.63 21.43 12.33
C SER B 141 -11.85 22.33 12.12
N GLU B 142 -12.45 22.22 10.94
CA GLU B 142 -13.64 23.00 10.59
C GLU B 142 -14.54 22.15 9.70
N PRO B 143 -15.80 22.56 9.49
CA PRO B 143 -16.70 21.77 8.64
C PRO B 143 -16.14 21.62 7.23
N LEU B 144 -16.21 20.39 6.70
CA LEU B 144 -15.72 20.10 5.36
C LEU B 144 -16.77 20.44 4.32
N GLU B 145 -16.37 21.18 3.29
CA GLU B 145 -17.28 21.59 2.23
C GLU B 145 -17.55 20.42 1.28
N LEU B 146 -18.74 20.38 0.70
CA LEU B 146 -19.09 19.31 -0.21
C LEU B 146 -19.34 19.85 -1.62
N LYS B 147 -18.61 19.31 -2.58
CA LYS B 147 -18.73 19.72 -3.98
C LYS B 147 -20.21 19.72 -4.37
N GLY B 148 -20.68 20.84 -4.89
CA GLY B 148 -22.07 20.95 -5.30
C GLY B 148 -22.99 21.50 -4.22
N PHE B 149 -22.45 21.68 -3.02
CA PHE B 149 -23.24 22.20 -1.91
C PHE B 149 -22.47 23.26 -1.11
N PRO B 150 -22.16 24.40 -1.75
CA PRO B 150 -21.42 25.43 -1.02
C PRO B 150 -22.27 25.94 0.15
N PHE B 151 -21.64 26.18 1.29
CA PHE B 151 -22.37 26.67 2.45
C PHE B 151 -23.00 28.02 2.17
N GLY B 152 -24.25 28.17 2.56
CA GLY B 152 -24.95 29.41 2.34
C GLY B 152 -26.21 29.51 3.18
N GLU B 153 -27.14 30.36 2.78
CA GLU B 153 -28.38 30.55 3.50
C GLU B 153 -29.22 29.27 3.57
N ASP B 154 -29.14 28.45 2.52
CA ASP B 154 -29.91 27.21 2.47
C ASP B 154 -29.10 25.95 2.71
N VAL B 155 -27.78 26.07 2.70
CA VAL B 155 -26.90 24.94 2.93
C VAL B 155 -26.11 25.20 4.22
N TRP B 156 -26.50 24.49 5.27
CA TRP B 156 -25.89 24.67 6.57
C TRP B 156 -24.74 23.73 6.94
N ASP B 157 -23.91 24.21 7.86
CA ASP B 157 -22.82 23.40 8.39
C ASP B 157 -23.31 23.14 9.82
N SER B 158 -22.58 22.34 10.59
CA SER B 158 -23.03 22.03 11.93
C SER B 158 -23.22 23.25 12.85
N THR B 159 -22.38 24.26 12.71
CA THR B 159 -22.49 25.45 13.55
C THR B 159 -23.82 26.17 13.35
N ARG B 160 -24.22 26.35 12.10
CA ARG B 160 -25.50 27.00 11.81
C ARG B 160 -26.66 26.14 12.31
N ALA B 161 -26.53 24.81 12.14
CA ALA B 161 -27.58 23.88 12.57
C ALA B 161 -27.88 23.96 14.07
N LEU B 162 -26.90 24.35 14.86
CA LEU B 162 -27.10 24.47 16.30
C LEU B 162 -28.09 25.54 16.69
N LYS B 163 -28.20 26.59 15.86
CA LYS B 163 -29.10 27.71 16.14
C LYS B 163 -30.57 27.41 15.83
N VAL B 164 -31.14 26.47 16.57
CA VAL B 164 -32.52 26.08 16.37
C VAL B 164 -33.54 27.19 16.60
N GLU B 165 -33.12 28.26 17.29
CA GLU B 165 -34.02 29.38 17.56
C GLU B 165 -34.18 30.32 16.37
N GLU B 166 -33.47 30.02 15.29
CA GLU B 166 -33.54 30.85 14.10
C GLU B 166 -34.49 30.22 13.09
N GLY B 167 -35.52 29.56 13.62
CA GLY B 167 -36.51 28.92 12.77
C GLY B 167 -36.17 27.52 12.30
N LEU B 168 -37.05 26.57 12.59
CA LEU B 168 -36.86 25.18 12.18
C LEU B 168 -37.44 25.01 10.79
N PRO B 169 -36.67 24.39 9.87
CA PRO B 169 -37.19 24.19 8.51
C PRO B 169 -38.24 23.09 8.54
N LYS B 170 -39.20 23.15 7.62
CA LYS B 170 -40.23 22.12 7.57
C LYS B 170 -39.63 20.80 7.11
N ARG B 171 -38.69 20.89 6.18
CA ARG B 171 -38.04 19.69 5.64
C ARG B 171 -36.53 19.89 5.59
N LEU B 172 -35.82 18.95 6.19
CA LEU B 172 -34.36 19.01 6.22
C LEU B 172 -33.75 17.77 5.61
N LEU B 173 -32.69 17.97 4.85
CA LEU B 173 -31.97 16.86 4.24
C LEU B 173 -30.59 16.90 4.89
N VAL B 174 -30.20 15.78 5.49
CA VAL B 174 -28.89 15.70 6.12
C VAL B 174 -27.98 14.85 5.25
N ILE B 175 -26.82 15.40 4.90
CA ILE B 175 -25.86 14.65 4.10
C ILE B 175 -24.75 14.19 5.04
N GLY B 176 -24.63 12.87 5.20
CA GLY B 176 -23.61 12.32 6.07
C GLY B 176 -24.20 11.46 7.16
N GLY B 177 -23.77 10.21 7.23
CA GLY B 177 -24.28 9.29 8.23
C GLY B 177 -23.33 9.07 9.39
N GLY B 178 -22.55 10.10 9.71
CA GLY B 178 -21.62 9.99 10.82
C GLY B 178 -22.27 10.53 12.08
N ALA B 179 -21.51 10.61 13.17
CA ALA B 179 -22.05 11.11 14.43
C ALA B 179 -22.73 12.49 14.32
N VAL B 180 -22.11 13.42 13.60
CA VAL B 180 -22.69 14.75 13.48
C VAL B 180 -24.04 14.75 12.77
N GLY B 181 -24.10 14.10 11.60
CA GLY B 181 -25.34 14.05 10.86
C GLY B 181 -26.49 13.39 11.63
N LEU B 182 -26.21 12.24 12.23
CA LEU B 182 -27.21 11.50 12.99
C LEU B 182 -27.75 12.27 14.19
N GLU B 183 -26.84 12.88 14.96
CA GLU B 183 -27.27 13.64 16.13
C GLU B 183 -28.08 14.87 15.76
N LEU B 184 -27.59 15.65 14.79
CA LEU B 184 -28.31 16.84 14.40
C LEU B 184 -29.59 16.47 13.65
N GLY B 185 -29.54 15.34 12.95
CA GLY B 185 -30.73 14.90 12.24
C GLY B 185 -31.83 14.58 13.24
N GLN B 186 -31.47 13.89 14.31
CA GLN B 186 -32.47 13.53 15.32
C GLN B 186 -32.95 14.74 16.11
N VAL B 187 -32.07 15.70 16.35
CA VAL B 187 -32.48 16.91 17.08
C VAL B 187 -33.61 17.60 16.29
N TYR B 188 -33.37 17.83 15.00
CA TYR B 188 -34.36 18.48 14.15
C TYR B 188 -35.64 17.68 14.03
N ARG B 189 -35.51 16.37 13.91
CA ARG B 189 -36.69 15.53 13.82
C ARG B 189 -37.56 15.69 15.08
N ARG B 190 -36.92 15.58 16.25
CA ARG B 190 -37.66 15.69 17.51
C ARG B 190 -38.22 17.08 17.75
N LEU B 191 -37.63 18.09 17.12
CA LEU B 191 -38.12 19.45 17.27
C LEU B 191 -39.25 19.78 16.31
N GLY B 192 -39.65 18.80 15.50
CA GLY B 192 -40.76 19.01 14.59
C GLY B 192 -40.53 19.02 13.09
N ALA B 193 -39.31 18.83 12.63
CA ALA B 193 -39.05 18.84 11.20
C ALA B 193 -39.07 17.47 10.53
N GLU B 194 -39.27 17.48 9.21
CA GLU B 194 -39.24 16.26 8.42
C GLU B 194 -37.74 16.12 8.17
N VAL B 195 -37.20 14.91 8.30
CA VAL B 195 -35.77 14.74 8.10
C VAL B 195 -35.43 13.51 7.26
N THR B 196 -34.57 13.72 6.28
CA THR B 196 -34.08 12.66 5.40
C THR B 196 -32.56 12.74 5.51
N LEU B 197 -31.93 11.60 5.74
CA LEU B 197 -30.48 11.57 5.86
C LEU B 197 -29.91 10.61 4.82
N ILE B 198 -28.88 11.04 4.14
CA ILE B 198 -28.26 10.20 3.12
C ILE B 198 -26.83 9.85 3.52
N GLU B 199 -26.44 8.61 3.22
CA GLU B 199 -25.10 8.14 3.53
C GLU B 199 -24.54 7.37 2.33
N TYR B 200 -23.35 7.78 1.90
CA TYR B 200 -22.66 7.17 0.76
C TYR B 200 -22.42 5.67 0.96
N MET B 201 -21.89 5.30 2.12
CA MET B 201 -21.58 3.91 2.41
C MET B 201 -22.82 3.03 2.59
N PRO B 202 -22.64 1.70 2.56
CA PRO B 202 -23.71 0.71 2.72
C PRO B 202 -24.50 0.81 4.03
N GLU B 203 -23.88 1.38 5.05
CA GLU B 203 -24.53 1.51 6.35
C GLU B 203 -24.04 2.77 7.06
N ILE B 204 -24.86 3.32 7.94
CA ILE B 204 -24.44 4.51 8.68
C ILE B 204 -23.28 4.10 9.58
N LEU B 205 -22.56 5.09 10.11
CA LEU B 205 -21.41 4.82 10.98
C LEU B 205 -20.53 3.73 10.34
N PRO B 206 -20.09 3.95 9.09
CA PRO B 206 -19.24 2.98 8.37
C PRO B 206 -17.97 2.56 9.10
N GLN B 207 -17.54 3.34 10.07
CA GLN B 207 -16.33 3.01 10.82
C GLN B 207 -16.62 2.01 11.95
N GLY B 208 -17.88 1.91 12.35
CA GLY B 208 -18.24 0.99 13.42
C GLY B 208 -18.96 -0.26 12.98
N ASP B 209 -19.25 -1.10 13.96
CA ASP B 209 -19.96 -2.36 13.75
C ASP B 209 -21.28 -2.14 13.01
N PRO B 210 -21.43 -2.79 11.84
CA PRO B 210 -22.62 -2.71 10.99
C PRO B 210 -23.92 -3.14 11.65
N GLU B 211 -23.86 -4.20 12.46
CA GLU B 211 -25.05 -4.72 13.13
C GLU B 211 -25.68 -3.76 14.13
N THR B 212 -24.88 -3.21 15.04
CA THR B 212 -25.41 -2.27 16.02
C THR B 212 -25.78 -0.97 15.32
N ALA B 213 -25.00 -0.60 14.31
CA ALA B 213 -25.27 0.63 13.57
C ALA B 213 -26.61 0.49 12.86
N ALA B 214 -26.88 -0.69 12.32
CA ALA B 214 -28.14 -0.92 11.62
C ALA B 214 -29.31 -0.81 12.57
N LEU B 215 -29.13 -1.28 13.81
CA LEU B 215 -30.20 -1.20 14.79
C LEU B 215 -30.52 0.25 15.10
N LEU B 216 -29.48 1.09 15.14
CA LEU B 216 -29.69 2.52 15.40
C LEU B 216 -30.47 3.13 14.24
N ARG B 217 -30.09 2.76 13.02
CA ARG B 217 -30.76 3.28 11.83
C ARG B 217 -32.25 2.94 11.86
N ARG B 218 -32.56 1.68 12.13
CA ARG B 218 -33.96 1.26 12.18
C ARG B 218 -34.72 2.01 13.26
N ALA B 219 -34.06 2.27 14.39
CA ALA B 219 -34.70 3.00 15.47
C ALA B 219 -35.02 4.42 14.98
N LEU B 220 -34.06 5.03 14.29
CA LEU B 220 -34.26 6.38 13.77
C LEU B 220 -35.38 6.38 12.72
N GLU B 221 -35.43 5.33 11.91
CA GLU B 221 -36.46 5.22 10.88
C GLU B 221 -37.83 5.12 11.54
N LYS B 222 -37.89 4.45 12.69
CA LYS B 222 -39.15 4.30 13.42
C LYS B 222 -39.70 5.65 13.86
N GLU B 223 -38.81 6.62 14.08
CA GLU B 223 -39.21 7.96 14.48
C GLU B 223 -39.60 8.84 13.30
N GLY B 224 -39.50 8.29 12.09
CA GLY B 224 -39.86 9.06 10.91
C GLY B 224 -38.69 9.61 10.12
N ILE B 225 -37.48 9.38 10.58
CA ILE B 225 -36.31 9.87 9.87
C ILE B 225 -36.01 8.91 8.74
N ARG B 226 -36.10 9.37 7.50
CA ARG B 226 -35.84 8.52 6.34
C ARG B 226 -34.34 8.46 6.12
N VAL B 227 -33.77 7.27 6.20
CA VAL B 227 -32.33 7.10 6.01
C VAL B 227 -32.03 6.36 4.71
N ARG B 228 -31.29 7.02 3.83
CA ARG B 228 -30.91 6.46 2.54
C ARG B 228 -29.42 6.13 2.50
N THR B 229 -29.11 4.84 2.58
CA THR B 229 -27.72 4.38 2.54
C THR B 229 -27.33 4.07 1.10
N LYS B 230 -26.03 3.88 0.87
CA LYS B 230 -25.53 3.59 -0.48
C LYS B 230 -26.00 4.68 -1.43
N THR B 231 -26.18 5.87 -0.90
CA THR B 231 -26.67 7.00 -1.69
C THR B 231 -25.81 8.25 -1.46
N LYS B 232 -25.55 8.99 -2.54
CA LYS B 232 -24.77 10.21 -2.41
C LYS B 232 -25.50 11.40 -3.01
N ALA B 233 -25.27 12.58 -2.43
CA ALA B 233 -25.88 13.81 -2.93
C ALA B 233 -24.90 14.37 -3.94
N VAL B 234 -25.41 14.74 -5.11
CA VAL B 234 -24.56 15.26 -6.18
C VAL B 234 -24.68 16.77 -6.35
N GLY B 235 -25.87 17.30 -6.16
CA GLY B 235 -26.08 18.73 -6.29
C GLY B 235 -27.52 19.10 -5.99
N TYR B 236 -27.90 20.33 -6.29
CA TYR B 236 -29.26 20.77 -6.04
C TYR B 236 -29.62 22.01 -6.84
N GLU B 237 -30.92 22.26 -6.95
CA GLU B 237 -31.43 23.43 -7.67
C GLU B 237 -32.50 24.08 -6.81
N LYS B 238 -32.33 25.36 -6.53
CA LYS B 238 -33.28 26.10 -5.70
C LYS B 238 -34.47 26.59 -6.54
N LYS B 239 -35.65 26.07 -6.21
CA LYS B 239 -36.86 26.48 -6.92
C LYS B 239 -37.86 27.09 -5.95
N LYS B 240 -38.99 27.53 -6.49
CA LYS B 240 -40.05 28.14 -5.70
C LYS B 240 -40.55 27.27 -4.56
N ASP B 241 -40.67 25.97 -4.81
CA ASP B 241 -41.19 25.04 -3.80
C ASP B 241 -40.12 24.45 -2.88
N GLY B 242 -38.86 24.88 -3.07
CA GLY B 242 -37.80 24.37 -2.23
C GLY B 242 -36.55 23.95 -2.98
N LEU B 243 -35.65 23.29 -2.26
CA LEU B 243 -34.39 22.81 -2.84
C LEU B 243 -34.56 21.42 -3.42
N HIS B 244 -34.37 21.31 -4.74
CA HIS B 244 -34.48 20.02 -5.40
C HIS B 244 -33.10 19.39 -5.42
N VAL B 245 -32.87 18.47 -4.48
CA VAL B 245 -31.58 17.81 -4.37
C VAL B 245 -31.51 16.53 -5.20
N ARG B 246 -30.44 16.41 -5.99
CA ARG B 246 -30.24 15.25 -6.85
C ARG B 246 -29.39 14.20 -6.13
N LEU B 247 -29.93 12.99 -6.03
CA LEU B 247 -29.24 11.89 -5.38
C LEU B 247 -28.92 10.84 -6.42
N GLU B 248 -27.91 10.02 -6.16
CA GLU B 248 -27.52 8.96 -7.07
C GLU B 248 -26.93 7.81 -6.27
N PRO B 249 -26.90 6.60 -6.85
CA PRO B 249 -26.32 5.47 -6.13
C PRO B 249 -24.86 5.80 -5.83
N ALA B 250 -24.32 5.29 -4.73
CA ALA B 250 -22.94 5.57 -4.34
C ALA B 250 -21.98 5.44 -5.52
N GLU B 251 -22.10 4.33 -6.26
CA GLU B 251 -21.23 4.08 -7.41
C GLU B 251 -21.68 4.84 -8.65
N GLY B 252 -22.58 5.81 -8.46
CA GLY B 252 -23.07 6.58 -9.58
C GLY B 252 -24.12 5.81 -10.36
N GLY B 253 -24.96 6.52 -11.10
CA GLY B 253 -26.01 5.87 -11.86
C GLY B 253 -27.25 6.71 -11.96
N GLU B 254 -28.39 6.06 -12.16
CA GLU B 254 -29.65 6.77 -12.28
C GLU B 254 -29.87 7.77 -11.15
N GLY B 255 -30.31 8.97 -11.51
CA GLY B 255 -30.53 10.00 -10.51
C GLY B 255 -31.95 10.08 -10.00
N GLU B 256 -32.08 10.41 -8.72
CA GLU B 256 -33.38 10.57 -8.09
C GLU B 256 -33.36 11.94 -7.42
N GLU B 257 -34.53 12.45 -7.09
CA GLU B 257 -34.62 13.77 -6.48
C GLU B 257 -35.45 13.79 -5.20
N VAL B 258 -35.08 14.70 -4.30
CA VAL B 258 -35.79 14.87 -3.03
C VAL B 258 -35.89 16.38 -2.81
N VAL B 259 -37.03 16.83 -2.30
CA VAL B 259 -37.24 18.26 -2.06
C VAL B 259 -37.30 18.60 -0.57
N VAL B 260 -36.45 19.52 -0.16
CA VAL B 260 -36.40 19.95 1.24
C VAL B 260 -36.26 21.47 1.32
N ASP B 261 -36.36 22.02 2.52
CA ASP B 261 -36.25 23.45 2.71
C ASP B 261 -34.81 23.89 2.99
N LYS B 262 -34.09 23.05 3.72
CA LYS B 262 -32.70 23.33 4.07
C LYS B 262 -31.87 22.07 3.95
N VAL B 263 -30.56 22.24 3.82
CA VAL B 263 -29.65 21.12 3.73
C VAL B 263 -28.51 21.25 4.74
N LEU B 264 -28.24 20.18 5.47
CA LEU B 264 -27.15 20.17 6.43
C LEU B 264 -26.06 19.25 5.88
N VAL B 265 -24.88 19.81 5.65
CA VAL B 265 -23.77 19.03 5.14
C VAL B 265 -22.88 18.64 6.30
N ALA B 266 -22.80 17.33 6.56
CA ALA B 266 -21.99 16.81 7.66
C ALA B 266 -21.21 15.61 7.13
N VAL B 267 -20.35 15.85 6.15
CA VAL B 267 -19.56 14.80 5.54
C VAL B 267 -18.13 14.70 6.06
N GLY B 268 -17.81 15.49 7.08
CA GLY B 268 -16.47 15.43 7.63
C GLY B 268 -15.92 16.75 8.14
N ARG B 269 -14.61 16.76 8.36
CA ARG B 269 -13.92 17.94 8.87
C ARG B 269 -12.63 18.14 8.08
N LYS B 270 -12.16 19.38 8.06
CA LYS B 270 -10.92 19.74 7.38
C LYS B 270 -9.97 20.32 8.43
N PRO B 271 -8.79 19.71 8.62
CA PRO B 271 -7.86 20.25 9.63
C PRO B 271 -7.41 21.67 9.29
N ARG B 272 -7.40 22.53 10.31
CA ARG B 272 -7.00 23.92 10.13
C ARG B 272 -5.47 24.05 10.17
N THR B 273 -4.83 23.67 9.07
CA THR B 273 -3.38 23.72 8.97
C THR B 273 -2.86 24.64 7.87
N GLU B 274 -3.77 25.28 7.13
CA GLU B 274 -3.36 26.21 6.08
C GLU B 274 -3.22 27.61 6.67
N GLY B 275 -2.25 28.38 6.19
CA GLY B 275 -2.05 29.73 6.70
C GLY B 275 -1.58 29.72 8.15
N LEU B 276 -0.94 28.62 8.55
CA LEU B 276 -0.45 28.47 9.91
C LEU B 276 1.08 28.62 9.99
N GLY B 277 1.71 28.90 8.86
CA GLY B 277 3.16 29.06 8.84
C GLY B 277 3.94 27.76 8.87
N LEU B 278 3.24 26.64 8.67
CA LEU B 278 3.91 25.34 8.68
C LEU B 278 4.98 25.26 7.60
N GLU B 279 4.74 25.88 6.45
CA GLU B 279 5.70 25.88 5.35
C GLU B 279 6.93 26.74 5.62
N LYS B 280 6.92 27.48 6.73
CA LYS B 280 8.04 28.32 7.10
C LYS B 280 8.84 27.66 8.22
N ALA B 281 8.28 26.60 8.80
CA ALA B 281 8.91 25.89 9.90
C ALA B 281 9.40 24.48 9.57
N GLY B 282 9.04 23.98 8.41
CA GLY B 282 9.47 22.65 8.01
C GLY B 282 8.60 21.52 8.52
N VAL B 283 7.38 21.85 8.95
CA VAL B 283 6.46 20.83 9.46
C VAL B 283 5.74 20.12 8.32
N LYS B 284 5.95 18.81 8.21
CA LYS B 284 5.35 18.01 7.16
C LYS B 284 3.85 17.77 7.39
N VAL B 285 3.08 17.92 6.31
CA VAL B 285 1.63 17.73 6.35
C VAL B 285 1.25 16.74 5.24
N ASP B 286 0.31 15.85 5.52
CA ASP B 286 -0.11 14.86 4.51
C ASP B 286 -1.09 15.45 3.51
N GLU B 287 -1.43 14.65 2.51
CA GLU B 287 -2.34 15.07 1.45
C GLU B 287 -3.66 15.69 1.91
N ARG B 288 -4.19 15.19 3.02
CA ARG B 288 -5.47 15.68 3.57
C ARG B 288 -5.36 16.90 4.47
N GLY B 289 -4.15 17.31 4.82
CA GLY B 289 -3.99 18.49 5.65
C GLY B 289 -3.59 18.18 7.08
N PHE B 290 -3.52 16.90 7.42
CA PHE B 290 -3.13 16.52 8.77
C PHE B 290 -1.62 16.61 8.98
N ILE B 291 -1.23 17.16 10.13
CA ILE B 291 0.18 17.28 10.47
C ILE B 291 0.70 15.90 10.86
N ARG B 292 1.69 15.41 10.12
CA ARG B 292 2.26 14.10 10.40
C ARG B 292 2.89 14.07 11.79
N VAL B 293 2.56 13.04 12.57
CA VAL B 293 3.08 12.89 13.92
C VAL B 293 3.32 11.42 14.27
N ASN B 294 4.15 11.17 15.28
CA ASN B 294 4.40 9.80 15.73
C ASN B 294 3.68 9.62 17.06
N ALA B 295 3.84 8.44 17.68
CA ALA B 295 3.19 8.14 18.95
C ALA B 295 3.51 9.14 20.07
N ARG B 296 4.60 9.87 19.92
CA ARG B 296 4.98 10.86 20.92
C ARG B 296 4.29 12.19 20.59
N MET B 297 3.54 12.19 19.49
CA MET B 297 2.83 13.37 18.99
C MET B 297 3.83 14.36 18.40
N GLU B 298 5.02 13.86 18.08
CA GLU B 298 6.08 14.69 17.50
C GLU B 298 5.92 14.82 16.00
N THR B 299 6.17 16.02 15.49
CA THR B 299 6.08 16.30 14.05
C THR B 299 7.45 16.01 13.43
N SER B 300 7.62 16.41 12.17
CA SER B 300 8.88 16.20 11.47
C SER B 300 9.96 17.13 12.01
N VAL B 301 9.55 18.06 12.88
CA VAL B 301 10.47 19.03 13.47
C VAL B 301 10.59 18.81 14.98
N PRO B 302 11.80 18.49 15.45
CA PRO B 302 12.09 18.24 16.87
C PRO B 302 11.63 19.39 17.77
N GLY B 303 10.89 19.06 18.83
CA GLY B 303 10.41 20.08 19.74
C GLY B 303 9.06 20.65 19.37
N VAL B 304 8.56 20.28 18.19
CA VAL B 304 7.26 20.74 17.72
C VAL B 304 6.30 19.55 17.67
N TYR B 305 5.21 19.65 18.41
CA TYR B 305 4.22 18.57 18.45
C TYR B 305 2.89 19.03 17.85
N ALA B 306 2.06 18.07 17.47
CA ALA B 306 0.74 18.33 16.90
C ALA B 306 -0.23 17.32 17.53
N ILE B 307 -1.42 17.80 17.90
CA ILE B 307 -2.42 16.96 18.56
C ILE B 307 -3.85 17.22 18.06
N GLY B 308 -4.76 16.35 18.48
CA GLY B 308 -6.17 16.49 18.11
C GLY B 308 -6.52 16.41 16.64
N ASP B 309 -7.57 17.12 16.26
CA ASP B 309 -8.06 17.13 14.88
C ASP B 309 -7.02 17.57 13.85
N ALA B 310 -6.10 18.43 14.25
CA ALA B 310 -5.07 18.93 13.33
C ALA B 310 -4.02 17.88 13.01
N ALA B 311 -3.91 16.88 13.89
CA ALA B 311 -2.92 15.83 13.72
C ALA B 311 -3.40 14.58 13.00
N ARG B 312 -4.59 14.09 13.34
CA ARG B 312 -5.07 12.86 12.70
C ARG B 312 -6.44 12.42 13.17
N PRO B 313 -7.13 11.61 12.36
CA PRO B 313 -8.46 11.12 12.76
C PRO B 313 -8.17 9.97 13.72
N PRO B 314 -9.17 9.52 14.50
CA PRO B 314 -10.54 10.04 14.50
C PRO B 314 -10.59 11.42 15.13
N LEU B 315 -11.50 12.24 14.63
CA LEU B 315 -11.65 13.61 15.12
C LEU B 315 -12.56 13.62 16.35
N LEU B 316 -12.00 13.17 17.48
CA LEU B 316 -12.74 13.09 18.72
C LEU B 316 -12.09 13.91 19.83
N ALA B 317 -12.91 14.40 20.75
CA ALA B 317 -12.46 15.24 21.86
C ALA B 317 -11.58 14.53 22.88
N HIS B 318 -12.06 13.40 23.42
CA HIS B 318 -11.26 12.68 24.41
C HIS B 318 -9.90 12.29 23.84
N LYS B 319 -9.85 12.04 22.53
CA LYS B 319 -8.60 11.66 21.88
C LYS B 319 -7.67 12.87 21.90
N ALA B 320 -8.20 14.03 21.53
CA ALA B 320 -7.44 15.26 21.50
C ALA B 320 -6.88 15.58 22.87
N MET B 321 -7.71 15.38 23.89
CA MET B 321 -7.34 15.62 25.28
C MET B 321 -6.15 14.76 25.69
N ARG B 322 -6.24 13.45 25.44
CA ARG B 322 -5.15 12.56 25.81
C ARG B 322 -3.89 12.93 25.02
N GLU B 323 -4.06 13.25 23.74
CA GLU B 323 -2.91 13.62 22.92
C GLU B 323 -2.23 14.87 23.47
N GLY B 324 -3.04 15.81 23.97
CA GLY B 324 -2.48 17.02 24.54
C GLY B 324 -1.63 16.70 25.75
N LEU B 325 -2.09 15.76 26.58
CA LEU B 325 -1.34 15.34 27.76
C LEU B 325 -0.02 14.70 27.35
N ILE B 326 -0.06 13.85 26.33
CA ILE B 326 1.15 13.18 25.87
C ILE B 326 2.18 14.18 25.37
N ALA B 327 1.75 15.08 24.50
CA ALA B 327 2.62 16.11 23.95
C ALA B 327 3.19 17.01 25.06
N ALA B 328 2.36 17.33 26.04
CA ALA B 328 2.81 18.19 27.14
C ALA B 328 3.88 17.48 27.97
N GLU B 329 3.62 16.22 28.29
CA GLU B 329 4.54 15.43 29.08
C GLU B 329 5.91 15.31 28.41
N ASN B 330 5.91 15.07 27.10
CA ASN B 330 7.17 14.95 26.38
C ASN B 330 7.89 16.29 26.29
N ALA B 331 7.12 17.37 26.15
CA ALA B 331 7.71 18.70 26.08
C ALA B 331 8.36 18.97 27.44
N ALA B 332 7.81 18.34 28.47
CA ALA B 332 8.32 18.49 29.83
C ALA B 332 9.50 17.58 30.14
N GLY B 333 9.91 16.77 29.17
CA GLY B 333 11.04 15.88 29.37
C GLY B 333 10.71 14.42 29.61
N LYS B 334 9.42 14.12 29.81
CA LYS B 334 9.01 12.74 30.05
C LYS B 334 9.08 11.91 28.78
N ASP B 335 8.84 10.61 28.93
CA ASP B 335 8.87 9.68 27.80
C ASP B 335 7.49 9.04 27.67
N SER B 336 6.53 9.82 27.17
CA SER B 336 5.16 9.35 26.99
C SER B 336 4.85 9.02 25.53
N ALA B 337 3.81 8.22 25.34
CA ALA B 337 3.40 7.83 23.99
C ALA B 337 1.92 7.48 23.96
N PHE B 338 1.28 7.78 22.84
CA PHE B 338 -0.14 7.48 22.69
C PHE B 338 -0.29 6.10 22.08
N ASP B 339 -0.90 5.21 22.85
CA ASP B 339 -1.12 3.84 22.42
C ASP B 339 -2.31 3.35 23.24
N TYR B 340 -3.47 3.97 22.99
CA TYR B 340 -4.68 3.63 23.73
C TYR B 340 -5.86 3.27 22.84
N GLN B 341 -6.84 2.62 23.44
CA GLN B 341 -8.06 2.24 22.75
C GLN B 341 -8.89 3.52 22.80
N VAL B 342 -9.41 3.96 21.66
CA VAL B 342 -10.21 5.17 21.63
C VAL B 342 -11.65 4.84 21.27
N PRO B 343 -12.56 5.03 22.24
CA PRO B 343 -13.97 4.73 21.95
C PRO B 343 -14.60 5.85 21.13
N SER B 344 -15.75 5.56 20.55
CA SER B 344 -16.50 6.54 19.78
C SER B 344 -17.94 6.43 20.24
N VAL B 345 -18.61 7.56 20.40
CA VAL B 345 -19.99 7.58 20.87
C VAL B 345 -20.86 8.47 20.00
N VAL B 346 -22.11 8.04 19.81
CA VAL B 346 -23.08 8.83 19.05
C VAL B 346 -24.17 9.06 20.09
N TYR B 347 -24.44 10.32 20.41
CA TYR B 347 -25.42 10.64 21.45
C TYR B 347 -26.88 10.71 21.05
N THR B 348 -27.25 9.94 20.03
CA THR B 348 -28.62 9.86 19.59
C THR B 348 -29.35 9.02 20.63
N SER B 349 -30.65 8.82 20.44
CA SER B 349 -31.45 7.99 21.34
C SER B 349 -32.16 6.99 20.43
N PRO B 350 -31.79 5.70 20.52
CA PRO B 350 -30.77 5.18 21.43
C PRO B 350 -29.36 5.66 21.06
N GLU B 351 -28.42 5.58 22.01
CA GLU B 351 -27.05 5.99 21.75
C GLU B 351 -26.33 4.82 21.10
N TRP B 352 -25.20 5.11 20.47
CA TRP B 352 -24.37 4.07 19.86
C TRP B 352 -22.98 4.30 20.42
N ALA B 353 -22.26 3.22 20.71
CA ALA B 353 -20.91 3.35 21.23
C ALA B 353 -20.08 2.15 20.82
N GLY B 354 -18.79 2.39 20.58
CA GLY B 354 -17.91 1.31 20.17
C GLY B 354 -16.46 1.57 20.49
N VAL B 355 -15.73 0.48 20.75
CA VAL B 355 -14.32 0.55 21.04
C VAL B 355 -13.72 -0.79 20.66
N GLY B 356 -12.48 -0.77 20.17
CA GLY B 356 -11.85 -2.01 19.78
C GLY B 356 -12.11 -2.40 18.34
N LEU B 357 -11.95 -3.68 18.05
CA LEU B 357 -12.10 -4.20 16.69
C LEU B 357 -13.48 -4.72 16.32
N THR B 358 -13.92 -4.38 15.10
CA THR B 358 -15.19 -4.86 14.59
C THR B 358 -14.92 -6.30 14.17
N GLU B 359 -15.96 -7.05 13.85
CA GLU B 359 -15.78 -8.43 13.41
C GLU B 359 -14.84 -8.53 12.21
N GLU B 360 -14.97 -7.60 11.26
CA GLU B 360 -14.13 -7.60 10.08
C GLU B 360 -12.67 -7.29 10.40
N GLU B 361 -12.44 -6.27 11.21
CA GLU B 361 -11.08 -5.89 11.59
C GLU B 361 -10.39 -7.02 12.35
N ALA B 362 -11.12 -7.67 13.25
CA ALA B 362 -10.55 -8.77 14.02
C ALA B 362 -10.10 -9.87 13.07
N LYS B 363 -10.98 -10.24 12.14
CA LYS B 363 -10.67 -11.29 11.17
C LYS B 363 -9.42 -10.93 10.36
N ARG B 364 -9.36 -9.68 9.91
CA ARG B 364 -8.22 -9.21 9.13
C ARG B 364 -6.95 -9.26 9.97
N ALA B 365 -7.11 -9.05 11.27
CA ALA B 365 -5.98 -9.07 12.19
C ALA B 365 -5.50 -10.49 12.44
N GLY B 366 -6.23 -11.47 11.92
CA GLY B 366 -5.83 -12.86 12.08
C GLY B 366 -6.42 -13.63 13.25
N TYR B 367 -7.40 -13.05 13.95
CA TYR B 367 -8.02 -13.73 15.09
C TYR B 367 -9.10 -14.71 14.67
N LYS B 368 -9.36 -15.69 15.53
CA LYS B 368 -10.41 -16.66 15.28
C LYS B 368 -11.61 -15.98 15.93
N VAL B 369 -12.30 -15.18 15.14
CA VAL B 369 -13.44 -14.40 15.61
C VAL B 369 -14.66 -15.17 16.10
N LYS B 370 -15.17 -14.73 17.25
CA LYS B 370 -16.35 -15.30 17.87
C LYS B 370 -17.09 -14.11 18.50
N VAL B 371 -18.41 -14.17 18.53
CA VAL B 371 -19.20 -13.07 19.08
C VAL B 371 -20.24 -13.47 20.12
N GLY B 372 -20.62 -12.50 20.94
CA GLY B 372 -21.64 -12.71 21.95
C GLY B 372 -22.59 -11.54 21.81
N LYS B 373 -23.90 -11.80 21.82
CA LYS B 373 -24.89 -10.74 21.67
C LYS B 373 -25.98 -10.80 22.74
N PHE B 374 -26.42 -9.65 23.22
CA PHE B 374 -27.47 -9.60 24.22
C PHE B 374 -28.40 -8.44 23.90
N PRO B 375 -29.70 -8.74 23.65
CA PRO B 375 -30.72 -7.73 23.33
C PRO B 375 -31.28 -7.06 24.57
N LEU B 376 -31.60 -5.77 24.45
CA LEU B 376 -32.14 -5.02 25.56
C LEU B 376 -33.54 -5.45 25.94
N ALA B 377 -34.22 -6.11 25.02
CA ALA B 377 -35.58 -6.60 25.29
C ALA B 377 -35.60 -7.51 26.50
N ALA B 378 -34.45 -8.13 26.79
CA ALA B 378 -34.34 -9.04 27.92
C ALA B 378 -33.78 -8.37 29.17
N SER B 379 -33.78 -7.03 29.17
CA SER B 379 -33.26 -6.25 30.29
C SER B 379 -34.34 -5.68 31.22
N GLY B 380 -34.28 -6.05 32.48
CA GLY B 380 -35.24 -5.55 33.44
C GLY B 380 -35.11 -4.05 33.60
N ARG B 381 -33.87 -3.56 33.61
CA ARG B 381 -33.63 -2.13 33.77
C ARG B 381 -34.22 -1.34 32.59
N ALA B 382 -34.02 -1.85 31.38
CA ALA B 382 -34.54 -1.18 30.19
C ALA B 382 -36.05 -1.03 30.31
N LEU B 383 -36.70 -2.08 30.82
CA LEU B 383 -38.15 -2.05 30.97
C LEU B 383 -38.57 -0.99 31.98
N THR B 384 -37.85 -0.87 33.09
CA THR B 384 -38.19 0.12 34.12
C THR B 384 -37.94 1.55 33.67
N LEU B 385 -37.21 1.71 32.57
CA LEU B 385 -36.91 3.04 32.04
C LEU B 385 -37.87 3.44 30.93
N GLY B 386 -38.91 2.63 30.72
CA GLY B 386 -39.88 2.95 29.69
C GLY B 386 -39.89 2.03 28.49
N GLY B 387 -38.98 1.07 28.44
CA GLY B 387 -38.96 0.15 27.31
C GLY B 387 -37.64 0.01 26.60
N ALA B 388 -37.17 -1.23 26.51
CA ALA B 388 -35.89 -1.53 25.85
C ALA B 388 -35.83 -1.02 24.43
N GLU B 389 -34.67 -1.22 23.80
CA GLU B 389 -34.42 -0.80 22.43
C GLU B 389 -32.90 -0.77 22.18
N GLY B 390 -32.31 -1.93 21.91
CA GLY B 390 -30.88 -1.96 21.67
C GLY B 390 -30.24 -3.33 21.84
N MET B 391 -28.91 -3.34 21.86
CA MET B 391 -28.17 -4.58 22.02
C MET B 391 -26.71 -4.34 22.32
N VAL B 392 -26.06 -5.35 22.87
CA VAL B 392 -24.64 -5.29 23.16
C VAL B 392 -24.01 -6.44 22.39
N LYS B 393 -22.90 -6.16 21.73
CA LYS B 393 -22.20 -7.18 20.96
C LYS B 393 -20.75 -7.17 21.36
N VAL B 394 -20.24 -8.32 21.79
CA VAL B 394 -18.84 -8.42 22.17
C VAL B 394 -18.13 -9.27 21.14
N VAL B 395 -16.94 -8.83 20.73
CA VAL B 395 -16.12 -9.53 19.75
C VAL B 395 -14.86 -10.00 20.46
N GLY B 396 -14.52 -11.27 20.29
CA GLY B 396 -13.34 -11.82 20.94
C GLY B 396 -12.71 -12.98 20.19
N ASP B 397 -11.61 -13.50 20.71
CA ASP B 397 -10.93 -14.62 20.08
C ASP B 397 -11.39 -15.93 20.71
N GLU B 398 -11.95 -16.81 19.90
CA GLU B 398 -12.44 -18.08 20.41
C GLU B 398 -11.35 -18.98 20.99
N GLU B 399 -10.11 -18.73 20.61
CA GLU B 399 -9.01 -19.54 21.10
C GLU B 399 -8.37 -19.04 22.40
N THR B 400 -8.13 -17.74 22.51
CA THR B 400 -7.53 -17.17 23.70
C THR B 400 -8.56 -16.56 24.65
N ASP B 401 -9.77 -16.37 24.16
CA ASP B 401 -10.87 -15.79 24.93
C ASP B 401 -10.65 -14.30 25.21
N LEU B 402 -9.69 -13.71 24.51
CA LEU B 402 -9.38 -12.30 24.69
C LEU B 402 -10.48 -11.41 24.11
N LEU B 403 -10.83 -10.35 24.85
CA LEU B 403 -11.85 -9.43 24.36
C LEU B 403 -11.18 -8.53 23.32
N LEU B 404 -11.80 -8.42 22.16
CA LEU B 404 -11.24 -7.62 21.07
C LEU B 404 -11.99 -6.34 20.77
N GLY B 405 -13.31 -6.37 20.95
CA GLY B 405 -14.11 -5.19 20.69
C GLY B 405 -15.48 -5.26 21.30
N VAL B 406 -16.09 -4.10 21.53
CA VAL B 406 -17.42 -4.02 22.11
C VAL B 406 -18.23 -2.95 21.42
N PHE B 407 -19.47 -3.28 21.06
CA PHE B 407 -20.33 -2.32 20.40
C PHE B 407 -21.67 -2.35 21.10
N ILE B 408 -22.17 -1.16 21.42
CA ILE B 408 -23.42 -1.03 22.16
C ILE B 408 -24.37 -0.02 21.52
N VAL B 409 -25.66 -0.38 21.51
CA VAL B 409 -26.70 0.50 21.01
C VAL B 409 -27.80 0.41 22.05
N GLY B 410 -28.16 1.55 22.61
CA GLY B 410 -29.19 1.61 23.62
C GLY B 410 -28.97 2.81 24.51
N PRO B 411 -29.82 3.03 25.51
CA PRO B 411 -29.61 4.19 26.37
C PRO B 411 -28.32 4.08 27.17
N GLN B 412 -27.65 5.21 27.38
CA GLN B 412 -26.41 5.26 28.14
C GLN B 412 -25.26 4.47 27.52
N ALA B 413 -25.38 4.11 26.25
CA ALA B 413 -24.30 3.37 25.58
C ALA B 413 -22.97 4.09 25.78
N GLY B 414 -23.02 5.42 25.68
CA GLY B 414 -21.83 6.23 25.84
C GLY B 414 -21.16 6.09 27.20
N GLU B 415 -21.96 5.83 28.24
CA GLU B 415 -21.41 5.69 29.58
C GLU B 415 -20.87 4.29 29.81
N LEU B 416 -21.47 3.30 29.16
CA LEU B 416 -21.09 1.90 29.32
C LEU B 416 -19.82 1.50 28.57
N ILE B 417 -19.51 2.21 27.49
CA ILE B 417 -18.35 1.87 26.68
C ILE B 417 -17.02 2.08 27.42
N ALA B 418 -17.01 2.92 28.44
CA ALA B 418 -15.79 3.15 29.21
C ALA B 418 -15.34 1.86 29.88
N GLU B 419 -16.31 1.06 30.35
CA GLU B 419 -15.99 -0.21 31.00
C GLU B 419 -15.33 -1.13 29.97
N ALA B 420 -15.83 -1.05 28.73
CA ALA B 420 -15.28 -1.85 27.65
C ALA B 420 -13.87 -1.37 27.33
N ALA B 421 -13.68 -0.04 27.35
CA ALA B 421 -12.37 0.53 27.07
C ALA B 421 -11.38 0.04 28.12
N LEU B 422 -11.79 0.06 29.38
CA LEU B 422 -10.93 -0.40 30.47
C LEU B 422 -10.59 -1.88 30.29
N ALA B 423 -11.59 -2.68 29.98
CA ALA B 423 -11.40 -4.11 29.77
C ALA B 423 -10.31 -4.38 28.74
N LEU B 424 -10.37 -3.67 27.61
CA LEU B 424 -9.37 -3.84 26.56
C LEU B 424 -7.98 -3.43 27.03
N GLU B 425 -7.90 -2.29 27.72
CA GLU B 425 -6.61 -1.82 28.21
C GLU B 425 -6.01 -2.82 29.21
N MET B 426 -6.87 -3.41 30.05
CA MET B 426 -6.42 -4.37 31.07
C MET B 426 -6.19 -5.77 30.50
N GLY B 427 -6.44 -5.97 29.21
CA GLY B 427 -6.26 -7.27 28.60
C GLY B 427 -7.25 -8.31 29.12
N ALA B 428 -8.48 -7.88 29.35
CA ALA B 428 -9.52 -8.77 29.86
C ALA B 428 -9.99 -9.78 28.82
N THR B 429 -10.48 -10.91 29.31
CA THR B 429 -11.00 -11.97 28.46
C THR B 429 -12.52 -11.90 28.59
N LEU B 430 -13.24 -12.62 27.74
CA LEU B 430 -14.69 -12.63 27.83
C LEU B 430 -15.11 -13.17 29.19
N THR B 431 -14.32 -14.08 29.74
CA THR B 431 -14.66 -14.64 31.04
C THR B 431 -14.47 -13.62 32.15
N ASP B 432 -13.46 -12.76 32.05
CA ASP B 432 -13.25 -11.73 33.06
C ASP B 432 -14.47 -10.82 33.14
N LEU B 433 -14.99 -10.47 31.96
CA LEU B 433 -16.16 -9.61 31.88
C LEU B 433 -17.41 -10.31 32.41
N ALA B 434 -17.59 -11.57 32.01
CA ALA B 434 -18.74 -12.35 32.46
C ALA B 434 -18.70 -12.58 33.97
N LEU B 435 -17.49 -12.70 34.52
CA LEU B 435 -17.35 -12.94 35.96
C LEU B 435 -17.32 -11.69 36.83
N THR B 436 -17.37 -10.52 36.22
CA THR B 436 -17.41 -9.30 37.01
C THR B 436 -18.87 -9.16 37.41
N VAL B 437 -19.13 -8.90 38.68
CA VAL B 437 -20.50 -8.78 39.16
C VAL B 437 -21.08 -7.39 38.92
N HIS B 438 -21.86 -7.27 37.85
CA HIS B 438 -22.50 -6.01 37.51
C HIS B 438 -23.75 -5.85 38.36
N PRO B 439 -24.03 -4.62 38.81
CA PRO B 439 -25.21 -4.39 39.64
C PRO B 439 -26.53 -4.67 38.92
N HIS B 440 -27.50 -5.20 39.67
CA HIS B 440 -28.82 -5.51 39.12
C HIS B 440 -29.85 -4.67 39.88
N PRO B 441 -30.75 -4.00 39.15
CA PRO B 441 -30.83 -4.00 37.70
C PRO B 441 -30.16 -2.78 37.10
N THR B 442 -29.33 -2.99 36.07
CA THR B 442 -28.67 -1.88 35.39
C THR B 442 -28.47 -2.22 33.93
N LEU B 443 -28.29 -1.19 33.11
CA LEU B 443 -28.06 -1.40 31.69
C LEU B 443 -26.70 -2.04 31.48
N SER B 444 -25.76 -1.78 32.39
CA SER B 444 -24.40 -2.33 32.30
C SER B 444 -24.41 -3.86 32.27
N GLU B 445 -25.44 -4.47 32.85
CA GLU B 445 -25.55 -5.93 32.85
C GLU B 445 -25.53 -6.53 31.44
N SER B 446 -25.95 -5.75 30.46
CA SER B 446 -25.98 -6.25 29.10
C SER B 446 -24.59 -6.64 28.60
N LEU B 447 -23.56 -5.97 29.11
CA LEU B 447 -22.20 -6.28 28.71
C LEU B 447 -21.81 -7.62 29.33
N MET B 448 -22.20 -7.82 30.59
CA MET B 448 -21.92 -9.05 31.32
C MET B 448 -22.62 -10.23 30.67
N GLU B 449 -23.87 -10.06 30.28
CA GLU B 449 -24.64 -11.14 29.66
C GLU B 449 -24.22 -11.41 28.22
N ALA B 450 -23.73 -10.38 27.52
CA ALA B 450 -23.26 -10.58 26.16
C ALA B 450 -22.04 -11.49 26.26
N ALA B 451 -21.26 -11.27 27.32
CA ALA B 451 -20.07 -12.08 27.57
C ALA B 451 -20.50 -13.52 27.90
N GLU B 452 -21.60 -13.67 28.63
CA GLU B 452 -22.14 -14.99 28.98
C GLU B 452 -22.60 -15.67 27.68
N ALA B 453 -23.29 -14.89 26.83
CA ALA B 453 -23.79 -15.38 25.56
C ALA B 453 -22.67 -15.86 24.64
N PHE B 454 -21.52 -15.20 24.71
CA PHE B 454 -20.34 -15.55 23.92
C PHE B 454 -19.97 -17.01 24.23
N HIS B 455 -20.21 -17.43 25.47
CA HIS B 455 -19.92 -18.79 25.90
C HIS B 455 -21.18 -19.64 25.96
N LYS B 456 -22.22 -19.19 25.26
CA LYS B 456 -23.49 -19.90 25.18
C LYS B 456 -24.17 -20.20 26.51
N GLN B 457 -23.95 -19.34 27.51
CA GLN B 457 -24.59 -19.58 28.81
C GLN B 457 -25.28 -18.35 29.42
N ALA B 458 -25.78 -17.45 28.57
CA ALA B 458 -26.49 -16.27 29.07
C ALA B 458 -27.72 -16.79 29.79
N ILE B 459 -28.12 -16.11 30.86
CA ILE B 459 -29.26 -16.53 31.67
C ILE B 459 -30.61 -16.00 31.19
N HIS B 460 -30.67 -14.72 30.86
CA HIS B 460 -31.94 -14.11 30.46
C HIS B 460 -32.38 -14.26 29.01
N ILE B 461 -31.66 -15.06 28.24
CA ILE B 461 -32.07 -15.32 26.86
C ILE B 461 -31.75 -16.77 26.58
N LEU B 462 -32.51 -17.38 25.67
CA LEU B 462 -32.26 -18.76 25.32
C LEU B 462 -31.04 -18.77 24.43
N ASN B 463 -30.10 -19.68 24.72
CA ASN B 463 -28.87 -19.77 23.94
C ASN B 463 -29.04 -20.74 22.77
N PRO C 1 -4.54 -8.17 42.74
CA PRO C 1 -5.05 -9.56 42.64
C PRO C 1 -5.13 -10.04 41.19
N ALA C 2 -5.50 -11.30 41.00
CA ALA C 2 -5.59 -11.87 39.66
C ALA C 2 -6.99 -11.72 39.08
N ALA C 3 -7.05 -11.63 37.76
CA ALA C 3 -8.31 -11.49 37.05
C ALA C 3 -9.21 -12.70 37.29
N PRO C 4 -10.55 -12.50 37.26
CA PRO C 4 -11.52 -13.57 37.48
C PRO C 4 -11.23 -14.85 36.70
N SER C 5 -10.89 -14.70 35.42
CA SER C 5 -10.61 -15.84 34.55
C SER C 5 -9.42 -16.66 35.01
N ILE C 6 -8.41 -15.98 35.54
CA ILE C 6 -7.21 -16.64 36.04
C ILE C 6 -7.51 -17.34 37.36
N ARG C 7 -8.29 -16.69 38.21
CA ARG C 7 -8.64 -17.27 39.49
C ARG C 7 -9.48 -18.52 39.25
N ARG C 8 -10.40 -18.45 38.28
CA ARG C 8 -11.26 -19.58 37.96
C ARG C 8 -10.44 -20.72 37.35
N LEU C 9 -9.53 -20.38 36.44
CA LEU C 9 -8.70 -21.40 35.79
C LEU C 9 -7.85 -22.11 36.84
N ALA C 10 -7.35 -21.37 37.82
CA ALA C 10 -6.52 -21.96 38.87
C ALA C 10 -7.30 -23.01 39.67
N ARG C 11 -8.56 -22.73 39.95
CA ARG C 11 -9.40 -23.67 40.69
C ARG C 11 -9.60 -24.91 39.83
N GLU C 12 -9.84 -24.70 38.55
CA GLU C 12 -10.06 -25.79 37.63
C GLU C 12 -8.85 -26.71 37.54
N LEU C 13 -7.67 -26.11 37.42
CA LEU C 13 -6.42 -26.87 37.31
C LEU C 13 -5.79 -27.29 38.63
N GLY C 14 -6.43 -26.94 39.75
CA GLY C 14 -5.91 -27.29 41.06
C GLY C 14 -4.62 -26.57 41.40
N VAL C 15 -4.49 -25.34 40.92
CA VAL C 15 -3.29 -24.55 41.17
C VAL C 15 -3.59 -23.54 42.27
N ASP C 16 -2.67 -23.41 43.23
CA ASP C 16 -2.83 -22.48 44.33
C ASP C 16 -2.11 -21.19 43.95
N LEU C 17 -2.86 -20.15 43.60
CA LEU C 17 -2.25 -18.89 43.19
C LEU C 17 -1.33 -18.26 44.24
N THR C 18 -1.62 -18.46 45.52
CA THR C 18 -0.79 -17.86 46.57
C THR C 18 0.62 -18.44 46.62
N ARG C 19 0.84 -19.54 45.90
CA ARG C 19 2.16 -20.16 45.86
C ARG C 19 2.91 -19.79 44.60
N LEU C 20 2.27 -19.01 43.73
CA LEU C 20 2.87 -18.62 42.46
C LEU C 20 3.40 -17.20 42.42
N ARG C 21 4.40 -16.99 41.57
CA ARG C 21 5.00 -15.69 41.36
C ARG C 21 4.70 -15.35 39.90
N GLY C 22 3.83 -14.38 39.66
CA GLY C 22 3.49 -13.99 38.31
C GLY C 22 4.69 -13.48 37.51
N THR C 23 4.69 -13.74 36.21
CA THR C 23 5.76 -13.30 35.34
C THR C 23 5.27 -12.16 34.45
N GLY C 24 4.05 -11.69 34.72
CA GLY C 24 3.47 -10.62 33.96
C GLY C 24 4.07 -9.27 34.32
N LEU C 25 3.50 -8.20 33.76
CA LEU C 25 3.98 -6.84 34.01
C LEU C 25 4.59 -6.60 35.38
N ALA C 26 3.75 -6.25 36.36
CA ALA C 26 4.23 -5.99 37.71
C ALA C 26 4.03 -7.20 38.61
N GLY C 27 4.44 -8.37 38.13
CA GLY C 27 4.27 -9.58 38.91
C GLY C 27 2.90 -10.17 38.68
N ARG C 28 2.20 -9.65 37.69
CA ARG C 28 0.85 -10.12 37.37
C ARG C 28 0.88 -11.60 36.95
N ILE C 29 -0.02 -12.38 37.51
CA ILE C 29 -0.09 -13.80 37.17
C ILE C 29 -0.80 -13.95 35.83
N THR C 30 -0.14 -14.64 34.89
CA THR C 30 -0.72 -14.84 33.56
C THR C 30 -1.36 -16.21 33.47
N GLU C 31 -2.13 -16.43 32.40
CA GLU C 31 -2.79 -17.71 32.21
C GLU C 31 -1.72 -18.79 32.06
N GLU C 32 -0.66 -18.46 31.32
CA GLU C 32 0.42 -19.42 31.12
C GLU C 32 1.13 -19.72 32.44
N ASP C 33 1.14 -18.76 33.35
CA ASP C 33 1.76 -18.98 34.65
C ASP C 33 0.98 -20.10 35.34
N VAL C 34 -0.34 -20.03 35.26
CA VAL C 34 -1.18 -21.04 35.89
C VAL C 34 -0.99 -22.40 35.23
N ARG C 35 -1.03 -22.42 33.90
CA ARG C 35 -0.88 -23.67 33.16
C ARG C 35 0.50 -24.28 33.39
N ARG C 36 1.51 -23.43 33.50
CA ARG C 36 2.87 -23.92 33.73
C ARG C 36 2.96 -24.60 35.09
N ALA C 37 2.35 -23.97 36.10
CA ALA C 37 2.36 -24.53 37.45
C ALA C 37 1.53 -25.80 37.57
N ALA C 38 0.49 -25.90 36.75
CA ALA C 38 -0.40 -27.06 36.78
C ALA C 38 0.24 -28.40 36.42
N GLY C 39 1.24 -28.39 35.56
CA GLY C 39 1.86 -29.66 35.21
C GLY C 39 3.28 -29.56 34.71
N MET D 4 3.46 -49.33 -21.71
CA MET D 4 4.43 -48.38 -21.12
C MET D 4 5.19 -47.65 -22.23
N LYS D 5 4.78 -46.42 -22.51
CA LYS D 5 5.42 -45.62 -23.56
C LYS D 5 6.84 -45.20 -23.15
N THR D 6 7.81 -45.53 -23.99
CA THR D 6 9.21 -45.17 -23.73
C THR D 6 9.78 -44.32 -24.86
N TYR D 7 10.76 -43.49 -24.53
CA TYR D 7 11.41 -42.62 -25.50
C TYR D 7 12.89 -42.53 -25.20
N ASP D 8 13.63 -41.84 -26.07
CA ASP D 8 15.05 -41.63 -25.84
C ASP D 8 15.16 -40.50 -24.81
N LEU D 9 14.24 -39.54 -24.91
CA LEU D 9 14.26 -38.39 -24.03
C LEU D 9 12.89 -37.79 -23.76
N ILE D 10 12.70 -37.36 -22.52
CA ILE D 10 11.47 -36.71 -22.12
C ILE D 10 11.91 -35.36 -21.56
N VAL D 11 11.36 -34.30 -22.14
CA VAL D 11 11.68 -32.95 -21.71
C VAL D 11 10.44 -32.41 -21.02
N ILE D 12 10.60 -31.98 -19.77
CA ILE D 12 9.48 -31.42 -19.04
C ILE D 12 9.55 -29.91 -19.12
N GLY D 13 8.61 -29.34 -19.86
CA GLY D 13 8.54 -27.89 -20.06
C GLY D 13 8.91 -27.50 -21.49
N THR D 14 8.13 -26.60 -22.09
CA THR D 14 8.41 -26.15 -23.46
C THR D 14 8.75 -24.66 -23.54
N GLY D 15 9.37 -24.13 -22.50
CA GLY D 15 9.77 -22.74 -22.54
C GLY D 15 11.05 -22.68 -23.37
N PRO D 16 11.75 -21.54 -23.40
CA PRO D 16 12.99 -21.38 -24.17
C PRO D 16 13.96 -22.55 -24.00
N GLY D 17 14.19 -22.97 -22.76
CA GLY D 17 15.10 -24.08 -22.52
C GLY D 17 14.55 -25.39 -23.06
N GLY D 18 13.35 -25.73 -22.62
CA GLY D 18 12.71 -26.97 -23.04
C GLY D 18 12.53 -27.18 -24.52
N TYR D 19 11.97 -26.21 -25.24
CA TYR D 19 11.76 -26.42 -26.66
C TYR D 19 13.08 -26.45 -27.43
N HIS D 20 14.10 -25.79 -26.89
CA HIS D 20 15.42 -25.83 -27.53
C HIS D 20 16.02 -27.22 -27.33
N ALA D 21 15.85 -27.78 -26.13
CA ALA D 21 16.37 -29.10 -25.82
C ALA D 21 15.68 -30.16 -26.68
N ALA D 22 14.35 -30.03 -26.79
CA ALA D 22 13.56 -30.98 -27.57
C ALA D 22 13.97 -30.99 -29.04
N ILE D 23 14.05 -29.80 -29.63
CA ILE D 23 14.44 -29.68 -31.04
C ILE D 23 15.88 -30.13 -31.32
N ARG D 24 16.83 -29.67 -30.52
CA ARG D 24 18.22 -30.06 -30.74
C ARG D 24 18.37 -31.58 -30.61
N ALA D 25 17.69 -32.16 -29.62
CA ALA D 25 17.75 -33.60 -29.41
C ALA D 25 17.14 -34.33 -30.61
N ALA D 26 16.06 -33.78 -31.15
CA ALA D 26 15.40 -34.38 -32.31
C ALA D 26 16.35 -34.30 -33.50
N GLN D 27 17.03 -33.16 -33.65
CA GLN D 27 17.97 -32.98 -34.76
C GLN D 27 19.09 -34.01 -34.69
N LEU D 28 19.44 -34.40 -33.47
CA LEU D 28 20.50 -35.39 -33.26
C LEU D 28 20.00 -36.82 -33.38
N GLY D 29 18.73 -36.97 -33.76
CA GLY D 29 18.16 -38.29 -33.95
C GLY D 29 17.43 -38.97 -32.80
N LEU D 30 17.16 -38.27 -31.71
CA LEU D 30 16.47 -38.89 -30.58
C LEU D 30 14.96 -38.87 -30.73
N LYS D 31 14.30 -39.86 -30.13
CA LYS D 31 12.84 -39.94 -30.13
C LYS D 31 12.49 -39.15 -28.88
N VAL D 32 11.88 -37.99 -29.06
CA VAL D 32 11.56 -37.11 -27.95
C VAL D 32 10.10 -36.88 -27.63
N LEU D 33 9.82 -36.79 -26.34
CA LEU D 33 8.48 -36.49 -25.84
C LEU D 33 8.67 -35.20 -25.04
N ALA D 34 7.87 -34.18 -25.36
CA ALA D 34 7.93 -32.91 -24.64
C ALA D 34 6.61 -32.76 -23.90
N VAL D 35 6.67 -32.45 -22.61
CA VAL D 35 5.47 -32.30 -21.79
C VAL D 35 5.29 -30.84 -21.39
N GLU D 36 4.08 -30.33 -21.54
CA GLU D 36 3.78 -28.94 -21.19
C GLU D 36 2.45 -28.84 -20.43
N ALA D 37 2.52 -28.30 -19.22
CA ALA D 37 1.35 -28.16 -18.37
C ALA D 37 0.46 -26.97 -18.74
N GLY D 38 1.03 -25.99 -19.44
CA GLY D 38 0.26 -24.83 -19.83
C GLY D 38 0.44 -24.44 -21.28
N GLU D 39 0.72 -23.16 -21.52
CA GLU D 39 0.91 -22.67 -22.87
C GLU D 39 2.31 -22.99 -23.40
N VAL D 40 2.36 -23.49 -24.62
CA VAL D 40 3.63 -23.82 -25.25
C VAL D 40 4.43 -22.52 -25.41
N GLY D 41 5.73 -22.60 -25.18
CA GLY D 41 6.56 -21.41 -25.30
C GLY D 41 7.06 -20.87 -23.98
N GLY D 42 6.46 -21.32 -22.88
CA GLY D 42 6.88 -20.87 -21.57
C GLY D 42 6.60 -19.42 -21.23
N VAL D 43 7.26 -18.95 -20.18
CA VAL D 43 7.10 -17.59 -19.68
C VAL D 43 7.54 -16.52 -20.70
N CYS D 44 8.73 -16.70 -21.27
CA CYS D 44 9.25 -15.73 -22.23
C CYS D 44 8.29 -15.39 -23.37
N LEU D 45 7.74 -16.39 -24.03
CA LEU D 45 6.81 -16.13 -25.13
C LEU D 45 5.39 -15.73 -24.72
N ASN D 46 4.93 -16.23 -23.59
CA ASN D 46 3.58 -15.97 -23.12
C ASN D 46 3.33 -14.80 -22.17
N VAL D 47 4.09 -14.74 -21.09
CA VAL D 47 3.90 -13.67 -20.11
C VAL D 47 5.19 -13.02 -19.67
N GLY D 48 6.23 -13.13 -20.52
CA GLY D 48 7.50 -12.55 -20.15
C GLY D 48 8.11 -11.65 -21.22
N CYS D 49 9.21 -12.10 -21.78
CA CYS D 49 9.93 -11.35 -22.80
C CYS D 49 9.08 -10.72 -23.90
N ILE D 50 8.46 -11.60 -24.68
CA ILE D 50 7.67 -11.19 -25.82
C ILE D 50 6.58 -10.14 -25.58
N PRO D 51 5.57 -10.45 -24.73
CA PRO D 51 4.54 -9.43 -24.50
C PRO D 51 5.08 -8.14 -23.90
N THR D 52 6.11 -8.25 -23.06
CA THR D 52 6.71 -7.07 -22.45
C THR D 52 7.41 -6.23 -23.50
N LYS D 53 8.17 -6.86 -24.38
CA LYS D 53 8.87 -6.15 -25.44
C LYS D 53 7.89 -5.50 -26.42
N ALA D 54 6.77 -6.17 -26.69
CA ALA D 54 5.78 -5.64 -27.59
C ALA D 54 5.20 -4.35 -26.98
N LEU D 55 4.89 -4.39 -25.70
CA LEU D 55 4.36 -3.21 -25.01
C LEU D 55 5.38 -2.07 -25.01
N LEU D 56 6.64 -2.38 -24.69
CA LEU D 56 7.69 -1.37 -24.68
C LEU D 56 7.85 -0.69 -26.04
N HIS D 57 7.70 -1.46 -27.11
CA HIS D 57 7.84 -0.91 -28.45
C HIS D 57 6.71 0.08 -28.73
N ALA D 58 5.49 -0.31 -28.40
CA ALA D 58 4.34 0.56 -28.61
C ALA D 58 4.55 1.84 -27.81
N ALA D 59 4.98 1.68 -26.57
CA ALA D 59 5.22 2.81 -25.67
C ALA D 59 6.32 3.75 -26.19
N GLU D 60 7.36 3.18 -26.77
CA GLU D 60 8.46 3.97 -27.32
C GLU D 60 8.03 4.69 -28.59
N THR D 61 7.20 4.02 -29.40
CA THR D 61 6.72 4.62 -30.64
C THR D 61 5.90 5.87 -30.28
N LEU D 62 5.03 5.74 -29.29
CA LEU D 62 4.19 6.84 -28.84
C LEU D 62 5.06 7.95 -28.26
N HIS D 63 5.94 7.58 -27.32
CA HIS D 63 6.84 8.52 -26.65
C HIS D 63 7.72 9.36 -27.57
N HIS D 64 8.34 8.72 -28.56
CA HIS D 64 9.23 9.43 -29.48
C HIS D 64 8.53 10.47 -30.34
N LEU D 65 7.21 10.38 -30.44
CA LEU D 65 6.47 11.34 -31.25
C LEU D 65 6.59 12.75 -30.66
N LYS D 66 6.87 12.82 -29.36
CA LYS D 66 7.06 14.10 -28.67
C LYS D 66 8.31 14.76 -29.24
N VAL D 67 9.42 14.02 -29.21
CA VAL D 67 10.68 14.53 -29.73
C VAL D 67 10.54 14.79 -31.23
N ALA D 68 9.72 13.98 -31.89
CA ALA D 68 9.51 14.13 -33.33
C ALA D 68 8.88 15.48 -33.70
N GLU D 69 8.19 16.11 -32.76
CA GLU D 69 7.59 17.41 -33.04
C GLU D 69 8.73 18.37 -33.38
N GLY D 70 9.89 18.09 -32.79
CA GLY D 70 11.08 18.91 -33.03
C GLY D 70 11.53 18.92 -34.47
N PHE D 71 11.23 17.87 -35.23
CA PHE D 71 11.61 17.89 -36.64
C PHE D 71 10.41 17.98 -37.59
N GLY D 72 9.36 18.65 -37.12
CA GLY D 72 8.19 18.87 -37.94
C GLY D 72 7.06 17.86 -37.98
N LEU D 73 7.17 16.77 -37.22
CA LEU D 73 6.12 15.76 -37.25
C LEU D 73 5.03 16.14 -36.25
N LYS D 74 3.89 16.58 -36.77
CA LYS D 74 2.78 16.96 -35.91
C LYS D 74 1.65 15.97 -36.08
N ALA D 75 1.42 15.20 -35.02
CA ALA D 75 0.36 14.22 -35.02
C ALA D 75 -0.34 14.34 -33.67
N LYS D 76 -1.60 13.94 -33.63
CA LYS D 76 -2.35 13.98 -32.39
C LYS D 76 -2.56 12.51 -32.05
N PRO D 77 -1.48 11.83 -31.63
CA PRO D 77 -1.52 10.42 -31.26
C PRO D 77 -2.45 10.09 -30.12
N GLU D 78 -3.24 9.03 -30.33
CA GLU D 78 -4.20 8.55 -29.34
C GLU D 78 -4.04 7.03 -29.36
N LEU D 79 -3.55 6.48 -28.26
CA LEU D 79 -3.32 5.03 -28.15
C LEU D 79 -4.48 4.25 -27.54
N ASP D 80 -5.08 3.38 -28.35
CA ASP D 80 -6.20 2.54 -27.93
C ASP D 80 -5.64 1.31 -27.22
N LEU D 81 -5.77 1.28 -25.90
CA LEU D 81 -5.25 0.18 -25.10
C LEU D 81 -5.86 -1.19 -25.46
N LYS D 82 -7.13 -1.20 -25.82
CA LYS D 82 -7.79 -2.45 -26.20
C LYS D 82 -7.12 -3.01 -27.44
N LYS D 83 -6.86 -2.13 -28.40
CA LYS D 83 -6.20 -2.53 -29.65
C LYS D 83 -4.77 -2.97 -29.37
N LEU D 84 -4.11 -2.28 -28.44
CA LEU D 84 -2.74 -2.61 -28.06
C LEU D 84 -2.71 -4.02 -27.47
N GLY D 85 -3.65 -4.29 -26.57
CA GLY D 85 -3.72 -5.60 -25.95
C GLY D 85 -3.88 -6.70 -26.99
N GLY D 86 -4.74 -6.45 -27.98
CA GLY D 86 -4.97 -7.41 -29.04
C GLY D 86 -3.76 -7.71 -29.88
N TRP D 87 -2.99 -6.68 -30.21
CA TRP D 87 -1.79 -6.88 -31.01
C TRP D 87 -0.81 -7.72 -30.20
N ARG D 88 -0.66 -7.37 -28.93
CA ARG D 88 0.22 -8.11 -28.03
C ARG D 88 -0.19 -9.59 -28.07
N ASP D 89 -1.49 -9.84 -27.95
CA ASP D 89 -2.02 -11.21 -27.99
C ASP D 89 -1.68 -11.90 -29.31
N GLN D 90 -1.76 -11.14 -30.41
CA GLN D 90 -1.47 -11.66 -31.73
C GLN D 90 0.00 -12.08 -31.84
N VAL D 91 0.90 -11.23 -31.37
CA VAL D 91 2.34 -11.55 -31.42
C VAL D 91 2.62 -12.83 -30.65
N VAL D 92 2.08 -12.92 -29.44
CA VAL D 92 2.27 -14.09 -28.60
C VAL D 92 1.75 -15.37 -29.26
N LYS D 93 0.53 -15.31 -29.79
CA LYS D 93 -0.07 -16.47 -30.43
C LYS D 93 0.72 -16.94 -31.66
N LYS D 94 1.24 -15.98 -32.42
CA LYS D 94 2.02 -16.30 -33.61
C LYS D 94 3.29 -17.05 -33.22
N LEU D 95 3.98 -16.55 -32.20
CA LEU D 95 5.21 -17.19 -31.74
C LEU D 95 4.97 -18.54 -31.06
N THR D 96 4.01 -18.61 -30.14
CA THR D 96 3.72 -19.87 -29.47
C THR D 96 3.28 -20.92 -30.49
N GLY D 97 2.50 -20.49 -31.48
CA GLY D 97 2.05 -21.41 -32.50
C GLY D 97 3.25 -21.85 -33.33
N GLY D 98 4.22 -20.95 -33.46
CA GLY D 98 5.41 -21.25 -34.22
C GLY D 98 6.27 -22.29 -33.53
N VAL D 99 6.32 -22.25 -32.20
CA VAL D 99 7.09 -23.22 -31.44
C VAL D 99 6.45 -24.59 -31.63
N GLY D 100 5.12 -24.63 -31.55
CA GLY D 100 4.40 -25.87 -31.72
C GLY D 100 4.62 -26.47 -33.10
N THR D 101 4.68 -25.60 -34.10
CA THR D 101 4.89 -26.04 -35.48
C THR D 101 6.30 -26.57 -35.65
N LEU D 102 7.25 -25.93 -34.97
CA LEU D 102 8.64 -26.35 -35.03
C LEU D 102 8.81 -27.72 -34.36
N LEU D 103 8.12 -27.92 -33.25
CA LEU D 103 8.21 -29.20 -32.54
C LEU D 103 7.71 -30.31 -33.43
N LYS D 104 6.54 -30.11 -34.02
CA LYS D 104 5.97 -31.11 -34.91
C LYS D 104 6.86 -31.31 -36.13
N GLY D 105 7.38 -30.20 -36.65
CA GLY D 105 8.24 -30.26 -37.82
C GLY D 105 9.50 -31.07 -37.57
N ASN D 106 9.93 -31.11 -36.31
CA ASN D 106 11.13 -31.85 -35.92
C ASN D 106 10.83 -33.25 -35.42
N GLY D 107 9.57 -33.65 -35.49
CA GLY D 107 9.19 -34.98 -35.06
C GLY D 107 9.06 -35.17 -33.56
N VAL D 108 8.97 -34.07 -32.80
CA VAL D 108 8.83 -34.17 -31.36
C VAL D 108 7.37 -34.41 -31.00
N GLU D 109 7.14 -35.32 -30.06
CA GLU D 109 5.78 -35.58 -29.61
C GLU D 109 5.47 -34.64 -28.46
N LEU D 110 4.33 -33.94 -28.54
CA LEU D 110 3.94 -33.00 -27.49
C LEU D 110 2.79 -33.56 -26.66
N LEU D 111 2.98 -33.56 -25.34
CA LEU D 111 1.96 -34.04 -24.42
C LEU D 111 1.57 -32.90 -23.47
N ARG D 112 0.26 -32.67 -23.32
CA ARG D 112 -0.20 -31.62 -22.44
C ARG D 112 -0.59 -32.22 -21.09
N GLY D 113 -0.06 -31.63 -20.02
CA GLY D 113 -0.34 -32.11 -18.69
C GLY D 113 0.79 -31.75 -17.76
N PHE D 114 0.60 -31.96 -16.46
CA PHE D 114 1.62 -31.66 -15.47
C PHE D 114 2.42 -32.94 -15.17
N ALA D 115 3.70 -32.93 -15.50
CA ALA D 115 4.55 -34.09 -15.28
C ALA D 115 5.22 -34.10 -13.91
N ARG D 116 5.33 -35.29 -13.34
CA ARG D 116 5.99 -35.49 -12.05
C ARG D 116 6.79 -36.79 -12.14
N LEU D 117 8.01 -36.78 -11.62
CA LEU D 117 8.81 -37.98 -11.64
C LEU D 117 8.31 -38.91 -10.54
N VAL D 118 8.42 -40.21 -10.77
CA VAL D 118 7.99 -41.21 -9.77
C VAL D 118 9.17 -42.14 -9.57
N GLY D 119 10.25 -41.86 -10.30
CA GLY D 119 11.47 -42.63 -10.21
C GLY D 119 12.57 -41.87 -10.93
N PRO D 120 13.81 -42.36 -10.92
CA PRO D 120 14.93 -41.68 -11.57
C PRO D 120 14.72 -41.44 -13.08
N LYS D 121 14.08 -42.39 -13.75
CA LYS D 121 13.85 -42.26 -15.19
C LYS D 121 12.42 -42.49 -15.62
N GLU D 122 11.48 -42.28 -14.70
CA GLU D 122 10.07 -42.48 -15.03
C GLU D 122 9.27 -41.24 -14.65
N VAL D 123 8.38 -40.85 -15.55
CA VAL D 123 7.55 -39.68 -15.32
C VAL D 123 6.09 -40.05 -15.36
N GLU D 124 5.27 -39.36 -14.56
CA GLU D 124 3.85 -39.65 -14.54
C GLU D 124 3.07 -38.41 -14.96
N VAL D 125 2.19 -38.56 -15.94
CA VAL D 125 1.38 -37.44 -16.42
C VAL D 125 -0.06 -37.92 -16.56
N GLY D 126 -0.96 -37.28 -15.80
CA GLY D 126 -2.37 -37.65 -15.87
C GLY D 126 -2.65 -39.10 -15.51
N GLY D 127 -1.80 -39.70 -14.69
CA GLY D 127 -1.99 -41.08 -14.28
C GLY D 127 -1.26 -42.10 -15.12
N GLU D 128 -0.69 -41.66 -16.25
CA GLU D 128 0.05 -42.56 -17.13
C GLU D 128 1.54 -42.45 -16.87
N ARG D 129 2.27 -43.53 -17.15
CA ARG D 129 3.72 -43.57 -16.93
C ARG D 129 4.51 -43.57 -18.23
N TYR D 130 5.56 -42.74 -18.26
CA TYR D 130 6.43 -42.64 -19.43
C TYR D 130 7.88 -42.78 -18.98
N GLY D 131 8.65 -43.57 -19.72
CA GLY D 131 10.05 -43.76 -19.37
C GLY D 131 10.95 -43.31 -20.52
N ALA D 132 12.21 -43.03 -20.20
CA ALA D 132 13.17 -42.60 -21.23
C ALA D 132 14.60 -42.80 -20.77
N LYS D 133 15.53 -42.88 -21.71
CA LYS D 133 16.94 -43.06 -21.38
C LYS D 133 17.45 -41.81 -20.68
N SER D 134 16.89 -40.67 -21.04
CA SER D 134 17.30 -39.39 -20.45
C SER D 134 16.10 -38.49 -20.15
N LEU D 135 16.27 -37.63 -19.17
CA LEU D 135 15.23 -36.67 -18.79
C LEU D 135 15.84 -35.27 -18.71
N ILE D 136 15.13 -34.28 -19.25
CA ILE D 136 15.58 -32.89 -19.16
C ILE D 136 14.49 -32.09 -18.44
N LEU D 137 14.87 -31.53 -17.30
CA LEU D 137 13.94 -30.76 -16.48
C LEU D 137 14.08 -29.27 -16.75
N ALA D 138 13.06 -28.70 -17.39
CA ALA D 138 13.05 -27.28 -17.74
C ALA D 138 11.72 -26.66 -17.31
N THR D 139 11.43 -26.76 -16.02
CA THR D 139 10.17 -26.25 -15.47
C THR D 139 10.07 -24.75 -15.18
N GLY D 140 11.15 -24.02 -15.42
CA GLY D 140 11.14 -22.58 -15.22
C GLY D 140 10.93 -22.07 -13.81
N SER D 141 10.37 -20.86 -13.73
CA SER D 141 10.12 -20.21 -12.45
C SER D 141 8.77 -19.47 -12.39
N GLU D 142 8.50 -18.85 -11.25
CA GLU D 142 7.26 -18.10 -11.07
C GLU D 142 7.53 -16.85 -10.25
N PRO D 143 6.64 -15.85 -10.33
CA PRO D 143 6.84 -14.61 -9.57
C PRO D 143 7.07 -14.90 -8.08
N LEU D 144 8.09 -14.27 -7.51
CA LEU D 144 8.41 -14.45 -6.10
C LEU D 144 7.49 -13.58 -5.25
N GLU D 145 6.86 -14.17 -4.25
CA GLU D 145 5.95 -13.45 -3.37
C GLU D 145 6.73 -12.56 -2.39
N LEU D 146 6.19 -11.40 -2.09
CA LEU D 146 6.83 -10.46 -1.17
C LEU D 146 6.09 -10.44 0.16
N LYS D 147 6.85 -10.54 1.25
CA LYS D 147 6.29 -10.54 2.60
C LYS D 147 5.56 -9.22 2.86
N GLY D 148 4.26 -9.32 3.16
CA GLY D 148 3.48 -8.12 3.43
C GLY D 148 2.77 -7.60 2.19
N PHE D 149 2.96 -8.30 1.07
CA PHE D 149 2.34 -7.89 -0.18
C PHE D 149 1.82 -9.07 -0.98
N PRO D 150 0.96 -9.90 -0.38
CA PRO D 150 0.41 -11.06 -1.09
C PRO D 150 -0.30 -10.62 -2.37
N PHE D 151 -0.13 -11.39 -3.44
CA PHE D 151 -0.75 -11.07 -4.72
C PHE D 151 -2.27 -11.08 -4.63
N GLY D 152 -2.90 -10.11 -5.29
CA GLY D 152 -4.35 -10.02 -5.28
C GLY D 152 -4.85 -9.02 -6.30
N GLU D 153 -6.07 -8.55 -6.11
CA GLU D 153 -6.67 -7.58 -7.03
C GLU D 153 -5.94 -6.25 -7.07
N ASP D 154 -5.32 -5.89 -5.96
CA ASP D 154 -4.59 -4.62 -5.87
C ASP D 154 -3.09 -4.79 -5.90
N VAL D 155 -2.63 -6.04 -5.78
CA VAL D 155 -1.21 -6.34 -5.81
C VAL D 155 -0.98 -7.29 -6.97
N TRP D 156 -0.34 -6.78 -8.01
CA TRP D 156 -0.09 -7.57 -9.21
C TRP D 156 1.31 -8.16 -9.32
N ASP D 157 1.42 -9.20 -10.14
CA ASP D 157 2.71 -9.81 -10.42
C ASP D 157 2.91 -9.35 -11.87
N SER D 158 4.03 -9.70 -12.50
CA SER D 158 4.26 -9.24 -13.86
C SER D 158 3.19 -9.69 -14.86
N THR D 159 2.62 -10.87 -14.66
CA THR D 159 1.61 -11.36 -15.59
C THR D 159 0.36 -10.49 -15.63
N ARG D 160 -0.12 -10.06 -14.46
CA ARG D 160 -1.29 -9.22 -14.42
C ARG D 160 -0.98 -7.85 -15.02
N ALA D 161 0.20 -7.33 -14.72
CA ALA D 161 0.63 -6.02 -15.23
C ALA D 161 0.62 -5.92 -16.75
N LEU D 162 0.80 -7.05 -17.43
CA LEU D 162 0.80 -7.06 -18.88
C LEU D 162 -0.56 -6.65 -19.47
N LYS D 163 -1.62 -6.88 -18.73
CA LYS D 163 -2.96 -6.56 -19.20
C LYS D 163 -3.30 -5.08 -19.05
N VAL D 164 -2.62 -4.24 -19.83
CA VAL D 164 -2.85 -2.80 -19.78
C VAL D 164 -4.25 -2.43 -20.27
N GLU D 165 -4.91 -3.33 -20.98
CA GLU D 165 -6.25 -3.05 -21.50
C GLU D 165 -7.35 -3.25 -20.45
N GLU D 166 -6.97 -3.73 -19.28
CA GLU D 166 -7.93 -3.96 -18.20
C GLU D 166 -7.94 -2.79 -17.23
N GLY D 167 -7.89 -1.58 -17.78
CA GLY D 167 -7.90 -0.39 -16.95
C GLY D 167 -6.61 -0.16 -16.18
N LEU D 168 -5.84 0.86 -16.57
CA LEU D 168 -4.60 1.16 -15.89
C LEU D 168 -4.84 2.12 -14.71
N PRO D 169 -4.05 1.98 -13.65
CA PRO D 169 -4.15 2.81 -12.45
C PRO D 169 -3.61 4.22 -12.64
N LYS D 170 -4.13 5.16 -11.84
CA LYS D 170 -3.66 6.53 -11.93
C LYS D 170 -2.27 6.59 -11.32
N ARG D 171 -2.07 5.81 -10.27
CA ARG D 171 -0.80 5.77 -9.54
C ARG D 171 -0.37 4.33 -9.31
N LEU D 172 0.86 4.03 -9.68
CA LEU D 172 1.40 2.68 -9.52
C LEU D 172 2.70 2.68 -8.74
N LEU D 173 2.83 1.74 -7.82
CA LEU D 173 4.05 1.58 -7.04
C LEU D 173 4.68 0.28 -7.52
N VAL D 174 5.90 0.34 -8.01
CA VAL D 174 6.60 -0.85 -8.46
C VAL D 174 7.64 -1.19 -7.42
N ILE D 175 7.68 -2.43 -6.98
CA ILE D 175 8.66 -2.84 -5.98
C ILE D 175 9.67 -3.75 -6.65
N GLY D 176 10.90 -3.26 -6.74
CA GLY D 176 11.96 -4.03 -7.36
C GLY D 176 12.59 -3.24 -8.50
N GLY D 177 13.90 -3.04 -8.42
CA GLY D 177 14.62 -2.30 -9.44
C GLY D 177 15.36 -3.19 -10.42
N GLY D 178 14.79 -4.37 -10.69
CA GLY D 178 15.39 -5.29 -11.64
C GLY D 178 14.83 -5.01 -13.01
N ALA D 179 15.20 -5.80 -14.01
CA ALA D 179 14.71 -5.59 -15.37
C ALA D 179 13.19 -5.61 -15.48
N VAL D 180 12.53 -6.51 -14.77
CA VAL D 180 11.07 -6.60 -14.83
C VAL D 180 10.39 -5.34 -14.30
N GLY D 181 10.85 -4.88 -13.14
CA GLY D 181 10.27 -3.67 -12.54
C GLY D 181 10.51 -2.43 -13.37
N LEU D 182 11.74 -2.27 -13.85
CA LEU D 182 12.07 -1.10 -14.65
C LEU D 182 11.28 -1.04 -15.96
N GLU D 183 11.22 -2.16 -16.68
CA GLU D 183 10.49 -2.22 -17.95
C GLU D 183 8.99 -1.96 -17.78
N LEU D 184 8.35 -2.68 -16.88
CA LEU D 184 6.92 -2.49 -16.66
C LEU D 184 6.64 -1.10 -16.08
N GLY D 185 7.60 -0.58 -15.31
CA GLY D 185 7.43 0.74 -14.74
C GLY D 185 7.35 1.78 -15.84
N GLN D 186 8.28 1.70 -16.80
CA GLN D 186 8.29 2.65 -17.90
C GLN D 186 7.08 2.50 -18.82
N VAL D 187 6.62 1.27 -19.03
CA VAL D 187 5.45 1.06 -19.88
C VAL D 187 4.27 1.83 -19.28
N TYR D 188 4.01 1.58 -18.01
CA TYR D 188 2.90 2.23 -17.32
C TYR D 188 3.02 3.75 -17.30
N ARG D 189 4.24 4.26 -17.13
CA ARG D 189 4.46 5.70 -17.11
C ARG D 189 4.16 6.32 -18.47
N ARG D 190 4.60 5.64 -19.52
CA ARG D 190 4.39 6.11 -20.88
C ARG D 190 2.94 5.93 -21.32
N LEU D 191 2.21 5.14 -20.55
CA LEU D 191 0.80 4.90 -20.86
C LEU D 191 -0.12 5.80 -20.03
N GLY D 192 0.48 6.78 -19.34
CA GLY D 192 -0.32 7.71 -18.56
C GLY D 192 -0.40 7.57 -17.05
N ALA D 193 0.22 6.56 -16.47
CA ALA D 193 0.15 6.39 -15.02
C ALA D 193 1.28 7.12 -14.30
N GLU D 194 1.02 7.51 -13.06
CA GLU D 194 2.06 8.13 -12.25
C GLU D 194 2.77 6.92 -11.67
N VAL D 195 4.10 6.88 -11.78
CA VAL D 195 4.83 5.73 -11.28
C VAL D 195 5.95 6.02 -10.28
N THR D 196 5.97 5.23 -9.22
CA THR D 196 6.98 5.31 -8.17
C THR D 196 7.59 3.91 -8.05
N LEU D 197 8.91 3.83 -8.16
CA LEU D 197 9.59 2.54 -8.08
C LEU D 197 10.58 2.49 -6.93
N ILE D 198 10.52 1.43 -6.13
CA ILE D 198 11.40 1.29 -4.98
C ILE D 198 12.41 0.15 -5.13
N GLU D 199 13.63 0.40 -4.67
CA GLU D 199 14.69 -0.59 -4.73
C GLU D 199 15.47 -0.61 -3.41
N TYR D 200 15.51 -1.78 -2.77
CA TYR D 200 16.21 -1.95 -1.50
C TYR D 200 17.69 -1.60 -1.58
N MET D 201 18.35 -2.08 -2.63
CA MET D 201 19.78 -1.83 -2.80
C MET D 201 20.08 -0.35 -3.08
N PRO D 202 21.35 0.04 -2.97
CA PRO D 202 21.79 1.42 -3.21
C PRO D 202 21.53 1.95 -4.61
N GLU D 203 21.43 1.05 -5.58
CA GLU D 203 21.20 1.43 -6.97
C GLU D 203 20.35 0.38 -7.70
N ILE D 204 19.67 0.79 -8.77
CA ILE D 204 18.86 -0.17 -9.52
C ILE D 204 19.82 -1.11 -10.23
N LEU D 205 19.33 -2.28 -10.66
CA LEU D 205 20.18 -3.25 -11.34
C LEU D 205 21.44 -3.49 -10.51
N PRO D 206 21.27 -3.87 -9.23
CA PRO D 206 22.39 -4.12 -8.31
C PRO D 206 23.41 -5.15 -8.79
N GLN D 207 23.00 -5.98 -9.76
CA GLN D 207 23.90 -7.01 -10.29
C GLN D 207 24.78 -6.46 -11.42
N GLY D 208 24.42 -5.29 -11.94
CA GLY D 208 25.20 -4.71 -13.02
C GLY D 208 26.02 -3.50 -12.61
N ASP D 209 26.74 -2.95 -13.58
CA ASP D 209 27.56 -1.77 -13.35
C ASP D 209 26.72 -0.63 -12.79
N PRO D 210 27.13 -0.08 -11.63
CA PRO D 210 26.34 1.02 -11.04
C PRO D 210 26.36 2.33 -11.82
N GLU D 211 27.44 2.60 -12.54
CA GLU D 211 27.57 3.84 -13.30
C GLU D 211 26.57 3.93 -14.45
N THR D 212 26.51 2.90 -15.28
CA THR D 212 25.57 2.90 -16.40
C THR D 212 24.15 2.74 -15.89
N ALA D 213 23.99 1.99 -14.80
CA ALA D 213 22.68 1.78 -14.20
C ALA D 213 22.12 3.10 -13.67
N ALA D 214 22.98 3.89 -13.04
CA ALA D 214 22.58 5.18 -12.51
C ALA D 214 22.07 6.08 -13.62
N LEU D 215 22.75 6.05 -14.77
CA LEU D 215 22.35 6.86 -15.91
C LEU D 215 20.97 6.48 -16.41
N LEU D 216 20.65 5.19 -16.35
CA LEU D 216 19.33 4.73 -16.76
C LEU D 216 18.30 5.27 -15.77
N ARG D 217 18.63 5.21 -14.48
CA ARG D 217 17.71 5.72 -13.47
C ARG D 217 17.40 7.19 -13.73
N ARG D 218 18.42 7.99 -13.97
CA ARG D 218 18.21 9.42 -14.22
C ARG D 218 17.35 9.64 -15.45
N ALA D 219 17.48 8.78 -16.47
CA ALA D 219 16.66 8.92 -17.66
C ALA D 219 15.22 8.64 -17.31
N LEU D 220 14.99 7.58 -16.53
CA LEU D 220 13.64 7.24 -16.13
C LEU D 220 13.08 8.35 -15.25
N GLU D 221 13.93 8.94 -14.40
CA GLU D 221 13.47 10.01 -13.52
C GLU D 221 13.05 11.24 -14.32
N LYS D 222 13.70 11.47 -15.46
CA LYS D 222 13.37 12.60 -16.31
C LYS D 222 11.95 12.49 -16.85
N GLU D 223 11.50 11.26 -17.09
CA GLU D 223 10.16 11.03 -17.60
C GLU D 223 9.10 11.09 -16.50
N GLY D 224 9.52 11.43 -15.29
CA GLY D 224 8.58 11.54 -14.20
C GLY D 224 8.45 10.33 -13.29
N ILE D 225 9.30 9.33 -13.49
CA ILE D 225 9.26 8.14 -12.66
C ILE D 225 10.02 8.43 -11.38
N ARG D 226 9.36 8.28 -10.23
CA ARG D 226 10.02 8.55 -8.96
C ARG D 226 10.73 7.29 -8.49
N VAL D 227 12.06 7.29 -8.59
CA VAL D 227 12.84 6.13 -8.17
C VAL D 227 13.43 6.35 -6.79
N ARG D 228 13.11 5.44 -5.87
CA ARG D 228 13.59 5.50 -4.51
C ARG D 228 14.52 4.33 -4.24
N THR D 229 15.83 4.59 -4.27
CA THR D 229 16.81 3.54 -4.01
C THR D 229 17.06 3.44 -2.50
N LYS D 230 17.74 2.39 -2.08
CA LYS D 230 18.02 2.18 -0.67
C LYS D 230 16.73 2.33 0.13
N THR D 231 15.64 1.80 -0.42
CA THR D 231 14.33 1.87 0.21
C THR D 231 13.58 0.56 0.08
N LYS D 232 12.84 0.19 1.12
CA LYS D 232 12.06 -1.04 1.08
C LYS D 232 10.59 -0.81 1.42
N ALA D 233 9.74 -1.68 0.89
CA ALA D 233 8.32 -1.59 1.15
C ALA D 233 8.04 -2.55 2.31
N VAL D 234 7.45 -2.03 3.38
CA VAL D 234 7.16 -2.83 4.56
C VAL D 234 5.80 -3.50 4.50
N GLY D 235 4.79 -2.74 4.12
CA GLY D 235 3.44 -3.28 4.03
C GLY D 235 2.47 -2.18 3.66
N TYR D 236 1.18 -2.49 3.66
CA TYR D 236 0.18 -1.48 3.31
C TYR D 236 -1.19 -1.84 3.87
N GLU D 237 -2.16 -0.95 3.66
CA GLU D 237 -3.53 -1.15 4.10
C GLU D 237 -4.45 -0.41 3.14
N LYS D 238 -5.43 -1.12 2.62
CA LYS D 238 -6.39 -0.57 1.67
C LYS D 238 -7.27 0.50 2.30
N LYS D 239 -7.49 1.59 1.57
CA LYS D 239 -8.32 2.70 2.03
C LYS D 239 -9.29 3.09 0.92
N LYS D 240 -10.08 4.14 1.16
CA LYS D 240 -11.03 4.61 0.18
C LYS D 240 -10.33 5.37 -0.93
N ASP D 241 -9.28 6.10 -0.58
CA ASP D 241 -8.53 6.89 -1.55
C ASP D 241 -7.34 6.13 -2.14
N GLY D 242 -7.31 4.82 -1.92
CA GLY D 242 -6.22 4.02 -2.46
C GLY D 242 -5.43 3.25 -1.41
N LEU D 243 -4.33 2.65 -1.87
CA LEU D 243 -3.46 1.87 -1.00
C LEU D 243 -2.37 2.71 -0.37
N HIS D 244 -2.31 2.71 0.96
CA HIS D 244 -1.29 3.49 1.65
C HIS D 244 -0.11 2.58 1.96
N VAL D 245 0.90 2.63 1.10
CA VAL D 245 2.08 1.80 1.26
C VAL D 245 3.09 2.42 2.23
N ARG D 246 3.50 1.62 3.20
CA ARG D 246 4.45 2.05 4.21
C ARG D 246 5.88 1.83 3.70
N LEU D 247 6.58 2.92 3.42
CA LEU D 247 7.96 2.84 2.96
C LEU D 247 8.88 2.95 4.16
N GLU D 248 10.14 2.62 3.98
CA GLU D 248 11.11 2.66 5.07
C GLU D 248 12.52 2.43 4.54
N PRO D 249 13.52 3.13 5.10
CA PRO D 249 14.91 2.97 4.67
C PRO D 249 15.36 1.51 4.66
N ALA D 250 16.28 1.18 3.75
CA ALA D 250 16.77 -0.19 3.65
C ALA D 250 17.26 -0.67 5.01
N GLU D 251 18.16 0.10 5.61
CA GLU D 251 18.70 -0.24 6.92
C GLU D 251 17.59 -0.24 7.96
N GLY D 252 16.48 0.41 7.62
CA GLY D 252 15.36 0.48 8.53
C GLY D 252 15.28 1.79 9.27
N GLY D 253 14.19 2.00 10.00
CA GLY D 253 14.03 3.23 10.75
C GLY D 253 12.85 4.08 10.31
N GLU D 254 13.11 5.37 10.16
CA GLU D 254 12.10 6.35 9.74
C GLU D 254 11.05 5.77 8.81
N GLY D 255 9.79 6.14 9.05
CA GLY D 255 8.71 5.67 8.21
C GLY D 255 8.32 6.71 7.18
N GLU D 256 7.55 6.30 6.18
CA GLU D 256 7.09 7.18 5.12
C GLU D 256 6.05 6.44 4.31
N GLU D 257 4.89 7.04 4.13
CA GLU D 257 3.84 6.39 3.36
C GLU D 257 3.68 7.04 1.99
N VAL D 258 3.25 6.24 1.03
CA VAL D 258 3.01 6.71 -0.32
C VAL D 258 1.67 6.11 -0.71
N VAL D 259 0.80 6.92 -1.28
CA VAL D 259 -0.53 6.44 -1.68
C VAL D 259 -0.60 6.13 -3.17
N VAL D 260 -0.96 4.89 -3.49
CA VAL D 260 -1.09 4.47 -4.88
C VAL D 260 -2.36 3.66 -5.06
N ASP D 261 -2.72 3.37 -6.29
CA ASP D 261 -3.93 2.61 -6.58
C ASP D 261 -3.65 1.12 -6.76
N LYS D 262 -2.46 0.79 -7.25
CA LYS D 262 -2.08 -0.60 -7.46
C LYS D 262 -0.61 -0.79 -7.15
N VAL D 263 -0.23 -2.02 -6.83
CA VAL D 263 1.15 -2.33 -6.53
C VAL D 263 1.65 -3.47 -7.42
N LEU D 264 2.83 -3.27 -8.01
CA LEU D 264 3.44 -4.30 -8.85
C LEU D 264 4.63 -4.86 -8.07
N VAL D 265 4.58 -6.15 -7.78
CA VAL D 265 5.65 -6.80 -7.05
C VAL D 265 6.56 -7.55 -8.01
N ALA D 266 7.76 -7.03 -8.23
CA ALA D 266 8.74 -7.63 -9.12
C ALA D 266 10.07 -7.73 -8.37
N VAL D 267 10.11 -8.54 -7.33
CA VAL D 267 11.33 -8.69 -6.55
C VAL D 267 12.07 -9.99 -6.81
N GLY D 268 11.72 -10.68 -7.90
CA GLY D 268 12.41 -11.91 -8.21
C GLY D 268 11.50 -13.07 -8.61
N ARG D 269 12.10 -14.25 -8.73
CA ARG D 269 11.38 -15.44 -9.14
C ARG D 269 11.71 -16.63 -8.24
N LYS D 270 10.89 -17.68 -8.31
CA LYS D 270 11.09 -18.88 -7.53
C LYS D 270 11.05 -20.09 -8.49
N PRO D 271 12.08 -20.94 -8.45
CA PRO D 271 12.07 -22.10 -9.36
C PRO D 271 10.95 -23.09 -9.07
N ARG D 272 10.32 -23.58 -10.13
CA ARG D 272 9.22 -24.54 -10.01
C ARG D 272 9.77 -25.96 -9.91
N THR D 273 10.30 -26.28 -8.74
CA THR D 273 10.89 -27.59 -8.49
C THR D 273 10.22 -28.37 -7.36
N GLU D 274 9.19 -27.78 -6.76
CA GLU D 274 8.47 -28.46 -5.69
C GLU D 274 7.30 -29.22 -6.31
N GLY D 275 6.99 -30.40 -5.78
CA GLY D 275 5.88 -31.18 -6.31
C GLY D 275 6.18 -31.66 -7.73
N LEU D 276 7.47 -31.86 -8.01
CA LEU D 276 7.92 -32.31 -9.32
C LEU D 276 8.44 -33.75 -9.21
N GLY D 277 8.39 -34.30 -7.99
CA GLY D 277 8.84 -35.66 -7.78
C GLY D 277 10.34 -35.84 -7.73
N LEU D 278 11.08 -34.74 -7.59
CA LEU D 278 12.52 -34.81 -7.53
C LEU D 278 12.99 -35.67 -6.37
N GLU D 279 12.23 -35.65 -5.28
CA GLU D 279 12.60 -36.44 -4.11
C GLU D 279 12.36 -37.94 -4.32
N LYS D 280 11.69 -38.30 -5.40
CA LYS D 280 11.42 -39.69 -5.71
C LYS D 280 12.47 -40.19 -6.69
N ALA D 281 13.11 -39.25 -7.38
CA ALA D 281 14.12 -39.58 -8.38
C ALA D 281 15.55 -39.50 -7.85
N GLY D 282 15.74 -38.84 -6.72
CA GLY D 282 17.08 -38.72 -6.16
C GLY D 282 17.82 -37.50 -6.69
N VAL D 283 17.08 -36.57 -7.28
CA VAL D 283 17.64 -35.35 -7.83
C VAL D 283 17.83 -34.32 -6.71
N LYS D 284 19.07 -33.87 -6.53
CA LYS D 284 19.39 -32.92 -5.49
C LYS D 284 19.05 -31.47 -5.83
N VAL D 285 18.48 -30.78 -4.85
CA VAL D 285 18.06 -29.38 -4.99
C VAL D 285 18.76 -28.54 -3.93
N ASP D 286 19.18 -27.33 -4.27
CA ASP D 286 19.85 -26.50 -3.28
C ASP D 286 18.85 -25.76 -2.40
N GLU D 287 19.34 -25.05 -1.39
CA GLU D 287 18.46 -24.35 -0.45
C GLU D 287 17.45 -23.41 -1.07
N ARG D 288 17.82 -22.77 -2.18
CA ARG D 288 16.94 -21.81 -2.84
C ARG D 288 15.92 -22.48 -3.77
N GLY D 289 15.99 -23.80 -3.90
CA GLY D 289 15.04 -24.49 -4.75
C GLY D 289 15.52 -24.81 -6.16
N PHE D 290 16.77 -24.46 -6.46
CA PHE D 290 17.31 -24.72 -7.79
C PHE D 290 17.88 -26.14 -7.89
N ILE D 291 17.63 -26.79 -9.01
CA ILE D 291 18.15 -28.14 -9.23
C ILE D 291 19.65 -28.03 -9.46
N ARG D 292 20.43 -28.70 -8.61
CA ARG D 292 21.88 -28.68 -8.71
C ARG D 292 22.37 -29.34 -10.00
N VAL D 293 23.20 -28.64 -10.75
CA VAL D 293 23.72 -29.17 -12.01
C VAL D 293 25.19 -28.83 -12.17
N ASN D 294 25.90 -29.63 -12.97
CA ASN D 294 27.31 -29.36 -13.24
C ASN D 294 27.40 -28.70 -14.61
N ALA D 295 28.61 -28.54 -15.14
CA ALA D 295 28.82 -27.90 -16.43
C ALA D 295 28.09 -28.54 -17.61
N ARG D 296 27.78 -29.83 -17.50
CA ARG D 296 27.07 -30.54 -18.57
C ARG D 296 25.57 -30.43 -18.33
N MET D 297 25.20 -29.64 -17.32
CA MET D 297 23.79 -29.45 -16.95
C MET D 297 23.21 -30.73 -16.34
N GLU D 298 24.08 -31.66 -15.98
CA GLU D 298 23.60 -32.93 -15.43
C GLU D 298 23.37 -32.85 -13.93
N THR D 299 22.27 -33.46 -13.48
CA THR D 299 21.90 -33.47 -12.07
C THR D 299 22.68 -34.56 -11.34
N SER D 300 22.27 -34.84 -10.11
CA SER D 300 22.90 -35.87 -9.29
C SER D 300 22.57 -37.28 -9.81
N VAL D 301 21.63 -37.34 -10.76
CA VAL D 301 21.23 -38.61 -11.34
C VAL D 301 21.70 -38.67 -12.79
N PRO D 302 22.59 -39.61 -13.12
CA PRO D 302 23.10 -39.73 -14.49
C PRO D 302 21.95 -39.86 -15.50
N GLY D 303 22.03 -39.08 -16.57
CA GLY D 303 20.99 -39.15 -17.59
C GLY D 303 19.85 -38.19 -17.34
N VAL D 304 19.89 -37.51 -16.20
CA VAL D 304 18.86 -36.53 -15.86
C VAL D 304 19.52 -35.15 -15.76
N TYR D 305 19.05 -34.23 -16.60
CA TYR D 305 19.61 -32.87 -16.63
C TYR D 305 18.55 -31.84 -16.25
N ALA D 306 19.01 -30.64 -15.88
CA ALA D 306 18.14 -29.53 -15.54
C ALA D 306 18.67 -28.29 -16.26
N ILE D 307 17.78 -27.45 -16.75
CA ILE D 307 18.18 -26.25 -17.48
C ILE D 307 17.31 -25.03 -17.18
N GLY D 308 17.76 -23.86 -17.61
CA GLY D 308 17.01 -22.64 -17.42
C GLY D 308 16.81 -22.14 -16.00
N ASP D 309 15.69 -21.46 -15.77
CA ASP D 309 15.36 -20.90 -14.47
C ASP D 309 15.31 -21.96 -13.37
N ALA D 310 14.92 -23.19 -13.72
CA ALA D 310 14.83 -24.27 -12.74
C ALA D 310 16.20 -24.76 -12.26
N ALA D 311 17.23 -24.50 -13.06
CA ALA D 311 18.58 -24.95 -12.73
C ALA D 311 19.42 -23.94 -11.97
N ARG D 312 19.35 -22.66 -12.37
CA ARG D 312 20.14 -21.65 -11.70
C ARG D 312 19.99 -20.29 -12.33
N PRO D 313 20.28 -19.23 -11.56
CA PRO D 313 20.20 -17.85 -12.05
C PRO D 313 21.52 -17.63 -12.83
N PRO D 314 21.60 -16.58 -13.65
CA PRO D 314 20.55 -15.59 -13.89
C PRO D 314 19.37 -16.24 -14.61
N LEU D 315 18.18 -15.72 -14.37
CA LEU D 315 16.97 -16.25 -14.95
C LEU D 315 16.68 -15.57 -16.27
N LEU D 316 17.47 -15.93 -17.29
CA LEU D 316 17.37 -15.33 -18.61
C LEU D 316 17.04 -16.35 -19.70
N ALA D 317 16.34 -15.87 -20.72
CA ALA D 317 15.90 -16.71 -21.82
C ALA D 317 17.03 -17.29 -22.69
N HIS D 318 17.96 -16.45 -23.12
CA HIS D 318 19.05 -16.94 -23.97
C HIS D 318 19.93 -17.95 -23.23
N LYS D 319 20.04 -17.79 -21.91
CA LYS D 319 20.83 -18.71 -21.10
C LYS D 319 20.13 -20.07 -21.11
N ALA D 320 18.83 -20.06 -20.85
CA ALA D 320 18.05 -21.28 -20.82
C ALA D 320 18.12 -21.99 -22.17
N MET D 321 18.05 -21.22 -23.25
CA MET D 321 18.08 -21.77 -24.60
C MET D 321 19.39 -22.53 -24.86
N ARG D 322 20.51 -21.92 -24.49
CA ARG D 322 21.82 -22.55 -24.66
C ARG D 322 21.96 -23.77 -23.77
N GLU D 323 21.51 -23.65 -22.52
CA GLU D 323 21.59 -24.78 -21.60
C GLU D 323 20.75 -25.93 -22.17
N GLY D 324 19.64 -25.60 -22.84
CA GLY D 324 18.83 -26.64 -23.44
C GLY D 324 19.59 -27.37 -24.54
N LEU D 325 20.34 -26.63 -25.34
CA LEU D 325 21.13 -27.24 -26.41
C LEU D 325 22.20 -28.14 -25.82
N ILE D 326 22.84 -27.68 -24.75
CA ILE D 326 23.89 -28.46 -24.12
C ILE D 326 23.32 -29.77 -23.55
N ALA D 327 22.17 -29.67 -22.88
CA ALA D 327 21.53 -30.85 -22.29
C ALA D 327 21.10 -31.85 -23.37
N ALA D 328 20.51 -31.34 -24.44
CA ALA D 328 20.05 -32.16 -25.53
C ALA D 328 21.24 -32.91 -26.13
N GLU D 329 22.32 -32.17 -26.37
CA GLU D 329 23.53 -32.75 -26.95
C GLU D 329 24.08 -33.86 -26.08
N ASN D 330 24.13 -33.63 -24.77
CA ASN D 330 24.65 -34.65 -23.88
C ASN D 330 23.73 -35.85 -23.79
N ALA D 331 22.43 -35.63 -23.87
CA ALA D 331 21.48 -36.74 -23.82
C ALA D 331 21.68 -37.59 -25.07
N ALA D 332 22.13 -36.95 -26.14
CA ALA D 332 22.34 -37.63 -27.41
C ALA D 332 23.70 -38.29 -27.49
N GLY D 333 24.44 -38.31 -26.38
CA GLY D 333 25.74 -38.96 -26.37
C GLY D 333 26.96 -38.07 -26.52
N LYS D 334 26.76 -36.77 -26.72
CA LYS D 334 27.91 -35.87 -26.86
C LYS D 334 28.45 -35.50 -25.49
N ASP D 335 29.36 -34.54 -25.45
CA ASP D 335 29.95 -34.10 -24.19
C ASP D 335 30.18 -32.59 -24.25
N SER D 336 29.08 -31.83 -24.17
CA SER D 336 29.13 -30.38 -24.22
C SER D 336 29.04 -29.80 -22.82
N ALA D 337 29.64 -28.63 -22.64
CA ALA D 337 29.62 -27.97 -21.34
C ALA D 337 29.22 -26.51 -21.50
N PHE D 338 28.65 -25.93 -20.46
CA PHE D 338 28.27 -24.53 -20.49
C PHE D 338 29.36 -23.72 -19.81
N ASP D 339 30.08 -22.92 -20.58
CA ASP D 339 31.15 -22.08 -20.06
C ASP D 339 31.12 -20.75 -20.80
N TYR D 340 29.91 -20.30 -21.14
CA TYR D 340 29.76 -19.06 -21.91
C TYR D 340 29.44 -17.81 -21.12
N GLN D 341 29.74 -16.66 -21.73
CA GLN D 341 29.45 -15.36 -21.13
C GLN D 341 27.96 -15.14 -21.36
N VAL D 342 27.25 -14.72 -20.32
CA VAL D 342 25.82 -14.50 -20.43
C VAL D 342 25.52 -13.01 -20.29
N PRO D 343 25.08 -12.36 -21.38
CA PRO D 343 24.79 -10.93 -21.26
C PRO D 343 23.40 -10.72 -20.65
N SER D 344 23.12 -9.50 -20.20
CA SER D 344 21.83 -9.19 -19.61
C SER D 344 21.36 -7.87 -20.20
N VAL D 345 20.08 -7.82 -20.55
CA VAL D 345 19.51 -6.62 -21.16
C VAL D 345 18.22 -6.15 -20.50
N VAL D 346 18.07 -4.84 -20.43
CA VAL D 346 16.87 -4.21 -19.91
C VAL D 346 16.36 -3.43 -21.12
N TYR D 347 15.13 -3.73 -21.56
CA TYR D 347 14.58 -3.09 -22.76
C TYR D 347 13.85 -1.76 -22.58
N THR D 348 14.23 -1.03 -21.55
CA THR D 348 13.67 0.29 -21.31
C THR D 348 14.28 1.19 -22.39
N SER D 349 13.89 2.46 -22.40
CA SER D 349 14.44 3.43 -23.33
C SER D 349 14.97 4.57 -22.48
N PRO D 350 16.30 4.75 -22.41
CA PRO D 350 17.32 3.95 -23.09
C PRO D 350 17.42 2.52 -22.58
N GLU D 351 18.05 1.66 -23.37
CA GLU D 351 18.23 0.27 -22.96
C GLU D 351 19.49 0.18 -22.11
N TRP D 352 19.60 -0.89 -21.34
CA TRP D 352 20.77 -1.13 -20.52
C TRP D 352 21.24 -2.54 -20.88
N ALA D 353 22.55 -2.75 -20.95
CA ALA D 353 23.08 -4.06 -21.27
C ALA D 353 24.48 -4.22 -20.68
N GLY D 354 24.77 -5.44 -20.24
CA GLY D 354 26.07 -5.71 -19.66
C GLY D 354 26.48 -7.16 -19.86
N VAL D 355 27.77 -7.39 -19.91
CA VAL D 355 28.31 -8.73 -20.05
C VAL D 355 29.72 -8.69 -19.48
N GLY D 356 30.15 -9.79 -18.89
CA GLY D 356 31.48 -9.82 -18.33
C GLY D 356 31.53 -9.28 -16.92
N LEU D 357 32.71 -8.84 -16.49
CA LEU D 357 32.92 -8.36 -15.14
C LEU D 357 32.77 -6.87 -14.89
N THR D 358 32.13 -6.53 -13.77
CA THR D 358 31.98 -5.14 -13.37
C THR D 358 33.36 -4.74 -12.85
N GLU D 359 33.58 -3.46 -12.59
CA GLU D 359 34.88 -3.02 -12.07
C GLU D 359 35.16 -3.74 -10.74
N GLU D 360 34.13 -3.82 -9.91
CA GLU D 360 34.23 -4.47 -8.59
C GLU D 360 34.62 -5.94 -8.69
N GLU D 361 33.94 -6.68 -9.56
CA GLU D 361 34.23 -8.09 -9.73
C GLU D 361 35.61 -8.33 -10.33
N ALA D 362 36.01 -7.46 -11.26
CA ALA D 362 37.32 -7.60 -11.90
C ALA D 362 38.42 -7.39 -10.86
N LYS D 363 38.20 -6.42 -9.97
CA LYS D 363 39.17 -6.14 -8.93
C LYS D 363 39.25 -7.34 -8.00
N ARG D 364 38.10 -7.87 -7.64
CA ARG D 364 38.00 -9.03 -6.77
C ARG D 364 38.72 -10.23 -7.37
N ALA D 365 38.71 -10.33 -8.70
CA ALA D 365 39.36 -11.43 -9.40
C ALA D 365 40.87 -11.22 -9.54
N GLY D 366 41.38 -10.12 -9.00
CA GLY D 366 42.81 -9.86 -9.08
C GLY D 366 43.35 -9.14 -10.30
N TYR D 367 42.47 -8.57 -11.13
CA TYR D 367 42.94 -7.87 -12.31
C TYR D 367 43.34 -6.44 -11.94
N LYS D 368 44.23 -5.85 -12.73
CA LYS D 368 44.65 -4.46 -12.55
C LYS D 368 43.62 -3.67 -13.37
N VAL D 369 42.49 -3.38 -12.73
CA VAL D 369 41.38 -2.68 -13.38
C VAL D 369 41.60 -1.29 -13.95
N LYS D 370 41.17 -1.13 -15.20
CA LYS D 370 41.27 0.14 -15.91
C LYS D 370 39.99 0.23 -16.75
N VAL D 371 39.44 1.42 -16.90
CA VAL D 371 38.22 1.57 -17.68
C VAL D 371 38.30 2.63 -18.78
N GLY D 372 37.42 2.48 -19.75
CA GLY D 372 37.33 3.42 -20.86
C GLY D 372 35.85 3.78 -20.98
N LYS D 373 35.55 5.07 -21.14
CA LYS D 373 34.16 5.50 -21.23
C LYS D 373 33.91 6.41 -22.41
N PHE D 374 32.77 6.24 -23.08
CA PHE D 374 32.41 7.09 -24.19
C PHE D 374 30.95 7.49 -24.09
N PRO D 375 30.69 8.78 -23.91
CA PRO D 375 29.32 9.32 -23.78
C PRO D 375 28.62 9.48 -25.12
N LEU D 376 27.34 9.12 -25.18
CA LEU D 376 26.57 9.24 -26.41
C LEU D 376 26.42 10.68 -26.87
N ALA D 377 26.65 11.62 -25.97
CA ALA D 377 26.55 13.03 -26.32
C ALA D 377 27.49 13.35 -27.48
N ALA D 378 28.55 12.54 -27.64
CA ALA D 378 29.52 12.76 -28.71
C ALA D 378 29.25 11.88 -29.92
N SER D 379 28.08 11.26 -29.97
CA SER D 379 27.72 10.37 -31.07
C SER D 379 26.94 11.10 -32.15
N GLY D 380 27.43 11.05 -33.38
CA GLY D 380 26.73 11.69 -34.47
C GLY D 380 25.45 10.93 -34.77
N ARG D 381 25.50 9.61 -34.65
CA ARG D 381 24.33 8.78 -34.91
C ARG D 381 23.24 9.05 -33.87
N ALA D 382 23.65 9.17 -32.61
CA ALA D 382 22.69 9.43 -31.54
C ALA D 382 21.91 10.72 -31.80
N LEU D 383 22.60 11.74 -32.30
CA LEU D 383 21.93 13.01 -32.56
C LEU D 383 20.94 12.89 -33.74
N THR D 384 21.32 12.11 -34.75
CA THR D 384 20.45 11.95 -35.92
C THR D 384 19.20 11.14 -35.57
N LEU D 385 19.22 10.50 -34.41
CA LEU D 385 18.08 9.70 -33.96
C LEU D 385 17.19 10.54 -33.04
N GLY D 386 17.50 11.84 -32.96
CA GLY D 386 16.71 12.73 -32.14
C GLY D 386 17.16 12.91 -30.70
N GLY D 387 18.33 12.37 -30.36
CA GLY D 387 18.80 12.50 -28.99
C GLY D 387 19.94 11.57 -28.66
N ALA D 388 20.89 12.07 -27.88
CA ALA D 388 22.07 11.29 -27.51
C ALA D 388 22.20 11.18 -26.00
N GLU D 389 21.54 10.18 -25.41
CA GLU D 389 21.62 9.99 -23.97
C GLU D 389 22.07 8.58 -23.60
N GLY D 390 23.31 8.46 -23.12
CA GLY D 390 23.82 7.15 -22.75
C GLY D 390 25.33 7.12 -22.66
N MET D 391 25.90 5.92 -22.60
CA MET D 391 27.34 5.78 -22.51
C MET D 391 27.77 4.33 -22.59
N VAL D 392 29.01 4.12 -22.98
CA VAL D 392 29.58 2.78 -23.05
C VAL D 392 30.80 2.77 -22.15
N LYS D 393 30.86 1.77 -21.27
CA LYS D 393 32.02 1.65 -20.39
C LYS D 393 32.60 0.27 -20.61
N VAL D 394 33.90 0.22 -20.86
CA VAL D 394 34.57 -1.06 -21.05
C VAL D 394 35.54 -1.23 -19.89
N VAL D 395 35.58 -2.45 -19.35
CA VAL D 395 36.44 -2.80 -18.23
C VAL D 395 37.51 -3.77 -18.72
N GLY D 396 38.77 -3.46 -18.42
CA GLY D 396 39.84 -4.34 -18.86
C GLY D 396 41.02 -4.37 -17.92
N ASP D 397 42.00 -5.23 -18.23
CA ASP D 397 43.18 -5.32 -17.40
C ASP D 397 44.29 -4.47 -18.03
N GLU D 398 44.81 -3.54 -17.23
CA GLU D 398 45.86 -2.63 -17.66
C GLU D 398 47.13 -3.34 -18.11
N GLU D 399 47.50 -4.41 -17.41
CA GLU D 399 48.71 -5.17 -17.72
C GLU D 399 48.62 -5.96 -19.03
N THR D 400 47.59 -6.79 -19.14
CA THR D 400 47.44 -7.62 -20.32
C THR D 400 46.59 -7.00 -21.45
N ASP D 401 45.87 -5.93 -21.14
CA ASP D 401 45.01 -5.25 -22.12
C ASP D 401 43.79 -6.10 -22.46
N LEU D 402 43.56 -7.15 -21.66
CA LEU D 402 42.43 -8.03 -21.91
C LEU D 402 41.09 -7.37 -21.59
N LEU D 403 40.09 -7.61 -22.43
CA LEU D 403 38.77 -7.06 -22.17
C LEU D 403 38.14 -7.97 -21.13
N LEU D 404 37.54 -7.36 -20.10
CA LEU D 404 36.92 -8.11 -19.01
C LEU D 404 35.41 -7.93 -18.92
N GLY D 405 34.93 -6.73 -19.21
CA GLY D 405 33.50 -6.47 -19.13
C GLY D 405 33.08 -5.27 -19.98
N VAL D 406 31.81 -5.21 -20.34
CA VAL D 406 31.28 -4.11 -21.14
C VAL D 406 29.88 -3.78 -20.64
N PHE D 407 29.62 -2.49 -20.47
CA PHE D 407 28.32 -2.05 -19.99
C PHE D 407 27.86 -0.89 -20.85
N ILE D 408 26.62 -0.99 -21.31
CA ILE D 408 26.07 -0.01 -22.23
C ILE D 408 24.71 0.53 -21.81
N VAL D 409 24.55 1.84 -21.91
CA VAL D 409 23.26 2.44 -21.60
C VAL D 409 23.00 3.35 -22.79
N GLY D 410 21.87 3.13 -23.46
CA GLY D 410 21.53 3.95 -24.62
C GLY D 410 20.63 3.17 -25.55
N PRO D 411 20.18 3.78 -26.66
CA PRO D 411 19.32 3.01 -27.57
C PRO D 411 20.08 1.85 -28.20
N GLN D 412 19.38 0.74 -28.43
CA GLN D 412 19.98 -0.44 -29.06
C GLN D 412 21.09 -1.10 -28.23
N ALA D 413 21.18 -0.73 -26.94
CA ALA D 413 22.20 -1.32 -26.08
C ALA D 413 22.17 -2.85 -26.14
N GLY D 414 20.96 -3.42 -26.20
CA GLY D 414 20.81 -4.86 -26.24
C GLY D 414 21.34 -5.52 -27.50
N GLU D 415 21.38 -4.78 -28.59
CA GLU D 415 21.89 -5.32 -29.85
C GLU D 415 23.40 -5.17 -29.87
N LEU D 416 23.89 -4.09 -29.28
CA LEU D 416 25.32 -3.82 -29.24
C LEU D 416 26.09 -4.74 -28.29
N ILE D 417 25.40 -5.24 -27.26
CA ILE D 417 26.05 -6.10 -26.29
C ILE D 417 26.50 -7.44 -26.87
N ALA D 418 25.89 -7.85 -27.99
CA ALA D 418 26.26 -9.11 -28.63
C ALA D 418 27.70 -9.03 -29.13
N GLU D 419 28.12 -7.84 -29.58
CA GLU D 419 29.49 -7.66 -30.07
C GLU D 419 30.45 -7.83 -28.89
N ALA D 420 30.02 -7.34 -27.74
CA ALA D 420 30.83 -7.42 -26.53
C ALA D 420 30.93 -8.87 -26.08
N ALA D 421 29.84 -9.61 -26.20
CA ALA D 421 29.82 -11.02 -25.81
C ALA D 421 30.81 -11.79 -26.67
N LEU D 422 30.76 -11.55 -27.99
CA LEU D 422 31.65 -12.22 -28.92
C LEU D 422 33.10 -11.87 -28.58
N ALA D 423 33.35 -10.59 -28.29
CA ALA D 423 34.69 -10.14 -27.94
C ALA D 423 35.24 -10.94 -26.77
N LEU D 424 34.42 -11.11 -25.73
CA LEU D 424 34.84 -11.87 -24.56
C LEU D 424 35.07 -13.35 -24.90
N GLU D 425 34.18 -13.93 -25.68
CA GLU D 425 34.32 -15.34 -26.06
C GLU D 425 35.60 -15.55 -26.86
N MET D 426 35.97 -14.57 -27.67
CA MET D 426 37.17 -14.67 -28.48
C MET D 426 38.44 -14.25 -27.73
N GLY D 427 38.28 -13.80 -26.50
CA GLY D 427 39.43 -13.37 -25.71
C GLY D 427 40.08 -12.13 -26.29
N ALA D 428 39.26 -11.18 -26.71
CA ALA D 428 39.74 -9.94 -27.29
C ALA D 428 40.35 -9.00 -26.27
N THR D 429 41.29 -8.19 -26.74
CA THR D 429 41.95 -7.18 -25.92
C THR D 429 41.24 -5.87 -26.26
N LEU D 430 41.54 -4.81 -25.52
CA LEU D 430 40.93 -3.53 -25.82
C LEU D 430 41.40 -3.08 -27.19
N THR D 431 42.64 -3.42 -27.52
CA THR D 431 43.20 -3.05 -28.81
C THR D 431 42.45 -3.74 -29.95
N ASP D 432 41.99 -4.98 -29.71
CA ASP D 432 41.23 -5.71 -30.74
C ASP D 432 39.91 -4.99 -30.99
N LEU D 433 39.27 -4.58 -29.91
CA LEU D 433 38.00 -3.88 -29.98
C LEU D 433 38.15 -2.54 -30.70
N ALA D 434 39.20 -1.79 -30.35
CA ALA D 434 39.43 -0.49 -30.96
C ALA D 434 39.85 -0.55 -32.42
N LEU D 435 40.53 -1.62 -32.81
CA LEU D 435 41.00 -1.74 -34.18
C LEU D 435 39.93 -2.26 -35.16
N THR D 436 38.83 -2.79 -34.65
CA THR D 436 37.76 -3.25 -35.53
C THR D 436 37.13 -1.98 -36.09
N VAL D 437 37.01 -1.90 -37.41
CA VAL D 437 36.43 -0.71 -38.03
C VAL D 437 34.91 -0.77 -37.96
N HIS D 438 34.34 0.04 -37.06
CA HIS D 438 32.89 0.10 -36.89
C HIS D 438 32.35 1.09 -37.90
N PRO D 439 31.16 0.81 -38.47
CA PRO D 439 30.56 1.72 -39.46
C PRO D 439 30.24 3.08 -38.87
N HIS D 440 30.39 4.13 -39.68
CA HIS D 440 30.07 5.48 -39.24
C HIS D 440 28.99 6.03 -40.16
N PRO D 441 27.92 6.63 -39.60
CA PRO D 441 27.67 6.83 -38.17
C PRO D 441 26.76 5.76 -37.58
N THR D 442 27.20 5.13 -36.50
CA THR D 442 26.36 4.14 -35.83
C THR D 442 26.58 4.22 -34.33
N LEU D 443 25.64 3.68 -33.57
CA LEU D 443 25.75 3.69 -32.12
C LEU D 443 26.85 2.70 -31.72
N SER D 444 27.07 1.68 -32.55
CA SER D 444 28.08 0.66 -32.27
C SER D 444 29.48 1.28 -32.11
N GLU D 445 29.72 2.41 -32.77
CA GLU D 445 31.00 3.09 -32.68
C GLU D 445 31.40 3.41 -31.25
N SER D 446 30.40 3.62 -30.40
CA SER D 446 30.65 3.92 -28.99
C SER D 446 31.53 2.89 -28.31
N LEU D 447 31.43 1.64 -28.77
CA LEU D 447 32.26 0.58 -28.19
C LEU D 447 33.71 0.77 -28.63
N MET D 448 33.87 1.01 -29.92
CA MET D 448 35.20 1.23 -30.49
C MET D 448 35.87 2.42 -29.83
N GLU D 449 35.11 3.49 -29.61
CA GLU D 449 35.65 4.70 -29.01
C GLU D 449 35.93 4.56 -27.52
N ALA D 450 35.09 3.78 -26.83
CA ALA D 450 35.31 3.55 -25.42
C ALA D 450 36.63 2.82 -25.25
N ALA D 451 36.95 1.96 -26.21
CA ALA D 451 38.20 1.21 -26.19
C ALA D 451 39.39 2.15 -26.43
N GLU D 452 39.21 3.10 -27.33
CA GLU D 452 40.25 4.09 -27.62
C GLU D 452 40.43 4.95 -26.37
N ALA D 453 39.33 5.22 -25.69
CA ALA D 453 39.37 6.03 -24.46
C ALA D 453 40.14 5.29 -23.39
N PHE D 454 40.02 3.97 -23.39
CA PHE D 454 40.72 3.11 -22.44
C PHE D 454 42.22 3.36 -22.61
N HIS D 455 42.63 3.58 -23.85
CA HIS D 455 44.04 3.83 -24.18
C HIS D 455 44.32 5.33 -24.23
N LYS D 456 43.42 6.12 -23.64
CA LYS D 456 43.55 7.57 -23.59
C LYS D 456 43.74 8.25 -24.94
N GLN D 457 43.16 7.70 -26.00
CA GLN D 457 43.29 8.32 -27.31
C GLN D 457 42.00 8.37 -28.14
N ALA D 458 40.86 8.54 -27.46
CA ALA D 458 39.59 8.64 -28.18
C ALA D 458 39.66 9.91 -29.02
N ILE D 459 38.96 9.92 -30.15
CA ILE D 459 38.97 11.06 -31.04
C ILE D 459 37.85 12.07 -30.79
N HIS D 460 36.63 11.57 -30.60
CA HIS D 460 35.47 12.44 -30.41
C HIS D 460 35.21 13.03 -29.04
N ILE D 461 36.14 12.83 -28.11
CA ILE D 461 36.05 13.42 -26.78
C ILE D 461 37.49 13.71 -26.39
N LEU D 462 37.69 14.68 -25.51
CA LEU D 462 39.04 14.99 -25.06
C LEU D 462 39.44 13.92 -24.05
N ASN D 463 40.73 13.57 -24.02
CA ASN D 463 41.22 12.57 -23.11
C ASN D 463 41.96 13.22 -21.93
N MET E 4 56.96 32.30 -44.11
CA MET E 4 56.94 30.82 -44.17
C MET E 4 56.73 30.21 -42.78
N LYS E 5 55.51 29.80 -42.49
CA LYS E 5 55.20 29.19 -41.20
C LYS E 5 55.45 27.69 -41.32
N THR E 6 56.07 27.10 -40.30
CA THR E 6 56.37 25.67 -40.32
C THR E 6 55.68 24.88 -39.21
N TYR E 7 55.37 23.62 -39.50
CA TYR E 7 54.71 22.75 -38.55
C TYR E 7 55.24 21.32 -38.74
N ASP E 8 54.93 20.44 -37.79
CA ASP E 8 55.35 19.06 -37.91
C ASP E 8 54.51 18.39 -38.99
N LEU E 9 53.24 18.80 -39.04
CA LEU E 9 52.29 18.24 -39.99
C LEU E 9 51.25 19.25 -40.44
N ILE E 10 50.87 19.17 -41.72
CA ILE E 10 49.83 20.02 -42.26
C ILE E 10 48.81 19.06 -42.87
N VAL E 11 47.57 19.15 -42.40
CA VAL E 11 46.51 18.31 -42.92
C VAL E 11 45.59 19.18 -43.75
N ILE E 12 45.32 18.75 -44.98
CA ILE E 12 44.45 19.50 -45.85
C ILE E 12 43.09 18.81 -45.88
N GLY E 13 42.09 19.47 -45.30
CA GLY E 13 40.75 18.92 -45.23
C GLY E 13 40.39 18.55 -43.81
N THR E 14 39.18 18.88 -43.37
CA THR E 14 38.78 18.54 -42.02
C THR E 14 37.53 17.67 -41.98
N GLY E 15 37.42 16.79 -42.97
CA GLY E 15 36.29 15.87 -42.99
C GLY E 15 36.68 14.70 -42.10
N PRO E 16 35.89 13.61 -42.08
CA PRO E 16 36.17 12.43 -41.26
C PRO E 16 37.65 12.03 -41.23
N GLY E 17 38.27 12.00 -42.41
CA GLY E 17 39.67 11.61 -42.48
C GLY E 17 40.62 12.65 -41.93
N GLY E 18 40.53 13.86 -42.46
CA GLY E 18 41.39 14.93 -42.01
C GLY E 18 41.34 15.28 -40.54
N TYR E 19 40.15 15.38 -39.95
CA TYR E 19 40.11 15.75 -38.54
C TYR E 19 40.59 14.61 -37.64
N HIS E 20 40.48 13.37 -38.13
CA HIS E 20 40.98 12.24 -37.36
C HIS E 20 42.51 12.30 -37.40
N ALA E 21 43.05 12.59 -38.57
CA ALA E 21 44.50 12.67 -38.75
C ALA E 21 45.09 13.79 -37.91
N ALA E 22 44.42 14.95 -37.91
CA ALA E 22 44.89 16.10 -37.15
C ALA E 22 44.89 15.83 -35.64
N ILE E 23 43.78 15.31 -35.13
CA ILE E 23 43.64 15.01 -33.71
C ILE E 23 44.62 13.93 -33.25
N ARG E 24 44.70 12.83 -33.97
CA ARG E 24 45.61 11.76 -33.58
C ARG E 24 47.06 12.25 -33.60
N ALA E 25 47.42 13.01 -34.63
CA ALA E 25 48.78 13.55 -34.73
C ALA E 25 49.07 14.44 -33.54
N ALA E 26 48.07 15.22 -33.13
CA ALA E 26 48.21 16.11 -31.98
C ALA E 26 48.37 15.32 -30.69
N GLN E 27 47.58 14.27 -30.52
CA GLN E 27 47.66 13.45 -29.32
C GLN E 27 49.06 12.84 -29.22
N LEU E 28 49.70 12.65 -30.37
CA LEU E 28 51.02 12.06 -30.40
C LEU E 28 52.15 13.09 -30.29
N GLY E 29 51.80 14.31 -29.92
CA GLY E 29 52.80 15.36 -29.74
C GLY E 29 53.22 16.22 -30.91
N LEU E 30 52.55 16.10 -32.05
CA LEU E 30 52.93 16.91 -33.20
C LEU E 30 52.25 18.27 -33.24
N LYS E 31 52.94 19.24 -33.82
CA LYS E 31 52.41 20.59 -33.97
C LYS E 31 51.71 20.51 -35.33
N VAL E 32 50.39 20.55 -35.31
CA VAL E 32 49.58 20.41 -36.51
C VAL E 32 48.81 21.64 -36.99
N LEU E 33 48.72 21.77 -38.30
CA LEU E 33 47.96 22.81 -38.95
C LEU E 33 46.94 22.08 -39.82
N ALA E 34 45.68 22.44 -39.67
CA ALA E 34 44.62 21.82 -40.45
C ALA E 34 44.04 22.92 -41.33
N VAL E 35 43.89 22.65 -42.62
CA VAL E 35 43.34 23.65 -43.53
C VAL E 35 42.00 23.17 -44.07
N GLU E 36 41.01 24.06 -44.05
CA GLU E 36 39.67 23.75 -44.52
C GLU E 36 39.13 24.87 -45.41
N ALA E 37 38.80 24.52 -46.66
CA ALA E 37 38.29 25.50 -47.62
C ALA E 37 36.80 25.82 -47.47
N GLY E 38 36.04 24.88 -46.93
CA GLY E 38 34.61 25.10 -46.75
C GLY E 38 34.18 24.94 -45.31
N GLU E 39 33.17 24.12 -45.07
CA GLU E 39 32.68 23.88 -43.73
C GLU E 39 33.47 22.81 -43.00
N VAL E 40 33.82 23.07 -41.74
CA VAL E 40 34.55 22.10 -40.94
C VAL E 40 33.72 20.83 -40.81
N GLY E 41 34.36 19.67 -40.91
CA GLY E 41 33.61 18.43 -40.77
C GLY E 41 33.39 17.67 -42.07
N GLY E 42 33.72 18.30 -43.18
CA GLY E 42 33.59 17.65 -44.48
C GLY E 42 32.19 17.30 -44.96
N VAL E 43 32.15 16.44 -45.98
CA VAL E 43 30.91 16.00 -46.58
C VAL E 43 30.02 15.21 -45.61
N CYS E 44 30.59 14.22 -44.96
CA CYS E 44 29.82 13.38 -44.04
C CYS E 44 29.02 14.17 -43.02
N LEU E 45 29.64 15.14 -42.37
CA LEU E 45 28.92 15.93 -41.38
C LEU E 45 28.03 17.02 -41.96
N ASN E 46 28.43 17.58 -43.11
CA ASN E 46 27.67 18.68 -43.71
C ASN E 46 26.62 18.37 -44.77
N VAL E 47 26.99 17.56 -45.75
CA VAL E 47 26.06 17.24 -46.84
C VAL E 47 26.04 15.76 -47.17
N GLY E 48 26.48 14.93 -46.25
CA GLY E 48 26.50 13.50 -46.51
C GLY E 48 25.79 12.67 -45.47
N CYS E 49 26.56 11.83 -44.79
CA CYS E 49 26.04 10.93 -43.77
C CYS E 49 24.99 11.51 -42.85
N ILE E 50 25.41 12.51 -42.09
CA ILE E 50 24.58 13.16 -41.08
C ILE E 50 23.23 13.70 -41.55
N PRO E 51 23.23 14.68 -42.48
CA PRO E 51 21.90 15.16 -42.87
C PRO E 51 21.02 14.07 -43.48
N THR E 52 21.63 13.13 -44.21
CA THR E 52 20.86 12.05 -44.82
C THR E 52 20.28 11.11 -43.76
N LYS E 53 21.06 10.77 -42.74
CA LYS E 53 20.58 9.88 -41.70
C LYS E 53 19.48 10.59 -40.91
N ALA E 54 19.63 11.90 -40.72
CA ALA E 54 18.63 12.68 -40.00
C ALA E 54 17.30 12.58 -40.74
N LEU E 55 17.31 12.87 -42.04
CA LEU E 55 16.11 12.80 -42.87
C LEU E 55 15.51 11.39 -42.84
N LEU E 56 16.35 10.38 -43.02
CA LEU E 56 15.88 8.99 -43.00
C LEU E 56 15.19 8.67 -41.68
N HIS E 57 15.70 9.21 -40.58
CA HIS E 57 15.09 8.94 -39.28
C HIS E 57 13.71 9.58 -39.19
N ALA E 58 13.58 10.80 -39.68
CA ALA E 58 12.28 11.47 -39.63
C ALA E 58 11.29 10.72 -40.52
N ALA E 59 11.76 10.23 -41.66
CA ALA E 59 10.91 9.51 -42.61
C ALA E 59 10.46 8.16 -42.05
N GLU E 60 11.36 7.49 -41.34
CA GLU E 60 11.06 6.20 -40.74
C GLU E 60 10.05 6.40 -39.61
N THR E 61 10.21 7.48 -38.86
CA THR E 61 9.30 7.78 -37.77
C THR E 61 7.89 7.99 -38.34
N LEU E 62 7.80 8.68 -39.46
CA LEU E 62 6.51 8.94 -40.10
C LEU E 62 5.95 7.64 -40.65
N HIS E 63 6.76 6.93 -41.42
CA HIS E 63 6.37 5.66 -42.03
C HIS E 63 5.89 4.58 -41.05
N HIS E 64 6.57 4.47 -39.91
CA HIS E 64 6.22 3.44 -38.93
C HIS E 64 4.82 3.63 -38.35
N LEU E 65 4.29 4.85 -38.43
CA LEU E 65 2.96 5.11 -37.90
C LEU E 65 1.89 4.27 -38.60
N LYS E 66 2.17 3.85 -39.82
CA LYS E 66 1.22 3.03 -40.56
C LYS E 66 1.09 1.65 -39.92
N VAL E 67 2.22 1.06 -39.53
CA VAL E 67 2.21 -0.23 -38.86
C VAL E 67 1.66 -0.02 -37.46
N ALA E 68 2.07 1.07 -36.82
CA ALA E 68 1.67 1.42 -35.45
C ALA E 68 0.15 1.48 -35.29
N GLU E 69 -0.53 1.83 -36.37
CA GLU E 69 -1.98 1.92 -36.36
C GLU E 69 -2.46 0.52 -35.96
N GLY E 70 -1.70 -0.48 -36.39
CA GLY E 70 -2.00 -1.87 -36.10
C GLY E 70 -2.04 -2.20 -34.62
N PHE E 71 -1.27 -1.49 -33.79
CA PHE E 71 -1.34 -1.78 -32.37
C PHE E 71 -2.05 -0.70 -31.56
N GLY E 72 -2.98 0.00 -32.20
CA GLY E 72 -3.76 1.01 -31.51
C GLY E 72 -3.29 2.45 -31.55
N LEU E 73 -2.20 2.72 -32.25
CA LEU E 73 -1.72 4.09 -32.31
C LEU E 73 -2.48 4.85 -33.38
N LYS E 74 -3.41 5.70 -32.94
CA LYS E 74 -4.20 6.49 -33.87
C LYS E 74 -3.53 7.86 -34.01
N ALA E 75 -3.39 8.33 -35.24
CA ALA E 75 -2.75 9.61 -35.48
C ALA E 75 -2.90 10.07 -36.92
N LYS E 76 -3.04 11.37 -37.10
CA LYS E 76 -3.17 11.97 -38.43
C LYS E 76 -1.91 12.81 -38.61
N PRO E 77 -0.82 12.19 -39.08
CA PRO E 77 0.47 12.85 -39.30
C PRO E 77 0.53 13.97 -40.33
N GLU E 78 1.18 15.06 -39.95
CA GLU E 78 1.38 16.22 -40.80
C GLU E 78 2.85 16.60 -40.62
N LEU E 79 3.62 16.56 -41.70
CA LEU E 79 5.05 16.86 -41.62
C LEU E 79 5.43 18.22 -42.19
N ASP E 80 5.89 19.09 -41.31
CA ASP E 80 6.33 20.42 -41.69
C ASP E 80 7.75 20.29 -42.23
N LEU E 81 7.91 20.40 -43.54
CA LEU E 81 9.23 20.26 -44.16
C LEU E 81 10.21 21.35 -43.76
N LYS E 82 9.68 22.55 -43.50
CA LYS E 82 10.51 23.67 -43.11
C LYS E 82 11.17 23.36 -41.77
N LYS E 83 10.38 22.88 -40.82
CA LYS E 83 10.89 22.54 -39.50
C LYS E 83 11.82 21.33 -39.56
N LEU E 84 11.57 20.43 -40.51
CA LEU E 84 12.40 19.25 -40.68
C LEU E 84 13.78 19.69 -41.14
N GLY E 85 13.78 20.60 -42.10
CA GLY E 85 15.03 21.13 -42.60
C GLY E 85 15.78 21.84 -41.50
N GLY E 86 15.03 22.57 -40.66
CA GLY E 86 15.64 23.29 -39.56
C GLY E 86 16.32 22.38 -38.55
N TRP E 87 15.71 21.23 -38.29
CA TRP E 87 16.28 20.27 -37.34
C TRP E 87 17.54 19.65 -37.97
N ARG E 88 17.44 19.33 -39.25
CA ARG E 88 18.57 18.76 -39.98
C ARG E 88 19.76 19.73 -39.88
N ASP E 89 19.49 21.01 -40.10
CA ASP E 89 20.54 22.02 -40.01
C ASP E 89 21.11 22.09 -38.60
N GLN E 90 20.23 21.95 -37.61
CA GLN E 90 20.63 22.00 -36.20
C GLN E 90 21.60 20.87 -35.85
N VAL E 91 21.28 19.67 -36.31
CA VAL E 91 22.10 18.49 -36.05
C VAL E 91 23.48 18.72 -36.65
N VAL E 92 23.50 19.17 -37.90
CA VAL E 92 24.76 19.44 -38.61
C VAL E 92 25.60 20.48 -37.88
N LYS E 93 24.98 21.58 -37.44
CA LYS E 93 25.72 22.64 -36.77
C LYS E 93 26.34 22.16 -35.47
N LYS E 94 25.60 21.33 -34.74
CA LYS E 94 26.04 20.78 -33.47
C LYS E 94 27.29 19.92 -33.66
N LEU E 95 27.25 19.05 -34.66
CA LEU E 95 28.35 18.15 -34.93
C LEU E 95 29.59 18.82 -35.55
N THR E 96 29.39 19.77 -36.45
CA THR E 96 30.54 20.45 -37.05
C THR E 96 31.17 21.36 -36.00
N GLY E 97 30.34 21.95 -35.14
CA GLY E 97 30.85 22.80 -34.09
C GLY E 97 31.69 21.94 -33.15
N GLY E 98 31.22 20.71 -32.93
CA GLY E 98 31.91 19.76 -32.07
C GLY E 98 33.29 19.42 -32.60
N VAL E 99 33.42 19.28 -33.92
CA VAL E 99 34.72 18.98 -34.51
C VAL E 99 35.63 20.19 -34.31
N GLY E 100 35.10 21.39 -34.47
CA GLY E 100 35.89 22.58 -34.27
C GLY E 100 36.43 22.62 -32.85
N THR E 101 35.57 22.28 -31.89
CA THR E 101 35.94 22.25 -30.48
C THR E 101 36.99 21.19 -30.17
N LEU E 102 36.87 20.04 -30.82
CA LEU E 102 37.81 18.95 -30.64
C LEU E 102 39.18 19.37 -31.15
N LEU E 103 39.22 19.97 -32.34
CA LEU E 103 40.47 20.42 -32.92
C LEU E 103 41.15 21.45 -32.01
N LYS E 104 40.37 22.41 -31.53
CA LYS E 104 40.91 23.45 -30.66
C LYS E 104 41.42 22.87 -29.34
N GLY E 105 40.58 22.07 -28.71
CA GLY E 105 40.96 21.45 -27.44
C GLY E 105 42.17 20.55 -27.54
N ASN E 106 42.48 20.10 -28.75
CA ASN E 106 43.64 19.23 -28.97
C ASN E 106 44.87 20.02 -29.35
N GLY E 107 44.72 21.33 -29.47
CA GLY E 107 45.85 22.18 -29.82
C GLY E 107 46.15 22.27 -31.31
N VAL E 108 45.20 21.87 -32.15
CA VAL E 108 45.40 21.95 -33.59
C VAL E 108 45.08 23.36 -34.09
N GLU E 109 45.90 23.87 -35.00
CA GLU E 109 45.68 25.18 -35.57
C GLU E 109 44.80 25.04 -36.80
N LEU E 110 43.72 25.82 -36.86
CA LEU E 110 42.79 25.75 -37.98
C LEU E 110 42.89 26.97 -38.88
N LEU E 111 43.15 26.73 -40.16
CA LEU E 111 43.26 27.81 -41.14
C LEU E 111 42.16 27.64 -42.18
N ARG E 112 41.36 28.67 -42.36
CA ARG E 112 40.28 28.60 -43.34
C ARG E 112 40.80 29.11 -44.68
N GLY E 113 40.67 28.28 -45.72
CA GLY E 113 41.14 28.65 -47.04
C GLY E 113 41.39 27.44 -47.93
N PHE E 114 41.68 27.68 -49.20
CA PHE E 114 41.94 26.59 -50.14
C PHE E 114 43.44 26.35 -50.28
N ALA E 115 43.91 25.22 -49.77
CA ALA E 115 45.32 24.86 -49.82
C ALA E 115 45.73 24.21 -51.14
N ARG E 116 46.88 24.63 -51.66
CA ARG E 116 47.42 24.08 -52.90
C ARG E 116 48.91 23.84 -52.70
N LEU E 117 49.39 22.64 -53.04
CA LEU E 117 50.82 22.36 -52.89
C LEU E 117 51.57 23.16 -53.94
N VAL E 118 52.78 23.62 -53.58
CA VAL E 118 53.63 24.35 -54.52
C VAL E 118 54.95 23.58 -54.58
N GLY E 119 55.07 22.61 -53.69
CA GLY E 119 56.26 21.78 -53.64
C GLY E 119 55.95 20.52 -52.85
N PRO E 120 56.91 19.60 -52.73
CA PRO E 120 56.73 18.34 -51.98
C PRO E 120 56.35 18.50 -50.52
N LYS E 121 56.83 19.57 -49.89
CA LYS E 121 56.55 19.81 -48.48
C LYS E 121 56.13 21.24 -48.19
N GLU E 122 55.61 21.92 -49.19
CA GLU E 122 55.17 23.30 -49.00
C GLU E 122 53.78 23.49 -49.59
N VAL E 123 52.96 24.24 -48.87
CA VAL E 123 51.59 24.49 -49.30
C VAL E 123 51.34 25.99 -49.36
N GLU E 124 50.49 26.42 -50.28
CA GLU E 124 50.17 27.83 -50.42
C GLU E 124 48.69 28.02 -50.12
N VAL E 125 48.39 28.94 -49.21
CA VAL E 125 47.01 29.23 -48.84
C VAL E 125 46.82 30.73 -48.74
N GLY E 126 45.90 31.26 -49.55
CA GLY E 126 45.65 32.69 -49.53
C GLY E 126 46.90 33.50 -49.86
N GLY E 127 47.78 32.92 -50.68
CA GLY E 127 48.99 33.63 -51.06
C GLY E 127 50.11 33.54 -50.04
N GLU E 128 49.88 32.83 -48.94
CA GLU E 128 50.90 32.67 -47.91
C GLU E 128 51.46 31.25 -48.01
N ARG E 129 52.71 31.06 -47.61
CA ARG E 129 53.34 29.75 -47.66
C ARG E 129 53.43 29.07 -46.29
N TYR E 130 53.25 27.75 -46.29
CA TYR E 130 53.33 26.95 -45.07
C TYR E 130 54.07 25.66 -45.38
N GLY E 131 55.00 25.28 -44.50
CA GLY E 131 55.76 24.07 -44.72
C GLY E 131 55.70 23.13 -43.54
N ALA E 132 55.98 21.85 -43.78
CA ALA E 132 55.96 20.86 -42.71
C ALA E 132 56.78 19.65 -43.09
N LYS E 133 57.16 18.86 -42.08
CA LYS E 133 57.94 17.66 -42.29
C LYS E 133 57.06 16.61 -42.98
N SER E 134 55.76 16.66 -42.72
CA SER E 134 54.85 15.71 -43.33
C SER E 134 53.52 16.37 -43.69
N LEU E 135 52.89 15.88 -44.76
CA LEU E 135 51.60 16.40 -45.21
C LEU E 135 50.62 15.26 -45.33
N ILE E 136 49.37 15.52 -45.00
CA ILE E 136 48.32 14.51 -45.13
C ILE E 136 47.22 15.14 -45.97
N LEU E 137 47.02 14.57 -47.15
CA LEU E 137 46.03 15.05 -48.11
C LEU E 137 44.71 14.32 -47.86
N ALA E 138 43.72 15.06 -47.38
CA ALA E 138 42.41 14.49 -47.08
C ALA E 138 41.31 15.38 -47.67
N THR E 139 41.41 15.62 -48.97
CA THR E 139 40.48 16.49 -49.69
C THR E 139 39.11 15.95 -50.10
N GLY E 140 38.83 14.70 -49.76
CA GLY E 140 37.53 14.12 -50.08
C GLY E 140 37.15 14.02 -51.54
N SER E 141 35.85 13.99 -51.81
CA SER E 141 35.35 13.88 -53.17
C SER E 141 34.15 14.81 -53.37
N GLU E 142 33.55 14.74 -54.55
CA GLU E 142 32.39 15.56 -54.89
C GLU E 142 31.46 14.72 -55.77
N PRO E 143 30.21 15.16 -55.95
CA PRO E 143 29.29 14.38 -56.79
C PRO E 143 29.82 14.21 -58.20
N LEU E 144 29.69 12.99 -58.73
CA LEU E 144 30.16 12.70 -60.08
C LEU E 144 29.10 13.08 -61.11
N GLU E 145 29.49 13.88 -62.10
CA GLU E 145 28.57 14.29 -63.15
C GLU E 145 28.38 13.14 -64.13
N LEU E 146 27.19 13.05 -64.69
CA LEU E 146 26.88 11.98 -65.65
C LEU E 146 26.61 12.58 -67.02
N LYS E 147 27.33 12.09 -68.02
CA LYS E 147 27.15 12.58 -69.39
C LYS E 147 25.67 12.60 -69.74
N GLY E 148 25.21 13.73 -70.27
CA GLY E 148 23.81 13.86 -70.65
C GLY E 148 22.94 14.41 -69.54
N PHE E 149 23.50 14.52 -68.34
CA PHE E 149 22.73 15.02 -67.21
C PHE E 149 23.49 16.07 -66.40
N PRO E 150 23.77 17.24 -67.01
CA PRO E 150 24.50 18.28 -66.30
C PRO E 150 23.66 18.78 -65.12
N PHE E 151 24.31 19.04 -63.99
CA PHE E 151 23.58 19.51 -62.81
C PHE E 151 22.94 20.87 -63.07
N GLY E 152 21.76 21.06 -62.50
CA GLY E 152 21.05 22.31 -62.67
C GLY E 152 19.78 22.32 -61.84
N GLU E 153 18.86 23.21 -62.18
CA GLU E 153 17.60 23.33 -61.47
C GLU E 153 16.79 22.05 -61.46
N ASP E 154 16.82 21.31 -62.57
CA ASP E 154 16.06 20.07 -62.69
C ASP E 154 16.88 18.79 -62.50
N VAL E 155 18.20 18.90 -62.53
CA VAL E 155 19.07 17.75 -62.34
C VAL E 155 19.88 17.99 -61.07
N TRP E 156 19.47 17.32 -60.00
CA TRP E 156 20.10 17.48 -58.70
C TRP E 156 21.22 16.51 -58.36
N ASP E 157 22.05 16.93 -57.42
CA ASP E 157 23.11 16.09 -56.90
C ASP E 157 22.65 15.83 -55.48
N SER E 158 23.36 14.98 -54.73
CA SER E 158 22.93 14.67 -53.37
C SER E 158 22.75 15.89 -52.46
N THR E 159 23.62 16.88 -52.60
CA THR E 159 23.54 18.07 -51.76
C THR E 159 22.22 18.82 -51.93
N ARG E 160 21.78 18.99 -53.17
CA ARG E 160 20.52 19.68 -53.43
C ARG E 160 19.35 18.81 -52.94
N ALA E 161 19.47 17.50 -53.11
CA ALA E 161 18.40 16.59 -52.70
C ALA E 161 18.10 16.65 -51.21
N LEU E 162 19.10 17.01 -50.40
CA LEU E 162 18.90 17.11 -48.96
C LEU E 162 17.89 18.20 -48.58
N LYS E 163 17.83 19.27 -49.36
CA LYS E 163 16.93 20.40 -49.08
C LYS E 163 15.48 20.10 -49.42
N VAL E 164 14.86 19.20 -48.65
CA VAL E 164 13.47 18.83 -48.87
C VAL E 164 12.50 19.96 -48.57
N GLU E 165 12.96 20.99 -47.87
CA GLU E 165 12.10 22.12 -47.53
C GLU E 165 11.91 23.04 -48.73
N GLU E 166 12.69 22.80 -49.78
CA GLU E 166 12.60 23.62 -50.98
C GLU E 166 11.63 23.00 -51.98
N GLY E 167 10.58 22.39 -51.46
CA GLY E 167 9.57 21.77 -52.31
C GLY E 167 9.94 20.39 -52.80
N LEU E 168 9.06 19.41 -52.56
CA LEU E 168 9.29 18.04 -53.00
C LEU E 168 8.69 17.84 -54.38
N PRO E 169 9.42 17.16 -55.29
CA PRO E 169 8.93 16.91 -56.64
C PRO E 169 7.81 15.86 -56.63
N LYS E 170 6.88 15.97 -57.57
CA LYS E 170 5.80 15.00 -57.64
C LYS E 170 6.38 13.67 -58.10
N ARG E 171 7.27 13.73 -59.07
CA ARG E 171 7.91 12.55 -59.63
C ARG E 171 9.42 12.74 -59.66
N LEU E 172 10.14 11.77 -59.12
CA LEU E 172 11.59 11.82 -59.07
C LEU E 172 12.21 10.60 -59.72
N LEU E 173 13.27 10.82 -60.48
CA LEU E 173 14.01 9.73 -61.10
C LEU E 173 15.38 9.74 -60.44
N VAL E 174 15.79 8.59 -59.91
CA VAL E 174 17.10 8.50 -59.26
C VAL E 174 17.99 7.64 -60.13
N ILE E 175 19.14 8.17 -60.52
CA ILE E 175 20.06 7.39 -61.34
C ILE E 175 21.17 6.91 -60.41
N GLY E 176 21.26 5.60 -60.23
CA GLY E 176 22.27 5.02 -59.35
C GLY E 176 21.64 4.17 -58.26
N GLY E 177 22.08 2.91 -58.18
CA GLY E 177 21.56 2.00 -57.18
C GLY E 177 22.55 1.76 -56.05
N GLY E 178 23.31 2.79 -55.72
CA GLY E 178 24.28 2.69 -54.64
C GLY E 178 23.62 3.22 -53.38
N ALA E 179 24.38 3.26 -52.28
CA ALA E 179 23.83 3.74 -51.01
C ALA E 179 23.16 5.12 -51.10
N VAL E 180 23.79 6.05 -51.82
CA VAL E 180 23.26 7.41 -51.95
C VAL E 180 21.89 7.43 -52.63
N GLY E 181 21.78 6.81 -53.81
CA GLY E 181 20.50 6.79 -54.52
C GLY E 181 19.38 6.10 -53.76
N LEU E 182 19.69 4.95 -53.16
CA LEU E 182 18.68 4.20 -52.41
C LEU E 182 18.14 4.96 -51.20
N GLU E 183 19.04 5.57 -50.42
CA GLU E 183 18.64 6.32 -49.24
C GLU E 183 17.83 7.56 -49.57
N LEU E 184 18.33 8.38 -50.48
CA LEU E 184 17.62 9.59 -50.86
C LEU E 184 16.33 9.22 -51.61
N GLY E 185 16.40 8.13 -52.36
CA GLY E 185 15.22 7.67 -53.08
C GLY E 185 14.12 7.33 -52.08
N GLN E 186 14.47 6.60 -51.02
CA GLN E 186 13.48 6.23 -50.03
C GLN E 186 13.00 7.42 -49.24
N VAL E 187 13.89 8.39 -49.01
CA VAL E 187 13.50 9.59 -48.27
C VAL E 187 12.37 10.29 -49.02
N TYR E 188 12.59 10.53 -50.31
CA TYR E 188 11.59 11.21 -51.14
C TYR E 188 10.29 10.41 -51.26
N ARG E 189 10.41 9.10 -51.41
CA ARG E 189 9.24 8.25 -51.51
C ARG E 189 8.36 8.38 -50.27
N ARG E 190 8.98 8.32 -49.10
CA ARG E 190 8.26 8.41 -47.85
C ARG E 190 7.69 9.79 -47.56
N LEU E 191 8.30 10.82 -48.16
CA LEU E 191 7.82 12.18 -47.96
C LEU E 191 6.70 12.52 -48.93
N GLY E 192 6.33 11.56 -49.78
CA GLY E 192 5.22 11.79 -50.71
C GLY E 192 5.42 11.77 -52.20
N ALA E 193 6.66 11.64 -52.67
CA ALA E 193 6.91 11.65 -54.10
C ALA E 193 6.89 10.28 -54.77
N GLU E 194 6.73 10.27 -56.08
CA GLU E 194 6.77 9.05 -56.86
C GLU E 194 8.26 8.91 -57.12
N VAL E 195 8.78 7.69 -57.03
CA VAL E 195 10.21 7.50 -57.25
C VAL E 195 10.55 6.29 -58.10
N THR E 196 11.37 6.52 -59.11
CA THR E 196 11.84 5.47 -60.00
C THR E 196 13.36 5.54 -59.90
N LEU E 197 14.00 4.40 -59.67
CA LEU E 197 15.44 4.37 -59.56
C LEU E 197 16.02 3.41 -60.56
N ILE E 198 17.05 3.84 -61.28
CA ILE E 198 17.66 2.99 -62.28
C ILE E 198 19.08 2.62 -61.90
N GLU E 199 19.46 1.39 -62.20
CA GLU E 199 20.78 0.89 -61.90
C GLU E 199 21.34 0.13 -63.10
N TYR E 200 22.51 0.56 -63.55
CA TYR E 200 23.18 -0.05 -64.70
C TYR E 200 23.44 -1.54 -64.51
N MET E 201 23.97 -1.91 -63.35
CA MET E 201 24.28 -3.30 -63.05
C MET E 201 23.05 -4.19 -62.88
N PRO E 202 23.25 -5.53 -62.94
CA PRO E 202 22.16 -6.51 -62.80
C PRO E 202 21.35 -6.41 -61.50
N GLU E 203 21.98 -5.87 -60.46
CA GLU E 203 21.31 -5.73 -59.17
C GLU E 203 21.82 -4.50 -58.44
N ILE E 204 21.00 -3.92 -57.55
CA ILE E 204 21.44 -2.75 -56.81
C ILE E 204 22.58 -3.18 -55.89
N LEU E 205 23.33 -2.22 -55.36
CA LEU E 205 24.46 -2.52 -54.49
C LEU E 205 25.35 -3.58 -55.14
N PRO E 206 25.80 -3.33 -56.38
CA PRO E 206 26.65 -4.27 -57.13
C PRO E 206 27.92 -4.72 -56.40
N GLN E 207 28.33 -3.96 -55.39
CA GLN E 207 29.53 -4.31 -54.65
C GLN E 207 29.26 -5.34 -53.56
N GLY E 208 28.00 -5.48 -53.17
CA GLY E 208 27.65 -6.43 -52.13
C GLY E 208 26.89 -7.66 -52.55
N ASP E 209 26.60 -8.51 -51.56
CA ASP E 209 25.87 -9.74 -51.76
C ASP E 209 24.57 -9.51 -52.51
N PRO E 210 24.38 -10.18 -53.67
CA PRO E 210 23.19 -10.06 -54.51
C PRO E 210 21.88 -10.47 -53.85
N GLU E 211 21.93 -11.53 -53.06
CA GLU E 211 20.75 -12.06 -52.38
C GLU E 211 20.15 -11.06 -51.38
N THR E 212 20.96 -10.54 -50.47
CA THR E 212 20.46 -9.58 -49.50
C THR E 212 20.10 -8.26 -50.18
N ALA E 213 20.87 -7.89 -51.19
CA ALA E 213 20.60 -6.65 -51.92
C ALA E 213 19.26 -6.79 -52.63
N ALA E 214 18.98 -7.97 -53.16
CA ALA E 214 17.73 -8.23 -53.86
C ALA E 214 16.56 -8.08 -52.91
N LEU E 215 16.73 -8.57 -51.68
CA LEU E 215 15.69 -8.50 -50.69
C LEU E 215 15.38 -7.03 -50.40
N LEU E 216 16.44 -6.22 -50.33
CA LEU E 216 16.27 -4.79 -50.09
C LEU E 216 15.47 -4.18 -51.25
N ARG E 217 15.86 -4.49 -52.49
CA ARG E 217 15.15 -3.96 -53.65
C ARG E 217 13.66 -4.30 -53.60
N ARG E 218 13.35 -5.58 -53.33
CA ARG E 218 11.95 -5.98 -53.28
C ARG E 218 11.18 -5.24 -52.19
N ALA E 219 11.85 -4.95 -51.07
CA ALA E 219 11.18 -4.23 -49.98
C ALA E 219 10.86 -2.81 -50.46
N LEU E 220 11.81 -2.20 -51.14
CA LEU E 220 11.61 -0.84 -51.65
C LEU E 220 10.50 -0.85 -52.69
N GLU E 221 10.49 -1.87 -53.54
CA GLU E 221 9.47 -2.00 -54.57
C GLU E 221 8.10 -2.11 -53.91
N LYS E 222 8.06 -2.80 -52.77
CA LYS E 222 6.81 -2.97 -52.02
C LYS E 222 6.25 -1.62 -51.59
N GLU E 223 7.13 -0.65 -51.33
CA GLU E 223 6.70 0.68 -50.92
C GLU E 223 6.30 1.55 -52.12
N GLY E 224 6.48 1.04 -53.32
CA GLY E 224 6.11 1.79 -54.50
C GLY E 224 7.29 2.35 -55.28
N ILE E 225 8.50 2.11 -54.80
CA ILE E 225 9.68 2.60 -55.51
C ILE E 225 9.96 1.64 -56.66
N ARG E 226 9.81 2.16 -57.88
CA ARG E 226 10.05 1.37 -59.09
C ARG E 226 11.55 1.29 -59.34
N VAL E 227 12.10 0.08 -59.27
CA VAL E 227 13.53 -0.10 -59.48
C VAL E 227 13.83 -0.82 -60.79
N ARG E 228 14.64 -0.18 -61.63
CA ARG E 228 15.03 -0.73 -62.93
C ARG E 228 16.51 -1.06 -62.95
N THR E 229 16.82 -2.34 -62.83
CA THR E 229 18.21 -2.79 -62.85
C THR E 229 18.61 -3.10 -64.30
N LYS E 230 19.91 -3.31 -64.53
CA LYS E 230 20.42 -3.61 -65.86
C LYS E 230 19.93 -2.55 -66.83
N THR E 231 19.78 -1.33 -66.32
CA THR E 231 19.29 -0.22 -67.13
C THR E 231 20.12 1.04 -66.90
N LYS E 232 20.34 1.81 -67.97
CA LYS E 232 21.12 3.03 -67.86
C LYS E 232 20.37 4.22 -68.45
N ALA E 233 20.63 5.39 -67.89
CA ALA E 233 20.02 6.63 -68.36
C ALA E 233 21.02 7.17 -69.38
N VAL E 234 20.53 7.61 -70.53
CA VAL E 234 21.41 8.11 -71.58
C VAL E 234 21.28 9.61 -71.83
N GLY E 235 20.13 10.17 -71.47
CA GLY E 235 19.92 11.60 -71.66
C GLY E 235 18.47 11.95 -71.40
N TYR E 236 18.11 13.21 -71.67
CA TYR E 236 16.74 13.64 -71.45
C TYR E 236 16.41 14.92 -72.21
N GLU E 237 15.12 15.21 -72.29
CA GLU E 237 14.62 16.40 -72.96
C GLU E 237 13.57 17.02 -72.05
N LYS E 238 13.72 18.31 -71.76
CA LYS E 238 12.77 19.02 -70.91
C LYS E 238 11.57 19.45 -71.75
N LYS E 239 10.40 18.94 -71.40
CA LYS E 239 9.18 19.31 -72.10
C LYS E 239 8.25 20.00 -71.12
N LYS E 240 7.07 20.42 -71.60
CA LYS E 240 6.13 21.12 -70.74
C LYS E 240 5.54 20.23 -69.65
N ASP E 241 5.45 18.93 -69.92
CA ASP E 241 4.89 17.98 -68.96
C ASP E 241 5.96 17.34 -68.07
N GLY E 242 7.19 17.83 -68.18
CA GLY E 242 8.27 17.30 -67.36
C GLY E 242 9.50 16.89 -68.16
N LEU E 243 10.42 16.20 -67.48
CA LEU E 243 11.65 15.73 -68.11
C LEU E 243 11.44 14.35 -68.70
N HIS E 244 11.68 14.22 -70.01
CA HIS E 244 11.53 12.94 -70.67
C HIS E 244 12.90 12.29 -70.74
N VAL E 245 13.15 11.38 -69.82
CA VAL E 245 14.44 10.69 -69.73
C VAL E 245 14.47 9.41 -70.56
N ARG E 246 15.49 9.29 -71.41
CA ARG E 246 15.65 8.12 -72.25
C ARG E 246 16.51 7.07 -71.55
N LEU E 247 15.98 5.84 -71.48
CA LEU E 247 16.68 4.73 -70.85
C LEU E 247 17.02 3.71 -71.93
N GLU E 248 17.99 2.85 -71.65
CA GLU E 248 18.41 1.80 -72.56
C GLU E 248 19.00 0.66 -71.75
N PRO E 249 18.98 -0.56 -72.31
CA PRO E 249 19.55 -1.69 -71.57
C PRO E 249 21.01 -1.35 -71.28
N ALA E 250 21.52 -1.78 -70.14
CA ALA E 250 22.90 -1.48 -69.75
C ALA E 250 23.87 -1.62 -70.93
N GLU E 251 23.79 -2.74 -71.63
CA GLU E 251 24.67 -3.01 -72.76
C GLU E 251 24.31 -2.20 -74.01
N GLY E 252 23.27 -1.39 -73.90
CA GLY E 252 22.85 -0.59 -75.05
C GLY E 252 21.79 -1.35 -75.83
N GLY E 253 20.94 -0.62 -76.54
CA GLY E 253 19.90 -1.26 -77.32
C GLY E 253 18.64 -0.42 -77.36
N GLU E 254 17.50 -1.07 -77.60
CA GLU E 254 16.22 -0.37 -77.68
C GLU E 254 16.03 0.61 -76.53
N GLY E 255 15.64 1.83 -76.87
CA GLY E 255 15.43 2.84 -75.85
C GLY E 255 14.01 2.92 -75.36
N GLU E 256 13.85 3.43 -74.14
CA GLU E 256 12.53 3.60 -73.53
C GLU E 256 12.54 4.97 -72.85
N GLU E 257 11.36 5.43 -72.44
CA GLU E 257 11.26 6.73 -71.83
C GLU E 257 10.41 6.74 -70.56
N VAL E 258 10.79 7.59 -69.62
CA VAL E 258 10.08 7.76 -68.36
C VAL E 258 10.00 9.25 -68.11
N VAL E 259 8.87 9.71 -67.62
CA VAL E 259 8.70 11.14 -67.35
C VAL E 259 8.64 11.46 -65.86
N VAL E 260 9.49 12.40 -65.45
CA VAL E 260 9.54 12.84 -64.06
C VAL E 260 9.71 14.35 -63.97
N ASP E 261 9.64 14.87 -62.75
CA ASP E 261 9.76 16.30 -62.53
C ASP E 261 11.20 16.74 -62.28
N LYS E 262 11.91 15.95 -61.49
CA LYS E 262 13.31 16.23 -61.18
C LYS E 262 14.12 14.94 -61.29
N VAL E 263 15.43 15.08 -61.49
CA VAL E 263 16.31 13.93 -61.60
C VAL E 263 17.43 14.07 -60.56
N LEU E 264 17.74 12.98 -59.87
CA LEU E 264 18.82 12.98 -58.89
C LEU E 264 19.91 12.06 -59.43
N VAL E 265 21.08 12.62 -59.68
CA VAL E 265 22.18 11.83 -60.18
C VAL E 265 23.07 11.40 -59.01
N ALA E 266 23.11 10.09 -58.78
CA ALA E 266 23.91 9.51 -57.70
C ALA E 266 24.69 8.32 -58.27
N VAL E 267 25.52 8.58 -59.28
CA VAL E 267 26.29 7.52 -59.92
C VAL E 267 27.73 7.39 -59.40
N GLY E 268 28.04 8.10 -58.33
CA GLY E 268 29.38 8.01 -57.78
C GLY E 268 29.95 9.32 -57.30
N ARG E 269 31.27 9.32 -57.08
CA ARG E 269 31.98 10.48 -56.60
C ARG E 269 33.27 10.69 -57.37
N LYS E 270 33.75 11.93 -57.39
CA LYS E 270 34.98 12.27 -58.07
C LYS E 270 35.93 12.83 -57.02
N PRO E 271 37.12 12.24 -56.86
CA PRO E 271 38.05 12.75 -55.85
C PRO E 271 38.54 14.16 -56.16
N ARG E 272 38.59 15.01 -55.14
CA ARG E 272 39.03 16.39 -55.32
C ARG E 272 40.55 16.49 -55.30
N THR E 273 41.15 16.10 -56.42
CA THR E 273 42.60 16.11 -56.53
C THR E 273 43.11 17.02 -57.65
N GLU E 274 42.20 17.69 -58.35
CA GLU E 274 42.58 18.61 -59.43
C GLU E 274 42.73 20.02 -58.86
N GLY E 275 43.73 20.74 -59.36
CA GLY E 275 43.96 22.10 -58.88
C GLY E 275 44.43 22.09 -57.43
N LEU E 276 44.99 20.96 -57.00
CA LEU E 276 45.48 20.80 -55.64
C LEU E 276 47.00 20.97 -55.56
N GLY E 277 47.63 21.18 -56.71
CA GLY E 277 49.07 21.37 -56.76
C GLY E 277 49.86 20.08 -56.75
N LEU E 278 49.19 18.94 -56.94
CA LEU E 278 49.87 17.66 -56.95
C LEU E 278 50.94 17.57 -58.04
N GLU E 279 50.68 18.22 -59.18
CA GLU E 279 51.64 18.20 -60.29
C GLU E 279 52.88 19.05 -60.00
N LYS E 280 52.85 19.79 -58.90
CA LYS E 280 53.99 20.62 -58.51
C LYS E 280 54.80 19.93 -57.42
N ALA E 281 54.25 18.86 -56.85
CA ALA E 281 54.90 18.12 -55.77
C ALA E 281 55.38 16.72 -56.13
N GLY E 282 54.98 16.22 -57.29
CA GLY E 282 55.40 14.88 -57.68
C GLY E 282 54.49 13.77 -57.17
N VAL E 283 53.31 14.13 -56.70
CA VAL E 283 52.37 13.13 -56.18
C VAL E 283 51.62 12.44 -57.32
N LYS E 284 51.81 11.13 -57.43
CA LYS E 284 51.16 10.34 -58.48
C LYS E 284 49.67 10.10 -58.24
N VAL E 285 48.90 10.31 -59.31
CA VAL E 285 47.45 10.14 -59.29
C VAL E 285 47.07 9.17 -60.40
N ASP E 286 46.08 8.31 -60.17
CA ASP E 286 45.68 7.35 -61.20
C ASP E 286 44.65 7.93 -62.17
N GLU E 287 44.32 7.14 -63.19
CA GLU E 287 43.37 7.57 -64.22
C GLU E 287 42.07 8.16 -63.69
N ARG E 288 41.61 7.67 -62.54
CA ARG E 288 40.36 8.13 -61.95
C ARG E 288 40.49 9.35 -61.04
N GLY E 289 41.71 9.76 -60.74
CA GLY E 289 41.90 10.92 -59.91
C GLY E 289 42.27 10.59 -58.47
N PHE E 290 42.37 9.31 -58.14
CA PHE E 290 42.72 8.92 -56.78
C PHE E 290 44.23 8.99 -56.58
N ILE E 291 44.64 9.56 -55.45
CA ILE E 291 46.05 9.67 -55.12
C ILE E 291 46.56 8.27 -54.74
N ARG E 292 47.58 7.80 -55.43
CA ARG E 292 48.14 6.47 -55.17
C ARG E 292 48.82 6.40 -53.81
N VAL E 293 48.45 5.39 -53.01
CA VAL E 293 49.05 5.20 -51.70
C VAL E 293 49.26 3.72 -51.40
N ASN E 294 50.08 3.42 -50.41
CA ASN E 294 50.32 2.04 -50.00
C ASN E 294 49.58 1.84 -48.68
N ALA E 295 49.79 0.69 -48.03
CA ALA E 295 49.11 0.38 -46.77
C ALA E 295 49.40 1.38 -45.64
N ARG E 296 50.52 2.07 -45.73
CA ARG E 296 50.89 3.04 -44.72
C ARG E 296 50.24 4.38 -45.04
N MET E 297 49.48 4.41 -46.12
CA MET E 297 48.79 5.61 -46.61
C MET E 297 49.80 6.58 -47.23
N GLU E 298 51.00 6.10 -47.52
CA GLU E 298 52.04 6.94 -48.11
C GLU E 298 51.91 7.07 -49.62
N THR E 299 52.11 8.28 -50.12
CA THR E 299 52.04 8.57 -51.55
C THR E 299 53.40 8.27 -52.16
N SER E 300 53.57 8.64 -53.43
CA SER E 300 54.83 8.44 -54.15
C SER E 300 55.91 9.36 -53.60
N VAL E 301 55.52 10.29 -52.74
CA VAL E 301 56.46 11.24 -52.16
C VAL E 301 56.61 10.97 -50.66
N PRO E 302 57.83 10.66 -50.21
CA PRO E 302 58.09 10.39 -48.80
C PRO E 302 57.59 11.53 -47.90
N GLY E 303 56.86 11.20 -46.85
CA GLY E 303 56.37 12.22 -45.94
C GLY E 303 55.03 12.81 -46.34
N VAL E 304 54.52 12.44 -47.50
CA VAL E 304 53.24 12.94 -47.96
C VAL E 304 52.27 11.76 -48.01
N TYR E 305 51.18 11.86 -47.24
CA TYR E 305 50.17 10.80 -47.18
C TYR E 305 48.85 11.28 -47.78
N ALA E 306 47.99 10.33 -48.11
CA ALA E 306 46.67 10.63 -48.65
C ALA E 306 45.72 9.64 -48.01
N ILE E 307 44.53 10.10 -47.63
CA ILE E 307 43.53 9.27 -46.96
C ILE E 307 42.10 9.55 -47.43
N GLY E 308 41.17 8.70 -47.00
CA GLY E 308 39.78 8.86 -47.36
C GLY E 308 39.43 8.80 -48.83
N ASP E 309 38.41 9.55 -49.21
CA ASP E 309 37.92 9.61 -50.59
C ASP E 309 38.96 10.05 -51.62
N ALA E 310 39.90 10.90 -51.20
CA ALA E 310 40.93 11.40 -52.12
C ALA E 310 41.95 10.32 -52.45
N ALA E 311 42.05 9.32 -51.59
CA ALA E 311 43.01 8.26 -51.78
C ALA E 311 42.48 7.03 -52.53
N ARG E 312 41.28 6.57 -52.16
CA ARG E 312 40.76 5.37 -52.82
C ARG E 312 39.38 4.94 -52.35
N PRO E 313 38.70 4.09 -53.15
CA PRO E 313 37.37 3.59 -52.79
C PRO E 313 37.65 2.43 -51.82
N PRO E 314 36.64 1.98 -51.06
CA PRO E 314 35.27 2.49 -51.05
C PRO E 314 35.27 3.87 -50.40
N LEU E 315 34.36 4.73 -50.85
CA LEU E 315 34.28 6.09 -50.33
C LEU E 315 33.38 6.13 -49.09
N LEU E 316 33.92 5.63 -47.99
CA LEU E 316 33.20 5.55 -46.72
C LEU E 316 33.87 6.36 -45.62
N ALA E 317 33.05 6.88 -44.70
CA ALA E 317 33.51 7.72 -43.59
C ALA E 317 34.38 7.00 -42.57
N HIS E 318 33.92 5.84 -42.09
CA HIS E 318 34.71 5.10 -41.11
C HIS E 318 36.05 4.68 -41.68
N LYS E 319 36.10 4.44 -42.98
CA LYS E 319 37.35 4.07 -43.64
C LYS E 319 38.27 5.28 -43.64
N ALA E 320 37.72 6.44 -44.02
CA ALA E 320 38.51 7.66 -44.05
C ALA E 320 39.06 7.95 -42.66
N MET E 321 38.24 7.74 -41.64
CA MET E 321 38.64 7.99 -40.26
C MET E 321 39.83 7.13 -39.85
N ARG E 322 39.74 5.83 -40.11
CA ARG E 322 40.82 4.91 -39.78
C ARG E 322 42.08 5.25 -40.57
N GLU E 323 41.91 5.55 -41.84
CA GLU E 323 43.06 5.89 -42.69
C GLU E 323 43.75 7.14 -42.14
N GLY E 324 42.96 8.04 -41.57
CA GLY E 324 43.53 9.25 -40.99
C GLY E 324 44.40 8.91 -39.78
N LEU E 325 43.94 7.96 -38.97
CA LEU E 325 44.68 7.54 -37.78
C LEU E 325 45.99 6.88 -38.21
N ILE E 326 45.94 6.10 -39.27
CA ILE E 326 47.14 5.43 -39.77
C ILE E 326 48.17 6.44 -40.26
N ALA E 327 47.70 7.40 -41.07
CA ALA E 327 48.60 8.43 -41.62
C ALA E 327 49.19 9.28 -40.51
N ALA E 328 48.38 9.63 -39.52
CA ALA E 328 48.86 10.45 -38.42
C ALA E 328 49.93 9.70 -37.63
N GLU E 329 49.68 8.42 -37.37
CA GLU E 329 50.61 7.60 -36.61
C GLU E 329 51.95 7.44 -37.30
N ASN E 330 51.93 7.28 -38.62
CA ASN E 330 53.16 7.14 -39.37
C ASN E 330 53.91 8.46 -39.47
N ALA E 331 53.15 9.56 -39.54
CA ALA E 331 53.77 10.87 -39.60
C ALA E 331 54.45 11.12 -38.26
N ALA E 332 53.92 10.48 -37.21
CA ALA E 332 54.45 10.63 -35.86
C ALA E 332 55.57 9.63 -35.52
N GLY E 333 56.03 8.89 -36.52
CA GLY E 333 57.12 7.94 -36.29
C GLY E 333 56.77 6.50 -35.99
N LYS E 334 55.48 6.19 -35.88
CA LYS E 334 55.08 4.82 -35.59
C LYS E 334 55.10 3.94 -36.84
N ASP E 335 54.85 2.66 -36.66
CA ASP E 335 54.84 1.73 -37.77
C ASP E 335 53.43 1.16 -37.92
N SER E 336 52.54 1.95 -38.49
CA SER E 336 51.15 1.55 -38.68
C SER E 336 50.84 1.22 -40.13
N ALA E 337 49.75 0.48 -40.33
CA ALA E 337 49.32 0.09 -41.66
C ALA E 337 47.84 -0.25 -41.67
N PHE E 338 47.17 0.08 -42.77
CA PHE E 338 45.75 -0.20 -42.92
C PHE E 338 45.59 -1.59 -43.51
N ASP E 339 44.98 -2.48 -42.75
CA ASP E 339 44.74 -3.85 -43.17
C ASP E 339 43.57 -4.32 -42.33
N TYR E 340 42.41 -3.73 -42.59
CA TYR E 340 41.21 -4.04 -41.84
C TYR E 340 40.01 -4.37 -42.71
N GLN E 341 39.03 -5.03 -42.10
CA GLN E 341 37.78 -5.39 -42.75
C GLN E 341 36.94 -4.12 -42.68
N VAL E 342 36.52 -3.61 -43.83
CA VAL E 342 35.72 -2.40 -43.86
C VAL E 342 34.26 -2.73 -44.21
N PRO E 343 33.35 -2.56 -43.24
CA PRO E 343 31.94 -2.84 -43.49
C PRO E 343 31.31 -1.73 -44.34
N SER E 344 30.15 -2.03 -44.90
CA SER E 344 29.40 -1.08 -45.72
C SER E 344 27.95 -1.11 -45.24
N VAL E 345 27.34 0.06 -45.10
CA VAL E 345 25.95 0.13 -44.62
C VAL E 345 25.07 1.04 -45.47
N VAL E 346 23.82 0.62 -45.64
CA VAL E 346 22.83 1.41 -46.37
C VAL E 346 21.74 1.63 -45.33
N TYR E 347 21.49 2.89 -44.98
CA TYR E 347 20.51 3.21 -43.95
C TYR E 347 19.05 3.29 -44.37
N THR E 348 18.69 2.52 -45.39
CA THR E 348 17.31 2.46 -45.85
C THR E 348 16.57 1.63 -44.81
N SER E 349 15.27 1.44 -45.02
CA SER E 349 14.44 0.61 -44.15
C SER E 349 13.75 -0.41 -45.05
N PRO E 350 14.13 -1.69 -44.94
CA PRO E 350 15.14 -2.23 -44.03
C PRO E 350 16.55 -1.75 -44.39
N GLU E 351 17.46 -1.81 -43.42
CA GLU E 351 18.85 -1.42 -43.64
C GLU E 351 19.57 -2.59 -44.29
N TRP E 352 20.70 -2.30 -44.93
CA TRP E 352 21.52 -3.34 -45.55
C TRP E 352 22.92 -3.13 -45.00
N ALA E 353 23.64 -4.21 -44.73
CA ALA E 353 25.01 -4.10 -44.22
C ALA E 353 25.80 -5.32 -44.65
N GLY E 354 27.08 -5.11 -44.93
CA GLY E 354 27.93 -6.21 -45.35
C GLY E 354 29.38 -5.99 -45.00
N VAL E 355 30.09 -7.08 -44.77
CA VAL E 355 31.49 -7.01 -44.45
C VAL E 355 32.11 -8.35 -44.80
N GLY E 356 33.33 -8.31 -45.31
CA GLY E 356 33.99 -9.55 -45.67
C GLY E 356 33.74 -9.92 -47.12
N LEU E 357 33.88 -11.21 -47.41
CA LEU E 357 33.73 -11.71 -48.77
C LEU E 357 32.33 -12.20 -49.16
N THR E 358 31.94 -11.87 -50.39
CA THR E 358 30.67 -12.32 -50.92
C THR E 358 30.92 -13.77 -51.33
N GLU E 359 29.88 -14.52 -51.67
CA GLU E 359 30.08 -15.90 -52.10
C GLU E 359 31.04 -15.97 -53.28
N GLU E 360 30.85 -15.07 -54.25
CA GLU E 360 31.69 -15.03 -55.44
C GLU E 360 33.15 -14.75 -55.12
N GLU E 361 33.38 -13.74 -54.27
CA GLU E 361 34.74 -13.38 -53.89
C GLU E 361 35.42 -14.50 -53.12
N ALA E 362 34.66 -15.20 -52.28
CA ALA E 362 35.20 -16.30 -51.49
C ALA E 362 35.64 -17.41 -52.44
N LYS E 363 34.79 -17.70 -53.43
CA LYS E 363 35.12 -18.75 -54.40
C LYS E 363 36.40 -18.37 -55.12
N ARG E 364 36.48 -17.12 -55.57
CA ARG E 364 37.66 -16.64 -56.27
C ARG E 364 38.89 -16.71 -55.39
N ALA E 365 38.71 -16.48 -54.09
CA ALA E 365 39.81 -16.52 -53.14
C ALA E 365 40.30 -17.95 -52.94
N GLY E 366 39.54 -18.92 -53.43
CA GLY E 366 39.94 -20.31 -53.31
C GLY E 366 39.40 -21.08 -52.12
N TYR E 367 38.36 -20.57 -51.47
CA TYR E 367 37.77 -21.27 -50.33
C TYR E 367 36.68 -22.22 -50.79
N LYS E 368 36.37 -23.21 -49.95
CA LYS E 368 35.30 -24.16 -50.24
C LYS E 368 34.10 -23.46 -49.62
N VAL E 369 33.38 -22.70 -50.42
CA VAL E 369 32.24 -21.92 -49.95
C VAL E 369 31.02 -22.66 -49.43
N LYS E 370 30.55 -22.20 -48.27
CA LYS E 370 29.36 -22.75 -47.64
C LYS E 370 28.64 -21.55 -47.03
N VAL E 371 27.31 -21.59 -47.03
CA VAL E 371 26.53 -20.48 -46.50
C VAL E 371 25.51 -20.90 -45.46
N GLY E 372 25.07 -19.92 -44.67
CA GLY E 372 24.06 -20.14 -43.66
C GLY E 372 23.12 -18.96 -43.81
N LYS E 373 21.81 -19.21 -43.75
CA LYS E 373 20.82 -18.14 -43.90
C LYS E 373 19.74 -18.22 -42.82
N PHE E 374 19.32 -17.06 -42.31
CA PHE E 374 18.27 -17.04 -41.32
C PHE E 374 17.33 -15.85 -41.63
N PRO E 375 16.04 -16.13 -41.88
CA PRO E 375 15.05 -15.10 -42.19
C PRO E 375 14.49 -14.41 -40.95
N LEU E 376 14.21 -13.12 -41.06
CA LEU E 376 13.67 -12.38 -39.92
C LEU E 376 12.26 -12.81 -39.58
N ALA E 377 11.60 -13.50 -40.50
CA ALA E 377 10.23 -13.98 -40.26
C ALA E 377 10.22 -14.91 -39.05
N ALA E 378 11.36 -15.54 -38.77
CA ALA E 378 11.45 -16.46 -37.64
C ALA E 378 12.01 -15.78 -36.39
N SER E 379 12.12 -14.46 -36.43
CA SER E 379 12.66 -13.69 -35.30
C SER E 379 11.58 -13.14 -34.37
N GLY E 380 11.66 -13.54 -33.10
CA GLY E 380 10.70 -13.05 -32.12
C GLY E 380 10.83 -11.54 -31.92
N ARG E 381 12.06 -11.05 -31.88
CA ARG E 381 12.29 -9.62 -31.69
C ARG E 381 11.67 -8.83 -32.84
N ALA E 382 11.88 -9.30 -34.06
CA ALA E 382 11.36 -8.63 -35.25
C ALA E 382 9.84 -8.48 -35.17
N LEU E 383 9.18 -9.50 -34.62
CA LEU E 383 7.73 -9.47 -34.50
C LEU E 383 7.30 -8.43 -33.47
N THR E 384 8.04 -8.33 -32.35
CA THR E 384 7.69 -7.36 -31.30
C THR E 384 7.94 -5.91 -31.74
N LEU E 385 8.65 -5.75 -32.85
CA LEU E 385 8.95 -4.43 -33.38
C LEU E 385 8.00 -4.10 -34.54
N GLY E 386 7.02 -4.98 -34.74
CA GLY E 386 6.06 -4.79 -35.82
C GLY E 386 6.43 -5.68 -36.99
N GLY E 387 6.02 -5.29 -38.20
CA GLY E 387 6.38 -6.09 -39.36
C GLY E 387 7.84 -6.52 -39.31
N ALA E 388 8.13 -7.71 -39.80
CA ALA E 388 9.49 -8.25 -39.79
C ALA E 388 9.91 -8.72 -41.17
N GLU E 389 10.89 -8.06 -41.76
CA GLU E 389 11.36 -8.45 -43.08
C GLU E 389 12.87 -8.27 -43.27
N GLY E 390 13.54 -9.35 -43.63
CA GLY E 390 14.97 -9.30 -43.84
C GLY E 390 15.62 -10.66 -43.67
N MET E 391 16.94 -10.69 -43.64
CA MET E 391 17.65 -11.94 -43.48
C MET E 391 19.12 -11.71 -43.17
N VAL E 392 19.76 -12.76 -42.70
CA VAL E 392 21.18 -12.71 -42.40
C VAL E 392 21.80 -13.88 -43.14
N LYS E 393 22.88 -13.61 -43.86
CA LYS E 393 23.57 -14.67 -44.57
C LYS E 393 25.02 -14.66 -44.15
N VAL E 394 25.53 -15.82 -43.74
CA VAL E 394 26.92 -15.94 -43.35
C VAL E 394 27.62 -16.79 -44.39
N VAL E 395 28.81 -16.34 -44.79
CA VAL E 395 29.64 -17.02 -45.78
C VAL E 395 30.90 -17.54 -45.09
N GLY E 396 31.19 -18.82 -45.25
CA GLY E 396 32.37 -19.39 -44.63
C GLY E 396 33.01 -20.52 -45.41
N ASP E 397 34.10 -21.06 -44.87
CA ASP E 397 34.80 -22.16 -45.51
C ASP E 397 34.38 -23.45 -44.80
N GLU E 398 33.79 -24.38 -45.54
CA GLU E 398 33.34 -25.62 -44.90
C GLU E 398 34.50 -26.50 -44.44
N GLU E 399 35.67 -26.31 -45.01
CA GLU E 399 36.83 -27.12 -44.61
C GLU E 399 37.40 -26.68 -43.27
N THR E 400 37.64 -25.38 -43.12
CA THR E 400 38.21 -24.85 -41.89
C THR E 400 37.18 -24.21 -40.96
N ASP E 401 35.96 -24.02 -41.43
CA ASP E 401 34.88 -23.41 -40.65
C ASP E 401 35.11 -21.92 -40.38
N LEU E 402 36.08 -21.33 -41.09
CA LEU E 402 36.37 -19.91 -40.92
C LEU E 402 35.27 -19.02 -41.48
N LEU E 403 34.92 -17.97 -40.75
CA LEU E 403 33.91 -17.02 -41.22
C LEU E 403 34.60 -16.14 -42.26
N LEU E 404 33.96 -15.97 -43.41
CA LEU E 404 34.53 -15.19 -44.50
C LEU E 404 33.77 -13.90 -44.82
N GLY E 405 32.46 -13.91 -44.59
CA GLY E 405 31.66 -12.74 -44.87
C GLY E 405 30.28 -12.78 -44.25
N VAL E 406 29.71 -11.61 -43.99
CA VAL E 406 28.38 -11.54 -43.40
C VAL E 406 27.61 -10.43 -44.07
N PHE E 407 26.35 -10.70 -44.40
CA PHE E 407 25.50 -9.73 -45.05
C PHE E 407 24.16 -9.75 -44.35
N ILE E 408 23.68 -8.58 -44.00
CA ILE E 408 22.44 -8.44 -43.26
C ILE E 408 21.49 -7.44 -43.90
N VAL E 409 20.20 -7.80 -43.93
CA VAL E 409 19.19 -6.90 -44.43
C VAL E 409 18.07 -7.00 -43.41
N GLY E 410 17.70 -5.84 -42.87
CA GLY E 410 16.66 -5.78 -41.87
C GLY E 410 16.87 -4.59 -40.96
N PRO E 411 16.02 -4.39 -39.97
CA PRO E 411 16.25 -3.23 -39.10
C PRO E 411 17.56 -3.36 -38.31
N GLN E 412 18.22 -2.23 -38.08
CA GLN E 412 19.46 -2.18 -37.31
C GLN E 412 20.61 -2.98 -37.92
N ALA E 413 20.52 -3.29 -39.21
CA ALA E 413 21.58 -4.04 -39.88
C ALA E 413 22.93 -3.35 -39.67
N GLY E 414 22.92 -2.02 -39.79
CA GLY E 414 24.13 -1.25 -39.62
C GLY E 414 24.77 -1.37 -38.25
N GLU E 415 23.94 -1.62 -37.24
CA GLU E 415 24.45 -1.76 -35.87
C GLU E 415 24.99 -3.15 -35.60
N LEU E 416 24.43 -4.13 -36.31
CA LEU E 416 24.81 -5.54 -36.15
C LEU E 416 26.06 -5.96 -36.91
N ILE E 417 26.38 -5.26 -37.99
CA ILE E 417 27.53 -5.63 -38.80
C ILE E 417 28.86 -5.48 -38.05
N ALA E 418 28.88 -4.63 -37.02
CA ALA E 418 30.10 -4.43 -36.24
C ALA E 418 30.52 -5.74 -35.59
N GLU E 419 29.56 -6.54 -35.12
CA GLU E 419 29.86 -7.83 -34.49
C GLU E 419 30.54 -8.73 -35.51
N ALA E 420 30.06 -8.68 -36.75
CA ALA E 420 30.63 -9.48 -37.82
C ALA E 420 32.04 -8.99 -38.16
N ALA E 421 32.23 -7.67 -38.13
CA ALA E 421 33.54 -7.09 -38.42
C ALA E 421 34.55 -7.60 -37.39
N LEU E 422 34.14 -7.63 -36.13
CA LEU E 422 35.01 -8.09 -35.04
C LEU E 422 35.31 -9.57 -35.26
N ALA E 423 34.27 -10.37 -35.50
CA ALA E 423 34.44 -11.80 -35.74
C ALA E 423 35.52 -12.04 -36.79
N LEU E 424 35.43 -11.34 -37.91
CA LEU E 424 36.42 -11.49 -38.97
C LEU E 424 37.83 -11.09 -38.52
N GLU E 425 37.93 -9.97 -37.82
CA GLU E 425 39.23 -9.50 -37.33
C GLU E 425 39.81 -10.49 -36.32
N MET E 426 38.96 -11.18 -35.57
CA MET E 426 39.41 -12.14 -34.57
C MET E 426 39.61 -13.54 -35.15
N GLY E 427 39.39 -13.71 -36.45
CA GLY E 427 39.55 -15.01 -37.06
C GLY E 427 38.55 -16.02 -36.50
N ALA E 428 37.33 -15.57 -36.27
CA ALA E 428 36.29 -16.42 -35.72
C ALA E 428 35.78 -17.41 -36.76
N THR E 429 35.27 -18.53 -36.28
CA THR E 429 34.70 -19.58 -37.12
C THR E 429 33.19 -19.49 -36.98
N LEU E 430 32.46 -20.20 -37.84
CA LEU E 430 31.00 -20.19 -37.75
C LEU E 430 30.57 -20.74 -36.40
N THR E 431 31.33 -21.71 -35.89
CA THR E 431 31.01 -22.29 -34.59
C THR E 431 31.20 -21.25 -33.48
N ASP E 432 32.25 -20.44 -33.57
CA ASP E 432 32.49 -19.40 -32.56
C ASP E 432 31.27 -18.47 -32.49
N LEU E 433 30.74 -18.10 -33.66
CA LEU E 433 29.60 -17.22 -33.73
C LEU E 433 28.34 -17.90 -33.18
N ALA E 434 28.14 -19.16 -33.56
CA ALA E 434 26.97 -19.92 -33.11
C ALA E 434 26.99 -20.17 -31.60
N LEU E 435 28.19 -20.31 -31.04
CA LEU E 435 28.33 -20.57 -29.61
C LEU E 435 28.40 -19.34 -28.73
N THR E 436 28.40 -18.16 -29.34
CA THR E 436 28.41 -16.94 -28.55
C THR E 436 26.95 -16.75 -28.15
N VAL E 437 26.70 -16.50 -26.87
CA VAL E 437 25.33 -16.34 -26.42
C VAL E 437 24.80 -14.93 -26.68
N HIS E 438 23.97 -14.80 -27.70
CA HIS E 438 23.36 -13.51 -28.03
C HIS E 438 22.10 -13.40 -27.18
N PRO E 439 21.82 -12.20 -26.67
CA PRO E 439 20.62 -12.03 -25.83
C PRO E 439 19.31 -12.28 -26.57
N HIS E 440 18.32 -12.82 -25.86
CA HIS E 440 17.00 -13.09 -26.42
C HIS E 440 15.99 -12.24 -25.65
N PRO E 441 15.10 -11.54 -26.36
CA PRO E 441 15.04 -11.52 -27.83
C PRO E 441 15.72 -10.29 -28.42
N THR E 442 16.55 -10.50 -29.43
CA THR E 442 17.22 -9.39 -30.10
C THR E 442 17.39 -9.72 -31.57
N LEU E 443 17.59 -8.69 -32.38
CA LEU E 443 17.81 -8.89 -33.81
C LEU E 443 19.18 -9.55 -34.02
N SER E 444 20.12 -9.30 -33.11
CA SER E 444 21.46 -9.86 -33.21
C SER E 444 21.44 -11.39 -33.25
N GLU E 445 20.40 -11.98 -32.67
CA GLU E 445 20.28 -13.43 -32.66
C GLU E 445 20.30 -14.03 -34.07
N SER E 446 19.84 -13.26 -35.05
CA SER E 446 19.81 -13.75 -36.43
C SER E 446 21.18 -14.16 -36.91
N LEU E 447 22.21 -13.49 -36.40
CA LEU E 447 23.59 -13.80 -36.78
C LEU E 447 23.97 -15.15 -36.18
N MET E 448 23.60 -15.33 -34.92
CA MET E 448 23.88 -16.57 -34.21
C MET E 448 23.18 -17.74 -34.88
N GLU E 449 21.91 -17.56 -35.25
CA GLU E 449 21.16 -18.63 -35.88
C GLU E 449 21.58 -18.90 -37.34
N ALA E 450 22.05 -17.88 -38.05
CA ALA E 450 22.49 -18.08 -39.42
C ALA E 450 23.72 -18.99 -39.36
N ALA E 451 24.52 -18.81 -38.31
CA ALA E 451 25.72 -19.63 -38.11
C ALA E 451 25.29 -21.07 -37.78
N GLU E 452 24.21 -21.22 -37.04
CA GLU E 452 23.70 -22.55 -36.70
C GLU E 452 23.14 -23.18 -37.97
N ALA E 453 22.47 -22.37 -38.79
CA ALA E 453 21.90 -22.86 -40.05
C ALA E 453 23.02 -23.32 -40.97
N PHE E 454 24.17 -22.68 -40.86
CA PHE E 454 25.34 -23.03 -41.66
C PHE E 454 25.67 -24.51 -41.39
N HIS E 455 25.50 -24.93 -40.15
CA HIS E 455 25.76 -26.31 -39.74
C HIS E 455 24.49 -27.15 -39.66
N LYS E 456 23.46 -26.68 -40.35
CA LYS E 456 22.19 -27.40 -40.42
C LYS E 456 21.53 -27.72 -39.08
N GLN E 457 21.65 -26.83 -38.11
CA GLN E 457 21.01 -27.07 -36.82
C GLN E 457 20.37 -25.84 -36.20
N ALA E 458 19.90 -24.91 -37.04
CA ALA E 458 19.22 -23.71 -36.53
C ALA E 458 17.98 -24.23 -35.80
N ILE E 459 17.58 -23.54 -34.75
CA ILE E 459 16.44 -23.96 -33.94
C ILE E 459 15.08 -23.42 -34.40
N HIS E 460 15.02 -22.12 -34.66
CA HIS E 460 13.78 -21.49 -35.05
C HIS E 460 13.32 -21.62 -36.50
N ILE E 461 14.03 -22.44 -37.26
CA ILE E 461 13.64 -22.70 -38.65
C ILE E 461 13.93 -24.17 -38.92
N LEU E 462 13.16 -24.78 -39.81
CA LEU E 462 13.40 -26.17 -40.16
C LEU E 462 14.62 -26.17 -41.07
N ASN E 463 15.54 -27.11 -40.82
CA ASN E 463 16.76 -27.20 -41.60
C ASN E 463 16.62 -28.15 -42.77
N PRO F 1 41.34 -15.89 -22.86
CA PRO F 1 40.86 -17.29 -22.95
C PRO F 1 40.73 -17.76 -24.40
N ALA F 2 40.30 -19.00 -24.59
CA ALA F 2 40.17 -19.56 -25.94
C ALA F 2 38.77 -19.39 -26.51
N ALA F 3 38.71 -19.29 -27.84
CA ALA F 3 37.45 -19.14 -28.55
C ALA F 3 36.57 -20.37 -28.31
N PRO F 4 35.24 -20.22 -28.40
CA PRO F 4 34.31 -21.33 -28.19
C PRO F 4 34.62 -22.61 -28.94
N SER F 5 34.97 -22.49 -30.23
CA SER F 5 35.25 -23.66 -31.06
C SER F 5 36.49 -24.43 -30.59
N ILE F 6 37.45 -23.71 -30.03
CA ILE F 6 38.67 -24.32 -29.53
C ILE F 6 38.38 -25.03 -28.21
N ARG F 7 37.56 -24.41 -27.36
CA ARG F 7 37.19 -25.00 -26.08
C ARG F 7 36.35 -26.26 -26.31
N ARG F 8 35.43 -26.18 -27.25
CA ARG F 8 34.57 -27.30 -27.55
C ARG F 8 35.39 -28.44 -28.17
N LEU F 9 36.32 -28.08 -29.04
CA LEU F 9 37.18 -29.07 -29.71
C LEU F 9 38.01 -29.82 -28.66
N ALA F 10 38.53 -29.09 -27.68
CA ALA F 10 39.34 -29.67 -26.62
C ALA F 10 38.55 -30.70 -25.82
N ARG F 11 37.30 -30.37 -25.47
CA ARG F 11 36.47 -31.29 -24.72
C ARG F 11 36.28 -32.56 -25.54
N GLU F 12 36.01 -32.37 -26.83
CA GLU F 12 35.81 -33.49 -27.73
C GLU F 12 37.02 -34.42 -27.78
N LEU F 13 38.21 -33.83 -27.95
CA LEU F 13 39.44 -34.60 -28.02
C LEU F 13 40.03 -35.00 -26.67
N GLY F 14 39.38 -34.58 -25.60
CA GLY F 14 39.87 -34.91 -24.27
C GLY F 14 41.16 -34.16 -23.96
N VAL F 15 41.32 -32.98 -24.57
CA VAL F 15 42.51 -32.18 -24.35
C VAL F 15 42.26 -31.14 -23.25
N ASP F 16 43.20 -31.04 -22.31
CA ASP F 16 43.09 -30.09 -21.22
C ASP F 16 43.82 -28.81 -21.63
N LEU F 17 43.07 -27.76 -21.93
CA LEU F 17 43.68 -26.50 -22.37
C LEU F 17 44.60 -25.84 -21.34
N THR F 18 44.31 -26.00 -20.05
CA THR F 18 45.14 -25.38 -19.02
C THR F 18 46.57 -25.92 -19.03
N ARG F 19 46.75 -27.06 -19.69
CA ARG F 19 48.06 -27.70 -19.78
C ARG F 19 48.79 -27.33 -21.05
N LEU F 20 48.13 -26.55 -21.91
CA LEU F 20 48.73 -26.16 -23.18
C LEU F 20 49.36 -24.78 -23.20
N ARG F 21 50.32 -24.63 -24.11
CA ARG F 21 51.02 -23.37 -24.33
C ARG F 21 50.70 -23.04 -25.78
N GLY F 22 49.82 -22.06 -25.98
CA GLY F 22 49.44 -21.68 -27.34
C GLY F 22 50.61 -21.24 -28.19
N THR F 23 50.58 -21.60 -29.46
CA THR F 23 51.64 -21.21 -30.40
C THR F 23 51.16 -20.06 -31.28
N GLY F 24 49.95 -19.58 -31.02
CA GLY F 24 49.41 -18.49 -31.80
C GLY F 24 50.03 -17.15 -31.46
N LEU F 25 49.48 -16.08 -32.02
CA LEU F 25 49.99 -14.73 -31.82
C LEU F 25 50.54 -14.47 -30.41
N ALA F 26 49.70 -14.00 -29.51
CA ALA F 26 50.12 -13.73 -28.14
C ALA F 26 49.87 -14.92 -27.23
N GLY F 27 50.27 -16.10 -27.69
CA GLY F 27 50.06 -17.30 -26.91
C GLY F 27 48.70 -17.92 -27.12
N ARG F 28 47.99 -17.44 -28.15
CA ARG F 28 46.66 -17.96 -28.43
C ARG F 28 46.71 -19.43 -28.84
N ILE F 29 45.85 -20.23 -28.23
CA ILE F 29 45.80 -21.66 -28.52
C ILE F 29 45.11 -21.86 -29.88
N THR F 30 45.80 -22.52 -30.80
CA THR F 30 45.25 -22.78 -32.13
C THR F 30 44.57 -24.13 -32.17
N GLU F 31 43.72 -24.36 -33.16
CA GLU F 31 43.03 -25.63 -33.26
C GLU F 31 44.08 -26.73 -33.46
N GLU F 32 45.18 -26.40 -34.13
CA GLU F 32 46.25 -27.36 -34.35
C GLU F 32 46.93 -27.66 -33.03
N ASP F 33 47.05 -26.65 -32.18
CA ASP F 33 47.65 -26.84 -30.86
C ASP F 33 46.83 -27.88 -30.12
N VAL F 34 45.51 -27.78 -30.22
CA VAL F 34 44.63 -28.71 -29.55
C VAL F 34 44.79 -30.14 -30.09
N ARG F 35 44.63 -30.32 -31.40
CA ARG F 35 44.75 -31.66 -31.95
C ARG F 35 46.14 -32.26 -31.81
N ARG F 36 47.16 -31.40 -31.77
CA ARG F 36 48.53 -31.88 -31.61
C ARG F 36 48.68 -32.52 -30.23
N ALA F 37 47.93 -32.02 -29.26
CA ALA F 37 47.98 -32.53 -27.89
C ALA F 37 47.04 -33.71 -27.69
N ALA F 38 46.24 -34.01 -28.70
CA ALA F 38 45.30 -35.12 -28.62
C ALA F 38 46.02 -36.46 -28.73
N GLY F 39 45.37 -37.51 -28.24
CA GLY F 39 45.97 -38.84 -28.29
C GLY F 39 47.08 -39.00 -27.27
PA FAD G . -35.88 -13.64 46.91
O1A FAD G . -35.96 -12.85 45.67
O2A FAD G . -36.55 -13.26 48.04
O5B FAD G . -36.58 -14.91 46.40
C5B FAD G . -36.81 -16.10 47.23
C4B FAD G . -38.02 -16.84 46.57
O4B FAD G . -38.21 -18.07 47.36
C3B FAD G . -39.38 -16.12 46.59
O3B FAD G . -40.04 -16.06 45.36
C2B FAD G . -40.12 -16.81 47.73
O2B FAD G . -41.52 -16.74 47.62
C1B FAD G . -39.66 -18.21 47.58
N9A FAD G . -39.67 -19.08 48.76
C8A FAD G . -39.24 -18.77 50.03
N7A FAD G . -39.37 -19.78 50.89
C5A FAD G . -39.92 -20.80 50.14
C6A FAD G . -40.29 -22.19 50.48
N6A FAD G . -40.15 -22.71 51.67
N1A FAD G . -40.80 -22.93 49.44
C2A FAD G . -40.96 -22.42 48.17
N3A FAD G . -40.64 -21.18 47.78
C4A FAD G . -40.11 -20.40 48.79
N1 FAD G . -31.41 -5.45 45.38
C2 FAD G . -30.63 -5.01 44.41
O2 FAD G . -29.64 -5.58 44.10
N3 FAD G . -30.94 -3.81 43.69
C4 FAD G . -32.07 -3.05 43.98
O4 FAD G . -32.29 -2.06 43.33
C4X FAD G . -32.94 -3.53 45.05
N5 FAD G . -34.06 -2.84 45.38
C5X FAD G . -34.85 -3.32 46.40
C6 FAD G . -36.02 -2.60 46.73
C7 FAD G . -36.88 -3.02 47.73
C7M FAD G . -38.12 -2.20 48.05
C8 FAD G . -36.59 -4.25 48.47
C8M FAD G . -37.49 -4.77 49.57
C9 FAD G . -35.42 -4.99 48.15
C9A FAD G . -34.55 -4.55 47.13
N10 FAD G . -33.35 -5.25 46.74
C10 FAD G . -32.55 -4.76 45.74
C1' FAD G . -32.98 -6.54 47.42
C2' FAD G . -33.22 -7.73 46.40
O2' FAD G . -34.61 -7.71 46.04
C3' FAD G . -32.85 -9.08 47.04
O3' FAD G . -31.47 -9.07 47.40
C4' FAD G . -33.07 -10.25 46.06
O4' FAD G . -34.47 -10.35 45.62
C5' FAD G . -32.65 -11.53 46.76
O5' FAD G . -32.87 -12.77 45.80
P FAD G . -33.12 -14.13 46.42
O1P FAD G . -33.26 -15.05 45.17
O2P FAD G . -32.15 -14.49 47.34
O3P FAD G . -34.37 -14.06 47.22
PA FAD H . -10.63 22.33 18.38
O1A FAD H . -11.56 22.17 19.52
O2A FAD H . -11.10 22.71 17.15
O5B FAD H . -9.84 23.54 18.92
C5B FAD H . -8.80 24.24 18.16
C4B FAD H . -8.73 25.68 18.74
O4B FAD H . -7.60 26.35 18.08
C3B FAD H . -9.96 26.59 18.49
O3B FAD H . -10.50 27.18 19.62
C2B FAD H . -9.49 27.53 17.39
O2B FAD H . -10.15 28.76 17.40
C1B FAD H . -8.04 27.72 17.74
N9A FAD H . -7.11 28.04 16.65
C8A FAD H . -7.05 27.46 15.40
N7A FAD H . -6.10 27.96 14.62
C5A FAD H . -5.49 28.92 15.40
C6A FAD H . -4.36 29.83 15.13
N6A FAD H . -3.70 29.87 14.01
N1A FAD H . -4.04 30.68 16.18
C2A FAD H . -4.71 30.67 17.38
N3A FAD H . -5.75 29.88 17.71
C4A FAD H . -6.11 29.01 16.69
N1 FAD H . -16.25 14.78 19.70
C2 FAD H . -16.45 13.96 20.73
O2 FAD H . -15.55 13.34 21.21
N3 FAD H . -17.75 13.81 21.32
C4 FAD H . -18.86 14.48 20.83
O4 FAD H . -19.94 14.31 21.37
C4X FAD H . -18.65 15.37 19.70
N5 FAD H . -19.69 16.05 19.17
C5X FAD H . -19.45 16.88 18.10
C6 FAD H . -20.56 17.60 17.55
C7 FAD H . -20.41 18.46 16.47
C7M FAD H . -21.62 19.19 15.92
C8 FAD H . -19.07 18.65 15.88
C8M FAD H . -18.83 19.57 14.70
C9 FAD H . -17.96 17.95 16.41
C9A FAD H . -18.15 17.08 17.50
N10 FAD H . -17.06 16.32 18.10
C10 FAD H . -17.28 15.49 19.16
C1' FAD H . -15.66 16.47 17.58
C2' FAD H . -14.85 17.32 18.64
O2' FAD H . -15.50 18.59 18.75
C3' FAD H . -13.39 17.51 18.18
O3' FAD H . -12.77 16.22 18.08
C4' FAD H . -12.57 18.33 19.22
O4' FAD H . -13.13 19.66 19.40
C5' FAD H . -11.13 18.43 18.72
O5' FAD H . -10.27 19.28 19.76
P FAD H . -9.08 20.08 19.25
O1P FAD H . -8.49 20.66 20.56
O2P FAD H . -8.19 19.32 18.48
O3P FAD H . -9.60 21.12 18.32
PA FAD I . 9.93 -21.14 -18.62
O1A FAD I . 9.84 -20.34 -19.84
O2A FAD I . 9.24 -20.80 -17.49
O5B FAD I . 9.28 -22.43 -19.15
C5B FAD I . 9.05 -23.62 -18.30
C4B FAD I . 7.82 -24.33 -18.92
O4B FAD I . 7.60 -25.54 -18.12
C3B FAD I . 6.47 -23.56 -18.87
O3B FAD I . 5.82 -23.44 -20.09
C2B FAD I . 5.72 -24.26 -17.74
O2B FAD I . 4.34 -24.16 -17.86
C1B FAD I . 6.15 -25.68 -17.91
N9A FAD I . 6.13 -26.56 -16.75
C8A FAD I . 6.54 -26.26 -15.47
N7A FAD I . 6.41 -27.29 -14.63
C5A FAD I . 5.87 -28.30 -15.39
C6A FAD I . 5.50 -29.69 -15.07
N6A FAD I . 5.62 -30.24 -13.88
N1A FAD I . 4.98 -30.41 -16.12
C2A FAD I . 4.83 -29.90 -17.38
N3A FAD I . 5.15 -28.64 -17.77
C4A FAD I . 5.67 -27.87 -16.74
N1 FAD I . 14.51 -12.92 -20.11
C2 FAD I . 15.30 -12.47 -21.09
O2 FAD I . 16.29 -13.04 -21.41
N3 FAD I . 14.98 -11.29 -21.81
C4 FAD I . 13.84 -10.54 -21.54
O4 FAD I . 13.61 -9.55 -22.18
C4X FAD I . 12.98 -11.02 -20.45
N5 FAD I . 11.85 -10.33 -20.12
C5X FAD I . 11.06 -10.84 -19.10
C6 FAD I . 9.88 -10.12 -18.75
C7 FAD I . 9.03 -10.56 -17.74
C7M FAD I . 7.78 -9.77 -17.41
C8 FAD I . 9.34 -11.79 -17.01
C8M FAD I . 8.45 -12.32 -15.90
C9 FAD I . 10.51 -12.52 -17.33
C9A FAD I . 11.37 -12.06 -18.37
N10 FAD I . 12.58 -12.75 -18.76
C10 FAD I . 13.37 -12.25 -19.75
C1' FAD I . 12.96 -14.02 -18.07
C2' FAD I . 12.69 -15.22 -19.08
O2' FAD I . 11.30 -15.20 -19.38
C3' FAD I . 13.07 -16.55 -18.44
O3' FAD I . 14.47 -16.53 -18.14
C4' FAD I . 12.82 -17.73 -19.40
O4' FAD I . 11.42 -17.83 -19.77
C5' FAD I . 13.27 -19.01 -18.70
O5' FAD I . 13.03 -20.24 -19.68
P FAD I . 12.72 -21.60 -19.08
O1P FAD I . 12.57 -22.50 -20.34
O2P FAD I . 13.68 -22.04 -18.18
O3P FAD I . 11.46 -21.50 -18.31
PA FAD J . 35.38 14.75 -47.02
O1A FAD J . 34.46 14.57 -45.88
O2A FAD J . 34.90 15.16 -48.24
O5B FAD J . 36.19 15.93 -46.47
C5B FAD J . 37.24 16.59 -47.26
C4B FAD J . 37.34 18.03 -46.70
O4B FAD J . 38.47 18.66 -47.41
C3B FAD J . 36.13 18.97 -46.93
O3B FAD J . 35.61 19.54 -45.78
C2B FAD J . 36.60 19.92 -48.02
O2B FAD J . 35.98 21.17 -47.97
C1B FAD J . 38.06 20.06 -47.71
N9A FAD J . 38.98 20.39 -48.80
C8A FAD J . 39.02 19.81 -50.05
N7A FAD J . 39.98 20.32 -50.82
C5A FAD J . 40.60 21.26 -50.04
C6A FAD J . 41.75 22.16 -50.29
N6A FAD J . 42.41 22.19 -51.42
N1A FAD J . 42.07 22.98 -49.23
C2A FAD J . 41.41 22.97 -48.04
N3A FAD J . 40.36 22.18 -47.72
C4A FAD J . 39.99 21.34 -48.75
N1 FAD J . 29.66 7.33 -45.70
C2 FAD J . 29.47 6.51 -44.68
O2 FAD J . 30.37 5.87 -44.22
N3 FAD J . 28.18 6.35 -44.09
C4 FAD J . 27.07 7.04 -44.56
O4 FAD J . 26.00 6.87 -44.02
C4X FAD J . 27.27 7.93 -45.69
N5 FAD J . 26.22 8.63 -46.20
C5X FAD J . 26.47 9.48 -47.27
C6 FAD J . 25.37 10.21 -47.81
C7 FAD J . 25.54 11.08 -48.87
C7M FAD J . 24.35 11.85 -49.41
C8 FAD J . 26.87 11.27 -49.47
C8M FAD J . 27.12 12.21 -50.62
C9 FAD J . 27.96 10.55 -48.95
C9A FAD J . 27.79 9.66 -47.86
N10 FAD J . 28.86 8.89 -47.28
C10 FAD J . 28.63 8.04 -46.24
C1' FAD J . 30.25 9.03 -47.81
C2' FAD J . 31.09 9.85 -46.73
O2' FAD J . 30.44 11.14 -46.59
C3' FAD J . 32.54 10.02 -47.18
O3' FAD J . 33.13 8.73 -47.31
C4' FAD J . 33.38 10.81 -46.14
O4' FAD J . 32.85 12.16 -45.92
C5' FAD J . 34.81 10.88 -46.69
O5' FAD J . 35.74 11.68 -45.68
P FAD J . 36.92 12.46 -46.23
O1P FAD J . 37.57 13.03 -44.95
O2P FAD J . 37.77 11.70 -47.03
O3P FAD J . 36.41 13.54 -47.13
#